data_8K4Y
# 
_entry.id   8K4Y 
# 
_audit_conform.dict_name       mmcif_pdbx.dic 
_audit_conform.dict_version    5.379 
_audit_conform.dict_location   http://mmcif.pdb.org/dictionaries/ascii/mmcif_pdbx.dic 
# 
loop_
_database_2.database_id 
_database_2.database_code 
_database_2.pdbx_database_accession 
_database_2.pdbx_DOI 
PDB   8K4Y         pdb_00008k4y 10.2210/pdb8k4y/pdb 
WWPDB D_1300039389 ?            ?                   
# 
_pdbx_database_status.status_code                     REL 
_pdbx_database_status.status_code_sf                  REL 
_pdbx_database_status.status_code_mr                  ? 
_pdbx_database_status.entry_id                        8K4Y 
_pdbx_database_status.recvd_initial_deposition_date   2023-07-20 
_pdbx_database_status.SG_entry                        N 
_pdbx_database_status.deposit_site                    PDBJ 
_pdbx_database_status.process_site                    PDBJ 
_pdbx_database_status.status_code_cs                  ? 
_pdbx_database_status.status_code_nmr_data            ? 
_pdbx_database_status.methods_development_category    ? 
_pdbx_database_status.pdb_format_compatible           Y 
# 
loop_
_audit_author.name 
_audit_author.pdbx_ordinal 
_audit_author.identifier_ORCID 
'Chu, Y.'  1 ? 
'Zhai, Y.' 2 ? 
'Fan, X.'  3 ? 
'Li, J.'   4 ? 
'Wang, L.' 5 ? 
'Fu, S.'   6 ? 
'Feng, P.' 7 ? 
'Qian, S.' 8 ? 
# 
_citation.abstract                  ? 
_citation.abstract_id_CAS           ? 
_citation.book_id_ISBN              ? 
_citation.book_publisher            ? 
_citation.book_publisher_city       ? 
_citation.book_title                ? 
_citation.coordinate_linkage        ? 
_citation.country                   ? 
_citation.database_id_Medline       ? 
_citation.details                   ? 
_citation.id                        primary 
_citation.journal_abbrev            'To Be Published' 
_citation.journal_id_ASTM           ? 
_citation.journal_id_CSD            0353 
_citation.journal_id_ISSN           ? 
_citation.journal_full              ? 
_citation.journal_issue             ? 
_citation.journal_volume            ? 
_citation.language                  ? 
_citation.page_first                ? 
_citation.page_last                 ? 
_citation.title                     'Structure of a triple-helix region of human ReCol 3 from Trautec.' 
_citation.year                      ? 
_citation.database_id_CSD           ? 
_citation.pdbx_database_id_DOI      ? 
_citation.pdbx_database_id_PubMed   ? 
_citation.pdbx_database_id_patent   ? 
_citation.unpublished_flag          ? 
# 
loop_
_citation_author.citation_id 
_citation_author.name 
_citation_author.ordinal 
_citation_author.identifier_ORCID 
primary 'Chu, Y.'  1 ? 
primary 'Zhai, Y.' 2 ? 
primary 'Fan, X.'  3 ? 
primary 'Li, J.'   4 ? 
primary 'Wang, L.' 5 ? 
primary 'Fu, S.'   6 ? 
primary 'Feng, P.' 7 ? 
primary 'Qian, S.' 8 ? 
# 
_cell.angle_alpha                  90.000 
_cell.angle_alpha_esd              ? 
_cell.angle_beta                   90.636 
_cell.angle_beta_esd               ? 
_cell.angle_gamma                  90.000 
_cell.angle_gamma_esd              ? 
_cell.entry_id                     8K4Y 
_cell.details                      ? 
_cell.formula_units_Z              ? 
_cell.length_a                     17.867 
_cell.length_a_esd                 ? 
_cell.length_b                     21.225 
_cell.length_b_esd                 ? 
_cell.length_c                     89.138 
_cell.length_c_esd                 ? 
_cell.volume                       ? 
_cell.volume_esd                   ? 
_cell.Z_PDB                        6 
_cell.reciprocal_angle_alpha       ? 
_cell.reciprocal_angle_beta        ? 
_cell.reciprocal_angle_gamma       ? 
_cell.reciprocal_angle_alpha_esd   ? 
_cell.reciprocal_angle_beta_esd    ? 
_cell.reciprocal_angle_gamma_esd   ? 
_cell.reciprocal_length_a          ? 
_cell.reciprocal_length_b          ? 
_cell.reciprocal_length_c          ? 
_cell.reciprocal_length_a_esd      ? 
_cell.reciprocal_length_b_esd      ? 
_cell.reciprocal_length_c_esd      ? 
_cell.pdbx_unique_axis             ? 
_cell.pdbx_esd_method              ? 
# 
_symmetry.entry_id                         8K4Y 
_symmetry.cell_setting                     ? 
_symmetry.Int_Tables_number                4 
_symmetry.space_group_name_Hall            ? 
_symmetry.space_group_name_H-M             'P 1 21 1' 
_symmetry.pdbx_full_space_group_name_H-M   ? 
# 
loop_
_entity.id 
_entity.type 
_entity.src_method 
_entity.pdbx_description 
_entity.formula_weight 
_entity.pdbx_number_of_molecules 
_entity.pdbx_ec 
_entity.pdbx_mutation 
_entity.pdbx_fragment 
_entity.details 
1 polymer     syn 'triple-helix region of human ReCol 3' 2865.011 3   ? ? ? ? 
2 non-polymer syn 'SULFATE ION'                          96.063   1   ? ? ? ? 
3 water       nat water                                  18.015   107 ? ? ? ? 
# 
_entity_poly.entity_id                      1 
_entity_poly.type                           'polypeptide(L)' 
_entity_poly.nstd_linkage                   no 
_entity_poly.nstd_monomer                   yes 
_entity_poly.pdbx_seq_one_letter_code       'P(HYP)GP(HYP)GP(HYP)GPRGDKGETGERGP(HYP)GP(HYP)GP(HYP)G' 
_entity_poly.pdbx_seq_one_letter_code_can   PPGPPGPPGPRGDKGETGERGPPGPPGPPG 
_entity_poly.pdbx_strand_id                 A,B,C 
_entity_poly.pdbx_target_identifier         ? 
# 
loop_
_entity_poly_seq.entity_id 
_entity_poly_seq.num 
_entity_poly_seq.mon_id 
_entity_poly_seq.hetero 
1 1  PRO n 
1 2  HYP n 
1 3  GLY n 
1 4  PRO n 
1 5  HYP n 
1 6  GLY n 
1 7  PRO n 
1 8  HYP n 
1 9  GLY n 
1 10 PRO n 
1 11 ARG n 
1 12 GLY n 
1 13 ASP n 
1 14 LYS n 
1 15 GLY n 
1 16 GLU n 
1 17 THR n 
1 18 GLY n 
1 19 GLU n 
1 20 ARG n 
1 21 GLY n 
1 22 PRO n 
1 23 HYP n 
1 24 GLY n 
1 25 PRO n 
1 26 HYP n 
1 27 GLY n 
1 28 PRO n 
1 29 HYP n 
1 30 GLY n 
# 
_pdbx_entity_src_syn.entity_id              1 
_pdbx_entity_src_syn.pdbx_src_id            1 
_pdbx_entity_src_syn.pdbx_alt_source_flag   sample 
_pdbx_entity_src_syn.pdbx_beg_seq_num       1 
_pdbx_entity_src_syn.pdbx_end_seq_num       30 
_pdbx_entity_src_syn.organism_scientific    'Homo sapiens' 
_pdbx_entity_src_syn.organism_common_name   ? 
_pdbx_entity_src_syn.ncbi_taxonomy_id       9606 
_pdbx_entity_src_syn.details                ? 
# 
_struct_ref.id                         1 
_struct_ref.db_name                    PDB 
_struct_ref.db_code                    8K4Y 
_struct_ref.pdbx_db_accession          8K4Y 
_struct_ref.pdbx_db_isoform            ? 
_struct_ref.entity_id                  1 
_struct_ref.pdbx_seq_one_letter_code   ? 
_struct_ref.pdbx_align_begin           1 
# 
loop_
_struct_ref_seq.align_id 
_struct_ref_seq.ref_id 
_struct_ref_seq.pdbx_PDB_id_code 
_struct_ref_seq.pdbx_strand_id 
_struct_ref_seq.seq_align_beg 
_struct_ref_seq.pdbx_seq_align_beg_ins_code 
_struct_ref_seq.seq_align_end 
_struct_ref_seq.pdbx_seq_align_end_ins_code 
_struct_ref_seq.pdbx_db_accession 
_struct_ref_seq.db_align_beg 
_struct_ref_seq.pdbx_db_align_beg_ins_code 
_struct_ref_seq.db_align_end 
_struct_ref_seq.pdbx_db_align_end_ins_code 
_struct_ref_seq.pdbx_auth_seq_align_beg 
_struct_ref_seq.pdbx_auth_seq_align_end 
1 1 8K4Y A 1 ? 30 ? 8K4Y 1 ? 30 ? 1 30 
2 1 8K4Y B 1 ? 30 ? 8K4Y 1 ? 30 ? 1 30 
3 1 8K4Y C 1 ? 30 ? 8K4Y 1 ? 30 ? 1 30 
# 
loop_
_chem_comp.id 
_chem_comp.type 
_chem_comp.mon_nstd_flag 
_chem_comp.name 
_chem_comp.pdbx_synonyms 
_chem_comp.formula 
_chem_comp.formula_weight 
ARG 'L-peptide linking' y ARGININE         ?              'C6 H15 N4 O2 1' 175.209 
ASP 'L-peptide linking' y 'ASPARTIC ACID'  ?              'C4 H7 N O4'     133.103 
GLU 'L-peptide linking' y 'GLUTAMIC ACID'  ?              'C5 H9 N O4'     147.129 
GLY 'peptide linking'   y GLYCINE          ?              'C2 H5 N O2'     75.067  
HOH non-polymer         . WATER            ?              'H2 O'           18.015  
HYP 'L-peptide linking' n 4-HYDROXYPROLINE HYDROXYPROLINE 'C5 H9 N O3'     131.130 
LYS 'L-peptide linking' y LYSINE           ?              'C6 H15 N2 O2 1' 147.195 
PRO 'L-peptide linking' y PROLINE          ?              'C5 H9 N O2'     115.130 
SO4 non-polymer         . 'SULFATE ION'    ?              'O4 S -2'        96.063  
THR 'L-peptide linking' y THREONINE        ?              'C4 H9 N O3'     119.119 
# 
_exptl.absorpt_coefficient_mu     ? 
_exptl.absorpt_correction_T_max   ? 
_exptl.absorpt_correction_T_min   ? 
_exptl.absorpt_correction_type    ? 
_exptl.absorpt_process_details    ? 
_exptl.entry_id                   8K4Y 
_exptl.crystals_number            1 
_exptl.details                    ? 
_exptl.method                     'X-RAY DIFFRACTION' 
_exptl.method_details             ? 
# 
_exptl_crystal.colour                       ? 
_exptl_crystal.density_diffrn               ? 
_exptl_crystal.density_Matthews             1.97 
_exptl_crystal.density_method               ? 
_exptl_crystal.density_percent_sol          37.45 
_exptl_crystal.description                  ? 
_exptl_crystal.F_000                        ? 
_exptl_crystal.id                           1 
_exptl_crystal.preparation                  ? 
_exptl_crystal.size_max                     ? 
_exptl_crystal.size_mid                     ? 
_exptl_crystal.size_min                     ? 
_exptl_crystal.size_rad                     ? 
_exptl_crystal.colour_lustre                ? 
_exptl_crystal.colour_modifier              ? 
_exptl_crystal.colour_primary               ? 
_exptl_crystal.density_meas                 ? 
_exptl_crystal.density_meas_esd             ? 
_exptl_crystal.density_meas_gt              ? 
_exptl_crystal.density_meas_lt              ? 
_exptl_crystal.density_meas_temp            ? 
_exptl_crystal.density_meas_temp_esd        ? 
_exptl_crystal.density_meas_temp_gt         ? 
_exptl_crystal.density_meas_temp_lt         ? 
_exptl_crystal.pdbx_crystal_image_url       ? 
_exptl_crystal.pdbx_crystal_image_format    ? 
_exptl_crystal.pdbx_mosaicity               ? 
_exptl_crystal.pdbx_mosaicity_esd           ? 
_exptl_crystal.pdbx_mosaic_method           ? 
_exptl_crystal.pdbx_mosaic_block_size       ? 
_exptl_crystal.pdbx_mosaic_block_size_esd   ? 
# 
_exptl_crystal_grow.apparatus       ? 
_exptl_crystal_grow.atmosphere      ? 
_exptl_crystal_grow.crystal_id      1 
_exptl_crystal_grow.details         ? 
_exptl_crystal_grow.method          'VAPOR DIFFUSION, SITTING DROP' 
_exptl_crystal_grow.method_ref      ? 
_exptl_crystal_grow.pH              ? 
_exptl_crystal_grow.pressure        ? 
_exptl_crystal_grow.pressure_esd    ? 
_exptl_crystal_grow.seeding         ? 
_exptl_crystal_grow.seeding_ref     ? 
_exptl_crystal_grow.temp_details    ? 
_exptl_crystal_grow.temp_esd        ? 
_exptl_crystal_grow.time            ? 
_exptl_crystal_grow.pdbx_details    '0.2M Li2SO4, 0.1M Bis-Tris pH6.5, 25% PEG3,350' 
_exptl_crystal_grow.pdbx_pH_range   ? 
_exptl_crystal_grow.temp            293 
# 
_diffrn.ambient_environment              ? 
_diffrn.ambient_temp                     100 
_diffrn.ambient_temp_details             ? 
_diffrn.ambient_temp_esd                 ? 
_diffrn.crystal_id                       1 
_diffrn.crystal_support                  ? 
_diffrn.crystal_treatment                ? 
_diffrn.details                          ? 
_diffrn.id                               1 
_diffrn.ambient_pressure                 ? 
_diffrn.ambient_pressure_esd             ? 
_diffrn.ambient_pressure_gt              ? 
_diffrn.ambient_pressure_lt              ? 
_diffrn.ambient_temp_gt                  ? 
_diffrn.ambient_temp_lt                  ? 
_diffrn.pdbx_serial_crystal_experiment   N 
# 
_diffrn_detector.details                      ? 
_diffrn_detector.detector                     PIXEL 
_diffrn_detector.diffrn_id                    1 
_diffrn_detector.type                         'DECTRIS PILATUS3 6M' 
_diffrn_detector.area_resol_mean              ? 
_diffrn_detector.dtime                        ? 
_diffrn_detector.pdbx_frames_total            ? 
_diffrn_detector.pdbx_collection_time_total   ? 
_diffrn_detector.pdbx_collection_date         2023-06-26 
_diffrn_detector.pdbx_frequency               ? 
_diffrn_detector.id                           ? 
_diffrn_detector.number_of_axes               ? 
# 
_diffrn_radiation.collimation                      ? 
_diffrn_radiation.diffrn_id                        1 
_diffrn_radiation.filter_edge                      ? 
_diffrn_radiation.inhomogeneity                    ? 
_diffrn_radiation.monochromator                    ? 
_diffrn_radiation.polarisn_norm                    ? 
_diffrn_radiation.polarisn_ratio                   ? 
_diffrn_radiation.probe                            ? 
_diffrn_radiation.type                             ? 
_diffrn_radiation.xray_symbol                      ? 
_diffrn_radiation.wavelength_id                    1 
_diffrn_radiation.pdbx_monochromatic_or_laue_m_l   M 
_diffrn_radiation.pdbx_wavelength_list             ? 
_diffrn_radiation.pdbx_wavelength                  ? 
_diffrn_radiation.pdbx_diffrn_protocol             'SINGLE WAVELENGTH' 
_diffrn_radiation.pdbx_analyzer                    ? 
_diffrn_radiation.pdbx_scattering_type             x-ray 
# 
_diffrn_radiation_wavelength.id           1 
_diffrn_radiation_wavelength.wavelength   0.97853 
_diffrn_radiation_wavelength.wt           1.0 
# 
_diffrn_source.current                     ? 
_diffrn_source.details                     ? 
_diffrn_source.diffrn_id                   1 
_diffrn_source.power                       ? 
_diffrn_source.size                        ? 
_diffrn_source.source                      SYNCHROTRON 
_diffrn_source.target                      ? 
_diffrn_source.type                        'SSRF BEAMLINE BL18U1' 
_diffrn_source.voltage                     ? 
_diffrn_source.take-off_angle              ? 
_diffrn_source.pdbx_wavelength_list        0.97853 
_diffrn_source.pdbx_wavelength             ? 
_diffrn_source.pdbx_synchrotron_beamline   BL18U1 
_diffrn_source.pdbx_synchrotron_site       SSRF 
# 
_reflns.B_iso_Wilson_estimate                          ? 
_reflns.entry_id                                       8K4Y 
_reflns.data_reduction_details                         ? 
_reflns.data_reduction_method                          ? 
_reflns.d_resolution_high                              1.50 
_reflns.d_resolution_low                               89.13 
_reflns.details                                        ? 
_reflns.limit_h_max                                    ? 
_reflns.limit_h_min                                    ? 
_reflns.limit_k_max                                    ? 
_reflns.limit_k_min                                    ? 
_reflns.limit_l_max                                    ? 
_reflns.limit_l_min                                    ? 
_reflns.number_all                                     ? 
_reflns.number_obs                                     10965 
_reflns.observed_criterion                             ? 
_reflns.observed_criterion_F_max                       ? 
_reflns.observed_criterion_F_min                       ? 
_reflns.observed_criterion_I_max                       ? 
_reflns.observed_criterion_I_min                       ? 
_reflns.observed_criterion_sigma_F                     ? 
_reflns.observed_criterion_sigma_I                     ? 
_reflns.percent_possible_obs                           99.4 
_reflns.R_free_details                                 ? 
_reflns.Rmerge_F_all                                   ? 
_reflns.Rmerge_F_obs                                   ? 
_reflns.Friedel_coverage                               ? 
_reflns.number_gt                                      ? 
_reflns.threshold_expression                           ? 
_reflns.pdbx_redundancy                                3.7 
_reflns.pdbx_netI_over_av_sigmaI                       ? 
_reflns.pdbx_netI_over_sigmaI                          6.7 
_reflns.pdbx_res_netI_over_av_sigmaI_2                 ? 
_reflns.pdbx_res_netI_over_sigmaI_2                    ? 
_reflns.pdbx_chi_squared                               ? 
_reflns.pdbx_scaling_rejects                           ? 
_reflns.pdbx_d_res_high_opt                            ? 
_reflns.pdbx_d_res_low_opt                             ? 
_reflns.pdbx_d_res_opt_method                          ? 
_reflns.phase_calculation_details                      ? 
_reflns.pdbx_Rrim_I_all                                ? 
_reflns.pdbx_Rpim_I_all                                ? 
_reflns.pdbx_d_opt                                     ? 
_reflns.pdbx_number_measured_all                       ? 
_reflns.pdbx_diffrn_id                                 1 
_reflns.pdbx_ordinal                                   1 
_reflns.pdbx_CC_half                                   0.994 
_reflns.pdbx_CC_star                                   ? 
_reflns.pdbx_R_split                                   ? 
_reflns.pdbx_Rmerge_I_obs                              ? 
_reflns.pdbx_Rmerge_I_all                              ? 
_reflns.pdbx_Rsym_value                                ? 
_reflns.pdbx_CC_split_method                           ? 
_reflns.pdbx_aniso_diffraction_limit_axis_1_ortho[1]   ? 
_reflns.pdbx_aniso_diffraction_limit_axis_1_ortho[2]   ? 
_reflns.pdbx_aniso_diffraction_limit_axis_1_ortho[3]   ? 
_reflns.pdbx_aniso_diffraction_limit_axis_2_ortho[1]   ? 
_reflns.pdbx_aniso_diffraction_limit_axis_2_ortho[2]   ? 
_reflns.pdbx_aniso_diffraction_limit_axis_2_ortho[3]   ? 
_reflns.pdbx_aniso_diffraction_limit_axis_3_ortho[1]   ? 
_reflns.pdbx_aniso_diffraction_limit_axis_3_ortho[2]   ? 
_reflns.pdbx_aniso_diffraction_limit_axis_3_ortho[3]   ? 
_reflns.pdbx_aniso_diffraction_limit_1                 ? 
_reflns.pdbx_aniso_diffraction_limit_2                 ? 
_reflns.pdbx_aniso_diffraction_limit_3                 ? 
_reflns.pdbx_aniso_B_tensor_eigenvector_1_ortho[1]     ? 
_reflns.pdbx_aniso_B_tensor_eigenvector_1_ortho[2]     ? 
_reflns.pdbx_aniso_B_tensor_eigenvector_1_ortho[3]     ? 
_reflns.pdbx_aniso_B_tensor_eigenvector_2_ortho[1]     ? 
_reflns.pdbx_aniso_B_tensor_eigenvector_2_ortho[2]     ? 
_reflns.pdbx_aniso_B_tensor_eigenvector_2_ortho[3]     ? 
_reflns.pdbx_aniso_B_tensor_eigenvector_3_ortho[1]     ? 
_reflns.pdbx_aniso_B_tensor_eigenvector_3_ortho[2]     ? 
_reflns.pdbx_aniso_B_tensor_eigenvector_3_ortho[3]     ? 
_reflns.pdbx_aniso_B_tensor_eigenvalue_1               ? 
_reflns.pdbx_aniso_B_tensor_eigenvalue_2               ? 
_reflns.pdbx_aniso_B_tensor_eigenvalue_3               ? 
_reflns.pdbx_orthogonalization_convention              ? 
_reflns.pdbx_percent_possible_ellipsoidal              ? 
_reflns.pdbx_percent_possible_spherical                ? 
_reflns.pdbx_percent_possible_ellipsoidal_anomalous    ? 
_reflns.pdbx_percent_possible_spherical_anomalous      ? 
_reflns.pdbx_redundancy_anomalous                      ? 
_reflns.pdbx_CC_half_anomalous                         ? 
_reflns.pdbx_absDiff_over_sigma_anomalous              ? 
_reflns.pdbx_percent_possible_anomalous                ? 
_reflns.pdbx_observed_signal_threshold                 ? 
_reflns.pdbx_signal_type                               ? 
_reflns.pdbx_signal_details                            ? 
_reflns.pdbx_signal_software_id                        ? 
# 
_reflns_shell.d_res_high                                    1.50 
_reflns_shell.d_res_low                                     1.53 
_reflns_shell.meanI_over_sigI_all                           ? 
_reflns_shell.meanI_over_sigI_obs                           ? 
_reflns_shell.number_measured_all                           ? 
_reflns_shell.number_measured_obs                           ? 
_reflns_shell.number_possible                               ? 
_reflns_shell.number_unique_all                             ? 
_reflns_shell.number_unique_obs                             539 
_reflns_shell.percent_possible_obs                          ? 
_reflns_shell.Rmerge_F_all                                  ? 
_reflns_shell.Rmerge_F_obs                                  ? 
_reflns_shell.meanI_over_sigI_gt                            ? 
_reflns_shell.meanI_over_uI_all                             ? 
_reflns_shell.meanI_over_uI_gt                              ? 
_reflns_shell.number_measured_gt                            ? 
_reflns_shell.number_unique_gt                              ? 
_reflns_shell.percent_possible_gt                           ? 
_reflns_shell.Rmerge_F_gt                                   ? 
_reflns_shell.Rmerge_I_gt                                   ? 
_reflns_shell.pdbx_redundancy                               ? 
_reflns_shell.pdbx_chi_squared                              ? 
_reflns_shell.pdbx_netI_over_sigmaI_all                     ? 
_reflns_shell.pdbx_netI_over_sigmaI_obs                     ? 
_reflns_shell.pdbx_Rrim_I_all                               ? 
_reflns_shell.pdbx_Rpim_I_all                               ? 
_reflns_shell.pdbx_rejects                                  ? 
_reflns_shell.pdbx_ordinal                                  1 
_reflns_shell.pdbx_diffrn_id                                1 
_reflns_shell.pdbx_CC_half                                  0.882 
_reflns_shell.pdbx_CC_star                                  ? 
_reflns_shell.pdbx_R_split                                  ? 
_reflns_shell.percent_possible_all                          ? 
_reflns_shell.Rmerge_I_all                                  ? 
_reflns_shell.Rmerge_I_obs                                  ? 
_reflns_shell.pdbx_Rsym_value                               ? 
_reflns_shell.pdbx_percent_possible_ellipsoidal             ? 
_reflns_shell.pdbx_percent_possible_spherical               ? 
_reflns_shell.pdbx_percent_possible_ellipsoidal_anomalous   ? 
_reflns_shell.pdbx_percent_possible_spherical_anomalous     ? 
_reflns_shell.pdbx_redundancy_anomalous                     ? 
_reflns_shell.pdbx_CC_half_anomalous                        ? 
_reflns_shell.pdbx_absDiff_over_sigma_anomalous             ? 
_reflns_shell.pdbx_percent_possible_anomalous               ? 
# 
_refine.aniso_B[1][1]                            -0.257 
_refine.aniso_B[1][2]                            -0.000 
_refine.aniso_B[1][3]                            -0.267 
_refine.aniso_B[2][2]                            -2.688 
_refine.aniso_B[2][3]                            0.000 
_refine.aniso_B[3][3]                            2.950 
_refine.B_iso_max                                ? 
_refine.B_iso_mean                               20.281 
_refine.B_iso_min                                ? 
_refine.correlation_coeff_Fo_to_Fc               0.958 
_refine.correlation_coeff_Fo_to_Fc_free          0.946 
_refine.details                                  'Hydrogens have been added in their riding positions' 
_refine.diff_density_max                         ? 
_refine.diff_density_max_esd                     ? 
_refine.diff_density_min                         ? 
_refine.diff_density_min_esd                     ? 
_refine.diff_density_rms                         ? 
_refine.diff_density_rms_esd                     ? 
_refine.entry_id                                 8K4Y 
_refine.pdbx_refine_id                           'X-RAY DIFFRACTION' 
_refine.ls_abs_structure_details                 ? 
_refine.ls_abs_structure_Flack                   ? 
_refine.ls_abs_structure_Flack_esd               ? 
_refine.ls_abs_structure_Rogers                  ? 
_refine.ls_abs_structure_Rogers_esd              ? 
_refine.ls_d_res_high                            1.500 
_refine.ls_d_res_low                             44.606 
_refine.ls_extinction_coef                       ? 
_refine.ls_extinction_coef_esd                   ? 
_refine.ls_extinction_expression                 ? 
_refine.ls_extinction_method                     ? 
_refine.ls_goodness_of_fit_all                   ? 
_refine.ls_goodness_of_fit_all_esd               ? 
_refine.ls_goodness_of_fit_obs                   ? 
_refine.ls_goodness_of_fit_obs_esd               ? 
_refine.ls_hydrogen_treatment                    ? 
_refine.ls_matrix_type                           ? 
_refine.ls_number_constraints                    ? 
_refine.ls_number_parameters                     ? 
_refine.ls_number_reflns_all                     ? 
_refine.ls_number_reflns_obs                     10955 
_refine.ls_number_reflns_R_free                  531 
_refine.ls_number_reflns_R_work                  10424 
_refine.ls_number_restraints                     ? 
_refine.ls_percent_reflns_obs                    99.221 
_refine.ls_percent_reflns_R_free                 4.847 
_refine.ls_R_factor_all                          0.193 
_refine.ls_R_factor_obs                          ? 
_refine.ls_R_factor_R_free                       0.2320 
_refine.ls_R_factor_R_free_error                 ? 
_refine.ls_R_factor_R_free_error_details         ? 
_refine.ls_R_factor_R_work                       0.1907 
_refine.ls_R_Fsqd_factor_obs                     ? 
_refine.ls_R_I_factor_obs                        ? 
_refine.ls_redundancy_reflns_all                 ? 
_refine.ls_redundancy_reflns_obs                 ? 
_refine.ls_restrained_S_all                      ? 
_refine.ls_restrained_S_obs                      ? 
_refine.ls_shift_over_esd_max                    ? 
_refine.ls_shift_over_esd_mean                   ? 
_refine.ls_structure_factor_coef                 ? 
_refine.ls_weighting_details                     ? 
_refine.ls_weighting_scheme                      ? 
_refine.ls_wR_factor_all                         ? 
_refine.ls_wR_factor_obs                         ? 
_refine.ls_wR_factor_R_free                      ? 
_refine.ls_wR_factor_R_work                      ? 
_refine.occupancy_max                            ? 
_refine.occupancy_min                            ? 
_refine.solvent_model_details                    'MASK BULK SOLVENT' 
_refine.solvent_model_param_bsol                 ? 
_refine.solvent_model_param_ksol                 ? 
_refine.pdbx_R_complete                          ? 
_refine.ls_R_factor_gt                           ? 
_refine.ls_goodness_of_fit_gt                    ? 
_refine.ls_goodness_of_fit_ref                   ? 
_refine.ls_shift_over_su_max                     ? 
_refine.ls_shift_over_su_max_lt                  ? 
_refine.ls_shift_over_su_mean                    ? 
_refine.ls_shift_over_su_mean_lt                 ? 
_refine.pdbx_ls_sigma_I                          ? 
_refine.pdbx_ls_sigma_F                          ? 
_refine.pdbx_ls_sigma_Fsqd                       ? 
_refine.pdbx_data_cutoff_high_absF               ? 
_refine.pdbx_data_cutoff_high_rms_absF           ? 
_refine.pdbx_data_cutoff_low_absF                ? 
_refine.pdbx_isotropic_thermal_model             ? 
_refine.pdbx_ls_cross_valid_method               'FREE R-VALUE' 
_refine.pdbx_method_to_determine_struct          'MOLECULAR REPLACEMENT' 
_refine.pdbx_starting_model                      ? 
_refine.pdbx_stereochemistry_target_values       ? 
_refine.pdbx_R_Free_selection_details            ? 
_refine.pdbx_stereochem_target_val_spec_case     ? 
_refine.pdbx_overall_ESU_R                       0.118 
_refine.pdbx_overall_ESU_R_Free                  0.091 
_refine.pdbx_solvent_vdw_probe_radii             1.100 
_refine.pdbx_solvent_ion_probe_radii             0.700 
_refine.pdbx_solvent_shrinkage_radii             0.700 
_refine.pdbx_real_space_R                        ? 
_refine.pdbx_density_correlation                 ? 
_refine.pdbx_pd_number_of_powder_patterns        ? 
_refine.pdbx_pd_number_of_points                 ? 
_refine.pdbx_pd_meas_number_of_points            ? 
_refine.pdbx_pd_proc_ls_prof_R_factor            ? 
_refine.pdbx_pd_proc_ls_prof_wR_factor           ? 
_refine.pdbx_pd_Marquardt_correlation_coeff      ? 
_refine.pdbx_pd_Fsqrd_R_factor                   ? 
_refine.pdbx_pd_ls_matrix_band_width             ? 
_refine.pdbx_overall_phase_error                 ? 
_refine.pdbx_overall_SU_R_free_Cruickshank_DPI   ? 
_refine.pdbx_overall_SU_R_free_Blow_DPI          ? 
_refine.pdbx_overall_SU_R_Blow_DPI               ? 
_refine.pdbx_TLS_residual_ADP_flag               ? 
_refine.pdbx_diffrn_id                           1 
_refine.overall_SU_B                             4.211 
_refine.overall_SU_ML                            0.073 
_refine.overall_SU_R_Cruickshank_DPI             ? 
_refine.overall_SU_R_free                        ? 
_refine.overall_FOM_free_R_set                   ? 
_refine.overall_FOM_work_R_set                   ? 
_refine.pdbx_average_fsc_overall                 ? 
_refine.pdbx_average_fsc_work                    ? 
_refine.pdbx_average_fsc_free                    ? 
# 
_refine_hist.pdbx_refine_id                   'X-RAY DIFFRACTION' 
_refine_hist.cycle_id                         LAST 
_refine_hist.pdbx_number_atoms_protein        551 
_refine_hist.pdbx_number_atoms_nucleic_acid   0 
_refine_hist.pdbx_number_atoms_ligand         5 
_refine_hist.number_atoms_solvent             107 
_refine_hist.number_atoms_total               663 
_refine_hist.d_res_high                       1.500 
_refine_hist.d_res_low                        44.606 
# 
loop_
_refine_ls_restr.pdbx_refine_id 
_refine_ls_restr.criterion 
_refine_ls_restr.dev_ideal 
_refine_ls_restr.dev_ideal_target 
_refine_ls_restr.number 
_refine_ls_restr.rejects 
_refine_ls_restr.type 
_refine_ls_restr.weight 
_refine_ls_restr.pdbx_restraint_function 
'X-RAY DIFFRACTION' ? 0.010  0.013  615  ? r_bond_refined_d               ? ? 
'X-RAY DIFFRACTION' ? 0.002  0.015  522  ? r_bond_other_d                 ? ? 
'X-RAY DIFFRACTION' ? 1.809  1.769  861  ? r_angle_refined_deg            ? ? 
'X-RAY DIFFRACTION' ? 1.335  1.598  1278 ? r_angle_other_deg              ? ? 
'X-RAY DIFFRACTION' ? 5.112  5.000  87   ? r_dihedral_angle_1_deg         ? ? 
'X-RAY DIFFRACTION' ? 25.229 18.800 25   ? r_dihedral_angle_2_deg         ? ? 
'X-RAY DIFFRACTION' ? 13.164 15.000 59   ? r_dihedral_angle_3_deg         ? ? 
'X-RAY DIFFRACTION' ? 12.461 15.000 7    ? r_dihedral_angle_4_deg         ? ? 
'X-RAY DIFFRACTION' ? 0.073  0.200  76   ? r_chiral_restr                 ? ? 
'X-RAY DIFFRACTION' ? 0.103  0.200  1    ? r_chiral_restr_other           ? ? 
'X-RAY DIFFRACTION' ? 0.008  0.020  700  ? r_gen_planes_refined           ? ? 
'X-RAY DIFFRACTION' ? 0.001  0.020  86   ? r_gen_planes_other             ? ? 
'X-RAY DIFFRACTION' ? 0.191  0.200  209  ? r_nbd_refined                  ? ? 
'X-RAY DIFFRACTION' ? 0.197  0.200  499  ? r_symmetry_nbd_other           ? ? 
'X-RAY DIFFRACTION' ? 0.161  0.200  337  ? r_nbtor_refined                ? ? 
'X-RAY DIFFRACTION' ? 0.085  0.200  209  ? r_symmetry_nbtor_other         ? ? 
'X-RAY DIFFRACTION' ? 0.182  0.200  55   ? r_xyhbond_nbd_refined          ? ? 
'X-RAY DIFFRACTION' ? 0.094  0.200  5    ? r_symmetry_nbd_refined         ? ? 
'X-RAY DIFFRACTION' ? 0.206  0.200  25   ? r_nbd_other                    ? ? 
'X-RAY DIFFRACTION' ? 0.208  0.200  16   ? r_symmetry_xyhbond_nbd_refined ? ? 
'X-RAY DIFFRACTION' ? 1.727  1.849  333  ? r_mcbond_it                    ? ? 
'X-RAY DIFFRACTION' ? 1.729  1.849  333  ? r_mcbond_other                 ? ? 
'X-RAY DIFFRACTION' ? 1.966  2.719  413  ? r_mcangle_it                   ? ? 
'X-RAY DIFFRACTION' ? 1.971  2.729  414  ? r_mcangle_other                ? ? 
'X-RAY DIFFRACTION' ? 2.006  2.189  282  ? r_scbond_it                    ? ? 
'X-RAY DIFFRACTION' ? 1.948  2.200  279  ? r_scbond_other                 ? ? 
'X-RAY DIFFRACTION' ? 2.398  3.293  444  ? r_scangle_it                   ? ? 
'X-RAY DIFFRACTION' ? 2.355  3.304  439  ? r_scangle_other                ? ? 
'X-RAY DIFFRACTION' ? 3.077  26.165 761  ? r_lrange_it                    ? ? 
'X-RAY DIFFRACTION' ? 2.980  25.716 743  ? r_lrange_other                 ? ? 
'X-RAY DIFFRACTION' ? 3.787  3.000  1136 ? r_rigid_bond_restr             ? ? 
'X-RAY DIFFRACTION' ? 0.109  0.050  457  ? r_ncsr_local_group_1           ? ? 
'X-RAY DIFFRACTION' ? 0.070  0.050  473  ? r_ncsr_local_group_2           ? ? 
'X-RAY DIFFRACTION' ? 0.128  0.050  448  ? r_ncsr_local_group_3           ? ? 
# 
loop_
_refine_ls_restr_ncs.pdbx_refine_id 
_refine_ls_restr_ncs.dom_id 
_refine_ls_restr_ncs.ncs_model_details 
_refine_ls_restr_ncs.rms_dev_B_iso 
_refine_ls_restr_ncs.rms_dev_position 
_refine_ls_restr_ncs.weight_B_iso 
_refine_ls_restr_ncs.weight_position 
_refine_ls_restr_ncs.pdbx_ordinal 
_refine_ls_restr_ncs.pdbx_type 
_refine_ls_restr_ncs.pdbx_asym_id 
_refine_ls_restr_ncs.pdbx_auth_asym_id 
_refine_ls_restr_ncs.pdbx_number 
_refine_ls_restr_ncs.pdbx_rms 
_refine_ls_restr_ncs.pdbx_weight 
_refine_ls_restr_ncs.pdbx_ens_id 
'X-RAY DIFFRACTION' 1 ? ? 0.10863 ? 0.05007 1 'Local ncs' ? A ? ? ? 1 
'X-RAY DIFFRACTION' 2 ? ? 0.10863 ? 0.05007 2 'Local ncs' ? B ? ? ? 1 
'X-RAY DIFFRACTION' 3 ? ? 0.06957 ? 0.05006 3 'Local ncs' ? A ? ? ? 2 
'X-RAY DIFFRACTION' 4 ? ? 0.06957 ? 0.05006 4 'Local ncs' ? C ? ? ? 2 
'X-RAY DIFFRACTION' 5 ? ? 0.12769 ? 0.05007 5 'Local ncs' ? B ? ? ? 3 
'X-RAY DIFFRACTION' 6 ? ? 0.12769 ? 0.05007 6 'Local ncs' ? C ? ? ? 3 
# 
loop_
_refine_ls_shell.pdbx_refine_id 
_refine_ls_shell.d_res_high 
_refine_ls_shell.d_res_low 
_refine_ls_shell.number_reflns_all 
_refine_ls_shell.number_reflns_obs 
_refine_ls_shell.number_reflns_R_free 
_refine_ls_shell.number_reflns_R_work 
_refine_ls_shell.percent_reflns_obs 
_refine_ls_shell.percent_reflns_R_free 
_refine_ls_shell.R_factor_all 
_refine_ls_shell.R_factor_obs 
_refine_ls_shell.R_factor_R_free_error 
_refine_ls_shell.R_factor_R_work 
_refine_ls_shell.redundancy_reflns_all 
_refine_ls_shell.redundancy_reflns_obs 
_refine_ls_shell.wR_factor_all 
_refine_ls_shell.wR_factor_obs 
_refine_ls_shell.wR_factor_R_free 
_refine_ls_shell.wR_factor_R_work 
_refine_ls_shell.pdbx_R_complete 
_refine_ls_shell.pdbx_total_number_of_bins_used 
_refine_ls_shell.pdbx_phase_error 
_refine_ls_shell.pdbx_fsc_work 
_refine_ls_shell.pdbx_fsc_free 
_refine_ls_shell.R_factor_R_free 
'X-RAY DIFFRACTION' 1.500 1.539  . . 32 785 99.6341 . . . . 0.216 . . . . . . . . . . . 0.275 
'X-RAY DIFFRACTION' 1.539 1.581  . . 37 704 99.7308 . . . . 0.182 . . . . . . . . . . . 0.200 
'X-RAY DIFFRACTION' 1.581 1.627  . . 31 788 99.7564 . . . . 0.161 . . . . . . . . . . . 0.226 
'X-RAY DIFFRACTION' 1.627 1.677  . . 27 662 99.5665 . . . . 0.148 . . . . . . . . . . . 0.173 
'X-RAY DIFFRACTION' 1.677 1.732  . . 41 699 99.3289 . . . . 0.163 . . . . . . . . . . . 0.229 
'X-RAY DIFFRACTION' 1.732 1.793  . . 28 663 98.4330 . . . . 0.178 . . . . . . . . . . . 0.214 
'X-RAY DIFFRACTION' 1.793 1.860  . . 27 641 99.7015 . . . . 0.190 . . . . . . . . . . . 0.253 
'X-RAY DIFFRACTION' 1.860 1.936  . . 51 581 99.5276 . . . . 0.188 . . . . . . . . . . . 0.174 
'X-RAY DIFFRACTION' 1.936 2.022  . . 29 588 99.1961 . . . . 0.172 . . . . . . . . . . . 0.270 
'X-RAY DIFFRACTION' 2.022 2.121  . . 41 557 99.3355 . . . . 0.157 . . . . . . . . . . . 0.228 
'X-RAY DIFFRACTION' 2.121 2.236  . . 20 560 99.6564 . . . . 0.159 . . . . . . . . . . . 0.165 
'X-RAY DIFFRACTION' 2.236 2.371  . . 32 485 99.6146 . . . . 0.155 . . . . . . . . . . . 0.188 
'X-RAY DIFFRACTION' 2.371 2.535  . . 22 507 99.0637 . . . . 0.224 . . . . . . . . . . . 0.164 
'X-RAY DIFFRACTION' 2.535 2.738  . . 21 436 98.4914 . . . . 0.209 . . . . . . . . . . . 0.184 
'X-RAY DIFFRACTION' 2.738 2.999  . . 19 424 97.7925 . . . . 0.219 . . . . . . . . . . . 0.284 
'X-RAY DIFFRACTION' 2.999 3.352  . . 22 347 98.4000 . . . . 0.201 . . . . . . . . . . . 0.273 
'X-RAY DIFFRACTION' 3.352 3.870  . . 17 344 98.9041 . . . . 0.166 . . . . . . . . . . . 0.211 
'X-RAY DIFFRACTION' 3.870 4.737  . . 11 295 98.7097 . . . . 0.179 . . . . . . . . . . . 0.280 
'X-RAY DIFFRACTION' 4.737 6.690  . . 15 226 99.1770 . . . . 0.270 . . . . . . . . . . . 0.289 
'X-RAY DIFFRACTION' 6.690 44.606 . . 8  132 97.2222 . . . . 0.369 . . . . . . . . . . . 0.509 
# 
loop_
_struct_ncs_dom.id 
_struct_ncs_dom.pdbx_ens_id 
_struct_ncs_dom.details 
1 1 A 
2 1 B 
3 2 A 
4 2 C 
5 3 B 
6 3 C 
# 
loop_
_struct_ncs_dom_lim.pdbx_ens_id 
_struct_ncs_dom_lim.dom_id 
_struct_ncs_dom_lim.pdbx_component_id 
_struct_ncs_dom_lim.beg_label_asym_id 
_struct_ncs_dom_lim.beg_label_comp_id 
_struct_ncs_dom_lim.beg_label_seq_id 
_struct_ncs_dom_lim.beg_label_alt_id 
_struct_ncs_dom_lim.end_label_asym_id 
_struct_ncs_dom_lim.end_label_comp_id 
_struct_ncs_dom_lim.end_label_seq_id 
_struct_ncs_dom_lim.end_label_alt_id 
_struct_ncs_dom_lim.beg_auth_asym_id 
_struct_ncs_dom_lim.beg_auth_comp_id 
_struct_ncs_dom_lim.beg_auth_seq_id 
_struct_ncs_dom_lim.end_auth_asym_id 
_struct_ncs_dom_lim.end_auth_comp_id 
_struct_ncs_dom_lim.end_auth_seq_id 
_struct_ncs_dom_lim.pdbx_refine_code 
_struct_ncs_dom_lim.selection_details 
1 1 1 A GLY 3 . A GLY 27 . A GLY 3 A GLY 27 ? ? 
1 2 2 B GLY 3 . B GLY 27 . B GLY 3 B GLY 27 ? ? 
2 3 1 A GLY 3 . A PRO 28 . A GLY 3 A PRO 28 ? ? 
2 4 2 C GLY 3 . C PRO 28 . C GLY 3 C PRO 28 ? ? 
3 5 1 B GLY 3 . B GLY 27 . B GLY 3 B GLY 27 ? ? 
3 6 2 C GLY 3 . C GLY 27 . C GLY 3 C GLY 27 ? ? 
# 
loop_
_struct_ncs_ens.id 
_struct_ncs_ens.details 
1 'Local NCS retraints between domains:       1       2' 
2 'Local NCS retraints between domains:       3       4' 
3 'Local NCS retraints between domains:       5       6' 
# 
_struct.entry_id                     8K4Y 
_struct.title                        'Structure of a triple-helix region of human ReCol 3 from Trautec' 
_struct.pdbx_model_details           ? 
_struct.pdbx_formula_weight          ? 
_struct.pdbx_formula_weight_method   ? 
_struct.pdbx_model_type_details      ? 
_struct.pdbx_CASP_flag               N 
# 
_struct_keywords.entry_id        8K4Y 
_struct_keywords.text            'Human collagen, Triple-helix region, Integrin recognition motif, STRUCTURAL PROTEIN' 
_struct_keywords.pdbx_keywords   'STRUCTURAL PROTEIN' 
# 
loop_
_struct_asym.id 
_struct_asym.pdbx_blank_PDB_chainid_flag 
_struct_asym.pdbx_modified 
_struct_asym.entity_id 
_struct_asym.details 
A N N 1 ? 
B N N 1 ? 
C N N 1 ? 
D N N 2 ? 
E N N 3 ? 
F N N 3 ? 
G N N 3 ? 
# 
loop_
_struct_conn.id 
_struct_conn.conn_type_id 
_struct_conn.pdbx_leaving_atom_flag 
_struct_conn.pdbx_PDB_id 
_struct_conn.ptnr1_label_asym_id 
_struct_conn.ptnr1_label_comp_id 
_struct_conn.ptnr1_label_seq_id 
_struct_conn.ptnr1_label_atom_id 
_struct_conn.pdbx_ptnr1_label_alt_id 
_struct_conn.pdbx_ptnr1_PDB_ins_code 
_struct_conn.pdbx_ptnr1_standard_comp_id 
_struct_conn.ptnr1_symmetry 
_struct_conn.ptnr2_label_asym_id 
_struct_conn.ptnr2_label_comp_id 
_struct_conn.ptnr2_label_seq_id 
_struct_conn.ptnr2_label_atom_id 
_struct_conn.pdbx_ptnr2_label_alt_id 
_struct_conn.pdbx_ptnr2_PDB_ins_code 
_struct_conn.ptnr1_auth_asym_id 
_struct_conn.ptnr1_auth_comp_id 
_struct_conn.ptnr1_auth_seq_id 
_struct_conn.ptnr2_auth_asym_id 
_struct_conn.ptnr2_auth_comp_id 
_struct_conn.ptnr2_auth_seq_id 
_struct_conn.ptnr2_symmetry 
_struct_conn.pdbx_ptnr3_label_atom_id 
_struct_conn.pdbx_ptnr3_label_seq_id 
_struct_conn.pdbx_ptnr3_label_comp_id 
_struct_conn.pdbx_ptnr3_label_asym_id 
_struct_conn.pdbx_ptnr3_label_alt_id 
_struct_conn.pdbx_ptnr3_PDB_ins_code 
_struct_conn.details 
_struct_conn.pdbx_dist_value 
_struct_conn.pdbx_value_order 
_struct_conn.pdbx_role 
covale1  covale both ? A PRO 4  C ? ? ? 1_555 A HYP 5  N ? ? A PRO 4  A HYP 5  1_555 ? ? ? ? ? ? ? 1.350 ? ? 
covale2  covale both ? A HYP 5  C ? ? ? 1_555 A GLY 6  N ? ? A HYP 5  A GLY 6  1_555 ? ? ? ? ? ? ? 1.329 ? ? 
covale3  covale both ? A PRO 7  C ? ? ? 1_555 A HYP 8  N ? ? A PRO 7  A HYP 8  1_555 ? ? ? ? ? ? ? 1.341 ? ? 
covale4  covale both ? A HYP 8  C ? ? ? 1_555 A GLY 9  N ? ? A HYP 8  A GLY 9  1_555 ? ? ? ? ? ? ? 1.329 ? ? 
covale5  covale both ? A PRO 22 C ? ? ? 1_555 A HYP 23 N ? ? A PRO 22 A HYP 23 1_555 ? ? ? ? ? ? ? 1.355 ? ? 
covale6  covale both ? A HYP 23 C ? ? ? 1_555 A GLY 24 N ? ? A HYP 23 A GLY 24 1_555 ? ? ? ? ? ? ? 1.319 ? ? 
covale7  covale both ? A PRO 25 C ? ? ? 1_555 A HYP 26 N ? ? A PRO 25 A HYP 26 1_555 ? ? ? ? ? ? ? 1.345 ? ? 
covale8  covale both ? A HYP 26 C ? ? ? 1_555 A GLY 27 N ? ? A HYP 26 A GLY 27 1_555 ? ? ? ? ? ? ? 1.334 ? ? 
covale9  covale both ? A PRO 28 C ? ? ? 1_555 A HYP 29 N ? ? A PRO 28 A HYP 29 1_555 ? ? ? ? ? ? ? 1.352 ? ? 
covale10 covale both ? A HYP 29 C ? ? ? 1_555 A GLY 30 N ? ? A HYP 29 A GLY 30 1_555 ? ? ? ? ? ? ? 1.349 ? ? 
covale11 covale both ? B HYP 2  C ? ? ? 1_555 B GLY 3  N ? ? B HYP 2  B GLY 3  1_555 ? ? ? ? ? ? ? 1.339 ? ? 
covale12 covale both ? B PRO 4  C ? ? ? 1_555 B HYP 5  N ? ? B PRO 4  B HYP 5  1_555 ? ? ? ? ? ? ? 1.347 ? ? 
covale13 covale both ? B HYP 5  C ? ? ? 1_555 B GLY 6  N ? ? B HYP 5  B GLY 6  1_555 ? ? ? ? ? ? ? 1.327 ? ? 
covale14 covale both ? B PRO 7  C ? ? ? 1_555 B HYP 8  N ? ? B PRO 7  B HYP 8  1_555 ? ? ? ? ? ? ? 1.343 ? ? 
covale15 covale both ? B HYP 8  C ? ? ? 1_555 B GLY 9  N ? ? B HYP 8  B GLY 9  1_555 ? ? ? ? ? ? ? 1.328 ? ? 
covale16 covale both ? B PRO 22 C ? ? ? 1_555 B HYP 23 N ? ? B PRO 22 B HYP 23 1_555 ? ? ? ? ? ? ? 1.354 ? ? 
covale17 covale both ? B HYP 23 C ? ? ? 1_555 B GLY 24 N ? ? B HYP 23 B GLY 24 1_555 ? ? ? ? ? ? ? 1.329 ? ? 
covale18 covale both ? B PRO 25 C ? ? ? 1_555 B HYP 26 N ? ? B PRO 25 B HYP 26 1_555 ? ? ? ? ? ? ? 1.355 ? ? 
covale19 covale both ? B HYP 26 C ? ? ? 1_555 B GLY 27 N ? ? B HYP 26 B GLY 27 1_555 ? ? ? ? ? ? ? 1.338 ? ? 
covale20 covale both ? C PRO 4  C ? ? ? 1_555 C HYP 5  N ? ? C PRO 4  C HYP 5  1_555 ? ? ? ? ? ? ? 1.354 ? ? 
covale21 covale both ? C HYP 5  C ? ? ? 1_555 C GLY 6  N ? ? C HYP 5  C GLY 6  1_555 ? ? ? ? ? ? ? 1.336 ? ? 
covale22 covale both ? C PRO 7  C ? ? ? 1_555 C HYP 8  N ? ? C PRO 7  C HYP 8  1_555 ? ? ? ? ? ? ? 1.346 ? ? 
covale23 covale both ? C HYP 8  C ? ? ? 1_555 C GLY 9  N ? ? C HYP 8  C GLY 9  1_555 ? ? ? ? ? ? ? 1.316 ? ? 
covale24 covale both ? C PRO 22 C ? ? ? 1_555 C HYP 23 N ? ? C PRO 22 C HYP 23 1_555 ? ? ? ? ? ? ? 1.350 ? ? 
covale25 covale both ? C HYP 23 C ? ? ? 1_555 C GLY 24 N ? ? C HYP 23 C GLY 24 1_555 ? ? ? ? ? ? ? 1.324 ? ? 
covale26 covale both ? C PRO 25 C ? ? ? 1_555 C HYP 26 N ? ? C PRO 25 C HYP 26 1_555 ? ? ? ? ? ? ? 1.345 ? ? 
covale27 covale both ? C HYP 26 C ? ? ? 1_555 C GLY 27 N ? ? C HYP 26 C GLY 27 1_555 ? ? ? ? ? ? ? 1.333 ? ? 
covale28 covale both ? C PRO 28 C ? ? ? 1_555 C HYP 29 N ? ? C PRO 28 C HYP 29 1_555 ? ? ? ? ? ? ? 1.354 ? ? 
# 
_struct_conn_type.id          covale 
_struct_conn_type.criteria    ? 
_struct_conn_type.reference   ? 
# 
_atom_sites.entry_id                    8K4Y 
_atom_sites.Cartn_transf_matrix[1][1]   ? 
_atom_sites.Cartn_transf_matrix[1][2]   ? 
_atom_sites.Cartn_transf_matrix[1][3]   ? 
_atom_sites.Cartn_transf_matrix[2][1]   ? 
_atom_sites.Cartn_transf_matrix[2][2]   ? 
_atom_sites.Cartn_transf_matrix[2][3]   ? 
_atom_sites.Cartn_transf_matrix[3][1]   ? 
_atom_sites.Cartn_transf_matrix[3][2]   ? 
_atom_sites.Cartn_transf_matrix[3][3]   ? 
_atom_sites.Cartn_transf_vector[1]      ? 
_atom_sites.Cartn_transf_vector[2]      ? 
_atom_sites.Cartn_transf_vector[3]      ? 
_atom_sites.fract_transf_matrix[1][1]   0.05507488 
_atom_sites.fract_transf_matrix[1][2]   0.00325800 
_atom_sites.fract_transf_matrix[1][3]   0.00943701 
_atom_sites.fract_transf_matrix[2][1]   0.00828219 
_atom_sites.fract_transf_matrix[2][2]   -0.00736961 
_atom_sites.fract_transf_matrix[2][3]   -0.04579108 
_atom_sites.fract_transf_matrix[3][1]   -0.00021632 
_atom_sites.fract_transf_matrix[3][2]   0.01106821 
_atom_sites.fract_transf_matrix[3][3]   -0.00182044 
_atom_sites.fract_transf_vector[1]      -0.239460 
_atom_sites.fract_transf_vector[2]      -0.128499 
_atom_sites.fract_transf_vector[3]      -0.473446 
_atom_sites.solution_primary            ? 
_atom_sites.solution_secondary          ? 
_atom_sites.solution_hydrogens          ? 
_atom_sites.special_details             ? 
# 
loop_
_atom_type.symbol 
_atom_type.pdbx_scat_Z 
_atom_type.pdbx_N_electrons 
_atom_type.scat_Cromer_Mann_a1 
_atom_type.scat_Cromer_Mann_b1 
_atom_type.scat_Cromer_Mann_a2 
_atom_type.scat_Cromer_Mann_b2 
_atom_type.scat_Cromer_Mann_a3 
_atom_type.scat_Cromer_Mann_b3 
_atom_type.scat_Cromer_Mann_a4 
_atom_type.scat_Cromer_Mann_b4 
_atom_type.scat_Cromer_Mann_c 
C 6  6  2.310  20.844 1.020 10.208 1.589 0.569  0.865 51.651 0.216   
H 1  1  0.493  10.511 0.323 26.126 0.140 3.142  0.041 57.800 0.003   
N 7  7  12.222 0.006  3.135 9.893  2.014 28.997 1.167 0.583  -11.538 
O 8  8  3.049  13.277 2.287 5.701  1.546 0.324  0.867 32.909 0.251   
S 16 16 6.905  1.468  5.203 22.215 1.438 0.254  1.586 56.172 1.049   
# 
loop_
_atom_site.group_PDB 
_atom_site.id 
_atom_site.type_symbol 
_atom_site.label_atom_id 
_atom_site.label_alt_id 
_atom_site.label_comp_id 
_atom_site.label_asym_id 
_atom_site.label_entity_id 
_atom_site.label_seq_id 
_atom_site.pdbx_PDB_ins_code 
_atom_site.Cartn_x 
_atom_site.Cartn_y 
_atom_site.Cartn_z 
_atom_site.occupancy 
_atom_site.B_iso_or_equiv 
_atom_site.pdbx_formal_charge 
_atom_site.auth_seq_id 
_atom_site.auth_comp_id 
_atom_site.auth_asym_id 
_atom_site.auth_atom_id 
_atom_site.pdbx_PDB_model_num 
_atom_site.calc_flag 
ATOM   1   N N   . GLY A 1 3  ? 2.470  -39.716 7.958   1.000 42.780 0 3   GLY A N   1 ? 
ATOM   2   C CA  . GLY A 1 3  ? 3.109  -39.484 6.628   1.000 45.102 0 3   GLY A CA  1 ? 
ATOM   3   C C   . GLY A 1 3  ? 3.951  -38.215 6.641   1.000 44.020 0 3   GLY A C   1 ? 
ATOM   4   O O   . GLY A 1 3  ? 4.049  -37.552 7.673   1.000 41.050 0 3   GLY A O   1 ? 
ATOM   5   N N   . PRO A 1 4  ? 4.561  -37.816 5.504   1.000 43.675 0 4   PRO A N   1 ? 
ATOM   6   C CA  . PRO A 1 4  ? 5.312  -36.567 5.448   1.000 41.749 0 4   PRO A CA  1 ? 
ATOM   7   C C   . PRO A 1 4  ? 4.364  -35.386 5.622   1.000 39.385 0 4   PRO A C   1 ? 
ATOM   8   O O   . PRO A 1 4  ? 3.176  -35.489 5.322   1.000 36.917 0 4   PRO A O   1 ? 
ATOM   9   C CB  . PRO A 1 4  ? 5.977  -36.559 4.067   1.000 44.092 0 4   PRO A CB  1 ? 
ATOM   10  C CG  . PRO A 1 4  ? 5.160  -37.534 3.245   1.000 42.894 0 4   PRO A CG  1 ? 
ATOM   11  C CD  . PRO A 1 4  ? 4.572  -38.534 4.223   1.000 43.976 0 4   PRO A CD  1 ? 
HETATM 12  N N   . HYP A 1 5  ? 4.853  -34.230 6.120   1.000 39.704 0 5   HYP A N   1 ? 
HETATM 13  C CA  . HYP A 1 5  ? 3.992  -33.065 6.284   1.000 36.340 0 5   HYP A CA  1 ? 
HETATM 14  C C   . HYP A 1 5  ? 3.526  -32.601 4.902   1.000 29.787 0 5   HYP A C   1 ? 
HETATM 15  O O   . HYP A 1 5  ? 4.211  -32.838 3.922   1.000 32.992 0 5   HYP A O   1 ? 
HETATM 16  C CB  . HYP A 1 5  ? 4.904  -32.034 6.956   1.000 39.575 0 5   HYP A CB  1 ? 
HETATM 17  C CG  . HYP A 1 5  ? 6.033  -32.871 7.535   1.000 40.249 0 5   HYP A CG  1 ? 
HETATM 18  C CD  . HYP A 1 5  ? 6.242  -33.967 6.519   1.000 40.206 0 5   HYP A CD  1 ? 
HETATM 19  O OD1 . HYP A 1 5  ? 5.586  -33.440 8.751   1.000 42.712 0 5   HYP A OD1 1 ? 
ATOM   20  N N   . GLY A 1 6  ? 2.379  -31.932 4.858   1.000 23.961 0 6   GLY A N   1 ? 
ATOM   21  C CA  . GLY A 1 6  ? 1.930  -31.254 3.632   1.000 24.342 0 6   GLY A CA  1 ? 
ATOM   22  C C   . GLY A 1 6  ? 2.891  -30.142 3.227   1.000 23.853 0 6   GLY A C   1 ? 
ATOM   23  O O   . GLY A 1 6  ? 3.684  -29.639 4.030   1.000 21.859 0 6   GLY A O   1 ? 
ATOM   24  N N   . PRO A 1 7  ? 2.815  -29.686 1.962   1.000 23.267 0 7   PRO A N   1 ? 
ATOM   25  C CA  . PRO A 1 7  ? 3.587  -28.528 1.537   1.000 22.441 0 7   PRO A CA  1 ? 
ATOM   26  C C   . PRO A 1 7  ? 3.056  -27.229 2.157   1.000 20.899 0 7   PRO A C   1 ? 
ATOM   27  O O   . PRO A 1 7  ? 1.943  -27.159 2.670   1.000 17.751 0 7   PRO A O   1 ? 
ATOM   28  C CB  . PRO A 1 7  ? 3.355  -28.527 0.020   1.000 26.279 0 7   PRO A CB  1 ? 
ATOM   29  C CG  . PRO A 1 7  ? 1.949  -29.055 -0.110  1.000 27.748 0 7   PRO A CG  1 ? 
ATOM   30  C CD  . PRO A 1 7  ? 1.925  -30.187 0.902   1.000 26.211 0 7   PRO A CD  1 ? 
HETATM 31  N N   . HYP A 1 8  ? 3.851  -26.150 2.112   1.000 19.432 0 8   HYP A N   1 ? 
HETATM 32  C CA  . HYP A 1 8  ? 3.402  -24.854 2.612   1.000 18.532 0 8   HYP A CA  1 ? 
HETATM 33  C C   . HYP A 1 8  ? 2.179  -24.379 1.829   1.000 16.600 0 8   HYP A C   1 ? 
HETATM 34  O O   . HYP A 1 8  ? 2.039  -24.683 0.639   1.000 19.292 0 8   HYP A O   1 ? 
HETATM 35  C CB  . HYP A 1 8  ? 4.584  -23.935 2.311   1.000 19.364 0 8   HYP A CB  1 ? 
HETATM 36  C CG  . HYP A 1 8  ? 5.758  -24.886 2.170   1.000 20.737 0 8   HYP A CG  1 ? 
HETATM 37  C CD  . HYP A 1 8  ? 5.170  -26.084 1.469   1.000 22.805 0 8   HYP A CD  1 ? 
HETATM 38  O OD1 . HYP A 1 8  ? 6.189  -25.265 3.462   1.000 23.658 0 8   HYP A OD1 1 ? 
ATOM   39  N N   . GLY A 1 9  ? 1.331  -23.615 2.510   1.000 14.140 0 9   GLY A N   1 ? 
ATOM   40  C CA  . GLY A 1 9  ? 0.247  -22.887 1.840   1.000 14.072 0 9   GLY A CA  1 ? 
ATOM   41  C C   . GLY A 1 9  ? 0.822  -21.821 0.903   1.000 14.032 0 9   GLY A C   1 ? 
ATOM   42  O O   . GLY A 1 9  ? 2.016  -21.495 0.910   1.000 13.119 0 9   GLY A O   1 ? 
ATOM   43  N N   . PRO A 1 10 ? -0.042 -21.268 0.043   1.000 13.442 0 10  PRO A N   1 ? 
ATOM   44  C CA  . PRO A 1 10 ? 0.342  -20.156 -0.819  1.000 12.717 0 10  PRO A CA  1 ? 
ATOM   45  C C   . PRO A 1 10 ? 0.657  -18.902 -0.008  1.000 10.966 0 10  PRO A C   1 ? 
ATOM   46  O O   . PRO A 1 10 ? 0.177  -18.710 1.115   1.000 10.983 0 10  PRO A O   1 ? 
ATOM   47  C CB  . PRO A 1 10 ? -0.887 -19.900 -1.700  1.000 13.551 0 10  PRO A CB  1 ? 
ATOM   48  C CG  . PRO A 1 10 ? -2.036 -20.452 -0.878  1.000 15.462 0 10  PRO A CG  1 ? 
ATOM   49  C CD  . PRO A 1 10 ? -1.462 -21.617 -0.093  1.000 13.982 0 10  PRO A CD  1 ? 
ATOM   50  N N   . ARG A 1 11 ? 1.470  -18.054 -0.630  1.000 11.256 0 11  ARG A N   1 ? 
ATOM   51  C CA  . ARG A 1 11 ? 1.722  -16.711 -0.075  1.000 10.942 0 11  ARG A CA  1 ? 
ATOM   52  C C   . ARG A 1 11 ? 0.387  -16.003 0.152   1.000 10.875 0 11  ARG A C   1 ? 
ATOM   53  O O   . ARG A 1 11 ? -0.535 -16.146 -0.655  1.000 12.656 0 11  ARG A O   1 ? 
ATOM   54  C CB  . ARG A 1 11 ? 2.717  -15.996 -0.981  1.000 11.895 0 11  ARG A CB  1 ? 
ATOM   55  C CG  . ARG A 1 11 ? 3.048  -14.597 -0.475  1.000 13.216 0 11  ARG A CG  1 ? 
ATOM   56  C CD  . ARG A 1 11 ? 4.192  -13.896 -1.197  1.000 15.446 0 11  ARG A CD  1 ? 
ATOM   57  N NE  . ARG A 1 11 ? 5.364  -14.748 -1.252  1.000 16.679 0 11  ARG A NE  1 ? 
ATOM   58  C CZ  . ARG A 1 11 ? 6.285  -14.858 -0.286  1.000 17.518 0 11  ARG A CZ  1 ? 
ATOM   59  N NH1 . ARG A 1 11 ? 6.230  -14.080 0.793   1.000 18.354 0 11  ARG A NH1 1 ? 
ATOM   60  N NH2 . ARG A 1 11 ? 7.278  -15.719 -0.428  1.000 19.169 0 11  ARG A NH2 1 ? 
ATOM   61  N N   . GLY A 1 12 ? 0.340  -15.180 1.207   1.000 10.438 0 12  GLY A N   1 ? 
ATOM   62  C CA  . GLY A 1 12 ? -0.829 -14.357 1.513   1.000 10.113 0 12  GLY A CA  1 ? 
ATOM   63  C C   . GLY A 1 12 ? -1.082 -13.313 0.441   1.000 10.459 0 12  GLY A C   1 ? 
ATOM   64  O O   . GLY A 1 12 ? -0.265 -13.097 -0.465  1.000 11.124 0 12  GLY A O   1 ? 
ATOM   65  N N   . ASP A 1 13 ? -2.260 -12.706 0.497   1.000 10.331 0 13  ASP A N   1 ? 
ATOM   66  C CA  . ASP A 1 13 ? -2.627 -11.625 -0.448  1.000 10.995 0 13  ASP A CA  1 ? 
ATOM   67  C C   . ASP A 1 13 ? -1.711 -10.412 -0.266  1.000 9.568  0 13  ASP A C   1 ? 
ATOM   68  O O   . ASP A 1 13 ? -1.212 -10.150 0.824   1.000 10.558 0 13  ASP A O   1 ? 
ATOM   69  C CB  . ASP A 1 13 ? -4.075 -11.230 -0.230  1.000 12.738 0 13  ASP A CB  1 ? 
ATOM   70  C CG  . ASP A 1 13 ? -5.087 -12.309 -0.568  1.000 15.828 0 13  ASP A CG  1 ? 
ATOM   71  O OD1 . ASP A 1 13 ? -4.702 -13.274 -1.219  1.000 18.909 0 13  ASP A OD1 1 ? 
ATOM   72  O OD2 . ASP A 1 13 ? -6.294 -12.065 -0.277  1.000 24.270 0 13  ASP A OD2 1 ? 
ATOM   73  N N   . LYS A 1 14 ? -1.552 -9.664  -1.343  1.000 9.610  0 14  LYS A N   1 ? 
ATOM   74  C CA  A LYS A 1 14 ? -0.834 -8.370  -1.282  0.500 10.127 0 14  LYS A CA  1 ? 
ATOM   75  C CA  B LYS A 1 14 ? -0.842 -8.365  -1.294  0.500 10.267 0 14  LYS A CA  1 ? 
ATOM   76  C C   . LYS A 1 14 ? -1.596 -7.430  -0.356  1.000 9.827  0 14  LYS A C   1 ? 
ATOM   77  O O   . LYS A 1 14 ? -2.842 -7.480  -0.309  1.000 10.782 0 14  LYS A O   1 ? 
ATOM   78  C CB  A LYS A 1 14 ? -0.668 -7.760  -2.666  0.500 10.735 0 14  LYS A CB  1 ? 
ATOM   79  C CB  B LYS A 1 14 ? -0.742 -7.780  -2.694  0.500 11.167 0 14  LYS A CB  1 ? 
ATOM   80  C CG  A LYS A 1 14 ? 0.307  -6.598  -2.697  0.500 11.818 0 14  LYS A CG  1 ? 
ATOM   81  C CG  B LYS A 1 14 ? 0.117  -6.538  -2.801  0.500 12.760 0 14  LYS A CG  1 ? 
ATOM   82  C CD  A LYS A 1 14 ? 0.622  -6.147  -4.091  0.500 14.017 0 14  LYS A CD  1 ? 
ATOM   83  C CD  B LYS A 1 14 ? 0.237  -6.116  -4.230  0.500 15.330 0 14  LYS A CD  1 ? 
ATOM   84  C CE  A LYS A 1 14 ? 1.283  -4.785  -4.129  0.500 15.313 0 14  LYS A CE  1 ? 
ATOM   85  C CE  B LYS A 1 14 ? 0.951  -4.792  -4.383  0.500 16.889 0 14  LYS A CE  1 ? 
ATOM   86  N NZ  A LYS A 1 14 ? 1.393  -4.277  -5.514  0.500 16.840 0 14  LYS A NZ  1 ? 
ATOM   87  N NZ  B LYS A 1 14 ? 2.305  -4.858  -3.790  0.500 17.908 0 14  LYS A NZ  1 ? 
ATOM   88  N N   . GLY A 1 15 ? -0.869 -6.625  0.369   1.000 9.314  0 15  GLY A N   1 ? 
ATOM   89  C CA  . GLY A 1 15 ? -1.480 -5.629  1.253   1.000 9.187  0 15  GLY A CA  1 ? 
ATOM   90  C C   . GLY A 1 15 ? -2.337 -4.588  0.542   1.000 9.810  0 15  GLY A C   1 ? 
ATOM   91  O O   . GLY A 1 15 ? -2.216 -4.367  -0.687  1.000 9.922  0 15  GLY A O   1 ? 
ATOM   92  N N   . GLU A 1 16 ? -3.138 -3.932  1.351   1.000 11.313 0 16  GLU A N   1 ? 
ATOM   93  C CA  . GLU A 1 16 ? -3.991 -2.832  0.850   1.000 12.530 0 16  GLU A CA  1 ? 
ATOM   94  C C   . GLU A 1 16 ? -3.092 -1.693  0.377   1.000 12.007 0 16  GLU A C   1 ? 
ATOM   95  O O   . GLU A 1 16 ? -1.955 -1.520  0.852   1.000 11.165 0 16  GLU A O   1 ? 
ATOM   96  C CB  . GLU A 1 16 ? -5.036 -2.570  1.920   1.000 16.840 0 16  GLU A CB  1 ? 
ATOM   97  C CG  . GLU A 1 16 ? -4.526 -1.960  3.204   1.000 20.926 0 16  GLU A CG  1 ? 
ATOM   98  C CD  . GLU A 1 16 ? -5.670 -1.467  4.095   1.000 25.059 0 16  GLU A CD  1 ? 
ATOM   99  O OE1 . GLU A 1 16 ? -5.857 -2.030  5.168   1.000 29.565 0 16  GLU A OE1 1 ? 
ATOM   100 O OE2 . GLU A 1 16 ? -6.372 -0.501  3.706   1.000 34.110 0 16  GLU A OE2 1 ? 
ATOM   101 N N   . THR A 1 17 ? -3.621 -0.920  -0.563  1.000 12.435 0 17  THR A N   1 ? 
ATOM   102 C CA  . THR A 1 17 ? -2.929 0.235   -1.153  1.000 12.583 0 17  THR A CA  1 ? 
ATOM   103 C C   . THR A 1 17 ? -2.755 1.286   -0.078  1.000 10.464 0 17  THR A C   1 ? 
ATOM   104 O O   . THR A 1 17 ? -3.621 1.441   0.780   1.000 10.278 0 17  THR A O   1 ? 
ATOM   105 C CB  . THR A 1 17 ? -3.734 0.708   -2.357  1.000 14.698 0 17  THR A CB  1 ? 
ATOM   106 O OG1 . THR A 1 17 ? -3.902 -0.383  -3.271  1.000 19.417 0 17  THR A OG1 1 ? 
ATOM   107 C CG2 . THR A 1 17 ? -3.083 1.909   -2.992  1.000 16.024 0 17  THR A CG2 1 ? 
ATOM   108 N N   . GLY A 1 18 ? -1.630 2.005   -0.163  1.000 10.118 0 18  GLY A N   1 ? 
ATOM   109 C CA  . GLY A 1 18 ? -1.394 3.063   0.817   1.000 9.830  0 18  GLY A CA  1 ? 
ATOM   110 C C   . GLY A 1 18 ? -2.350 4.225   0.603   1.000 9.509  0 18  GLY A C   1 ? 
ATOM   111 O O   . GLY A 1 18 ? -3.014 4.347   -0.457  1.000 10.544 0 18  GLY A O   1 ? 
ATOM   112 N N   . GLU A 1 19 ? -2.452 5.023   1.646   1.000 10.383 0 19  GLU A N   1 ? 
ATOM   113 C CA  . GLU A 1 19 ? -3.257 6.277   1.583   1.000 11.286 0 19  GLU A CA  1 ? 
ATOM   114 C C   . GLU A 1 19 ? -2.707 7.236   0.542   1.000 10.418 0 19  GLU A C   1 ? 
ATOM   115 O O   . GLU A 1 19 ? -1.519 7.321   0.337   1.000 9.272  0 19  GLU A O   1 ? 
ATOM   116 C CB  . GLU A 1 19 ? -3.231 6.904   2.959   1.000 12.208 0 19  GLU A CB  1 ? 
ATOM   117 C CG  . GLU A 1 19 ? -4.015 6.160   4.019   1.000 13.568 0 19  GLU A CG  1 ? 
ATOM   118 C CD  . GLU A 1 19 ? -5.512 6.029   3.800   1.000 14.797 0 19  GLU A CD  1 ? 
ATOM   119 O OE1 . GLU A 1 19 ? -6.122 6.883   3.132   1.000 17.917 0 19  GLU A OE1 1 ? 
ATOM   120 O OE2 . GLU A 1 19 ? -6.078 5.118   4.359   1.000 16.878 0 19  GLU A OE2 1 ? 
ATOM   121 N N   . ARG A 1 20 ? -3.619 7.938   -0.097  1.000 11.626 0 20  ARG A N   1 ? 
ATOM   122 C CA  A ARG A 1 20 ? -3.257 9.066   -0.977  0.500 11.663 0 20  ARG A CA  1 ? 
ATOM   123 C CA  B ARG A 1 20 ? -3.260 9.067   -0.978  0.500 11.754 0 20  ARG A CA  1 ? 
ATOM   124 C C   . ARG A 1 20 ? -2.522 10.107  -0.141  1.000 11.627 0 20  ARG A C   1 ? 
ATOM   125 O O   . ARG A 1 20 ? -2.863 10.287  1.029   1.000 12.333 0 20  ARG A O   1 ? 
ATOM   126 C CB  A ARG A 1 20 ? -4.515 9.606   -1.640  0.500 12.873 0 20  ARG A CB  1 ? 
ATOM   127 C CB  B ARG A 1 20 ? -4.519 9.599   -1.649  0.500 13.406 0 20  ARG A CB  1 ? 
ATOM   128 C CG  A ARG A 1 20 ? -4.262 10.790  -2.553  0.500 14.398 0 20  ARG A CG  1 ? 
ATOM   129 C CG  B ARG A 1 20 ? -4.297 10.915  -2.365  0.500 15.295 0 20  ARG A CG  1 ? 
ATOM   130 C CD  A ARG A 1 20 ? -5.553 11.478  -2.984  0.500 16.593 0 20  ARG A CD  1 ? 
ATOM   131 C CD  B ARG A 1 20 ? -5.323 11.378  -3.364  0.500 17.760 0 20  ARG A CD  1 ? 
ATOM   132 N NE  A ARG A 1 20 ? -6.434 11.804  -1.867  0.500 18.725 0 20  ARG A NE  1 ? 
ATOM   133 N NE  B ARG A 1 20 ? -4.538 11.937  -4.455  0.500 19.864 0 20  ARG A NE  1 ? 
ATOM   134 C CZ  A ARG A 1 20 ? -7.699 12.216  -1.965  0.500 21.594 0 20  ARG A CZ  1 ? 
ATOM   135 C CZ  B ARG A 1 20 ? -4.910 12.899  -5.281  0.500 19.739 0 20  ARG A CZ  1 ? 
ATOM   136 N NH1 A ARG A 1 20 ? -8.259 12.452  -3.140  0.500 22.582 0 20  ARG A NH1 1 ? 
ATOM   137 N NH1 B ARG A 1 20 ? -4.090 13.232  -6.255  0.500 20.208 0 20  ARG A NH1 1 ? 
ATOM   138 N NH2 A ARG A 1 20 ? -8.400 12.418  -0.863  0.500 23.862 0 20  ARG A NH2 1 ? 
ATOM   139 N NH2 B ARG A 1 20 ? -6.089 13.497  -5.169  0.500 23.194 0 20  ARG A NH2 1 ? 
ATOM   140 N N   . GLY A 1 21 ? -1.526 10.730  -0.765  1.000 11.522 0 21  GLY A N   1 ? 
ATOM   141 C CA  . GLY A 1 21 ? -0.770 11.815  -0.126  1.000 11.805 0 21  GLY A CA  1 ? 
ATOM   142 C C   . GLY A 1 21 ? -1.677 12.980  0.222   1.000 12.576 0 21  GLY A C   1 ? 
ATOM   143 O O   . GLY A 1 21 ? -2.780 13.163  -0.304  1.000 12.315 0 21  GLY A O   1 ? 
ATOM   144 N N   . PRO A 1 22 ? -1.200 13.804  1.160   1.000 13.248 0 22  PRO A N   1 ? 
ATOM   145 C CA  . PRO A 1 22 ? -1.914 15.005  1.568   1.000 13.572 0 22  PRO A CA  1 ? 
ATOM   146 C C   . PRO A 1 22 ? -1.860 16.078  0.482   1.000 13.203 0 22  PRO A C   1 ? 
ATOM   147 O O   . PRO A 1 22 ? -1.036 16.029  -0.422  1.000 12.947 0 22  PRO A O   1 ? 
ATOM   148 C CB  . PRO A 1 22 ? -1.172 15.360  2.854   1.000 15.558 0 22  PRO A CB  1 ? 
ATOM   149 C CG  . PRO A 1 22 ? 0.248  14.933  2.615   1.000 16.291 0 22  PRO A CG  1 ? 
ATOM   150 C CD  . PRO A 1 22 ? 0.097  13.656  1.830   1.000 14.105 0 22  PRO A CD  1 ? 
HETATM 151 N N   . HYP A 1 23 ? -2.739 17.101  0.604   1.000 14.911 0 23  HYP A N   1 ? 
HETATM 152 C CA  . HYP A 1 23 ? -2.855 18.174  -0.379  1.000 14.939 0 23  HYP A CA  1 ? 
HETATM 153 C C   . HYP A 1 23 ? -1.622 19.072  -0.354  1.000 14.751 0 23  HYP A C   1 ? 
HETATM 154 O O   . HYP A 1 23 ? -1.012 19.288  0.692   1.000 14.903 0 23  HYP A O   1 ? 
HETATM 155 C CB  . HYP A 1 23 ? -4.119 18.912  0.068   1.000 17.097 0 23  HYP A CB  1 ? 
HETATM 156 C CG  . HYP A 1 23 ? -4.830 17.936  0.996   1.000 17.665 0 23  HYP A CG  1 ? 
HETATM 157 C CD  . HYP A 1 23 ? -3.706 17.269  1.701   1.000 17.825 0 23  HYP A CD  1 ? 
HETATM 158 O OD1 . HYP A 1 23 ? -5.560 16.993  0.234   1.000 22.757 0 23  HYP A OD1 1 ? 
ATOM   159 N N   . GLY A 1 24 ? -1.277 19.570  -1.525  1.000 14.775 0 24  GLY A N   1 ? 
ATOM   160 C CA  . GLY A 1 24 ? -0.132 20.470  -1.678  1.000 14.956 0 24  GLY A CA  1 ? 
ATOM   161 C C   . GLY A 1 24 ? -0.417 21.838  -1.060  1.000 15.807 0 24  GLY A C   1 ? 
ATOM   162 O O   . GLY A 1 24 ? -1.544 22.191  -0.734  1.000 14.927 0 24  GLY A O   1 ? 
ATOM   163 N N   . PRO A 1 25 ? 0.646  22.602  -0.806  1.000 17.995 0 25  PRO A N   1 ? 
ATOM   164 C CA  . PRO A 1 25 ? 0.510  23.924  -0.207  1.000 18.838 0 25  PRO A CA  1 ? 
ATOM   165 C C   . PRO A 1 25 ? -0.056 24.916  -1.210  1.000 19.914 0 25  PRO A C   1 ? 
ATOM   166 O O   . PRO A 1 25 ? -0.074 24.651  -2.411  1.000 18.212 0 25  PRO A O   1 ? 
ATOM   167 C CB  . PRO A 1 25 ? 1.946  24.223  0.220   1.000 21.093 0 25  PRO A CB  1 ? 
ATOM   168 C CG  . PRO A 1 25 ? 2.765  23.551  -0.827  1.000 20.718 0 25  PRO A CG  1 ? 
ATOM   169 C CD  . PRO A 1 25 ? 2.038  22.263  -1.144  1.000 18.436 0 25  PRO A CD  1 ? 
HETATM 170 N N   . HYP A 1 26 ? -0.499 26.092  -0.730  1.000 21.322 0 26  HYP A N   1 ? 
HETATM 171 C CA  . HYP A 1 26 ? -0.907 27.179  -1.612  1.000 21.201 0 26  HYP A CA  1 ? 
HETATM 172 C C   . HYP A 1 26 ? 0.212  27.536  -2.596  1.000 22.407 0 26  HYP A C   1 ? 
HETATM 173 O O   . HYP A 1 26 ? 1.369  27.414  -2.263  1.000 24.582 0 26  HYP A O   1 ? 
HETATM 174 C CB  . HYP A 1 26 ? -1.179 28.331  -0.632  1.000 24.189 0 26  HYP A CB  1 ? 
HETATM 175 C CG  . HYP A 1 26 ? -1.562 27.620  0.650   1.000 23.251 0 26  HYP A CG  1 ? 
HETATM 176 C CD  . HYP A 1 26 ? -0.614 26.457  0.693   1.000 22.939 0 26  HYP A CD  1 ? 
HETATM 177 O OD1 . HYP A 1 26 ? -2.898 27.159  0.528   1.000 26.972 0 26  HYP A OD1 1 ? 
ATOM   178 N N   . GLY A 1 27 ? -0.175 28.021  -3.778  1.000 23.046 0 27  GLY A N   1 ? 
ATOM   179 C CA  . GLY A 1 27 ? 0.777  28.459  -4.811  1.000 24.628 0 27  GLY A CA  1 ? 
ATOM   180 C C   . GLY A 1 27 ? 1.485  29.752  -4.408  1.000 26.617 0 27  GLY A C   1 ? 
ATOM   181 O O   . GLY A 1 27 ? 1.209  30.346  -3.360  1.000 28.938 0 27  GLY A O   1 ? 
ATOM   182 N N   . PRO A 1 28 ? 2.443  30.209  -5.238  1.000 28.977 0 28  PRO A N   1 ? 
ATOM   183 C CA  . PRO A 1 28 ? 3.133  31.473  -5.003  1.000 31.242 0 28  PRO A CA  1 ? 
ATOM   184 C C   . PRO A 1 28 ? 2.156  32.643  -5.039  1.000 34.566 0 28  PRO A C   1 ? 
ATOM   185 O O   . PRO A 1 28 ? 1.100  32.568  -5.677  1.000 30.441 0 28  PRO A O   1 ? 
ATOM   186 C CB  . PRO A 1 28 ? 4.148  31.573  -6.148  1.000 35.074 0 28  PRO A CB  1 ? 
ATOM   187 C CG  . PRO A 1 28 ? 4.238  30.191  -6.726  1.000 35.195 0 28  PRO A CG  1 ? 
ATOM   188 C CD  . PRO A 1 28 ? 2.886  29.554  -6.474  1.000 32.015 0 28  PRO A CD  1 ? 
HETATM 189 N N   . HYP A 1 29 ? 2.495  33.764  -4.364  1.000 36.161 0 29  HYP A N   1 ? 
HETATM 190 C CA  . HYP A 1 29 ? 1.719  34.999  -4.494  1.000 37.921 0 29  HYP A CA  1 ? 
HETATM 191 C C   . HYP A 1 29 ? 1.713  35.401  -5.975  1.000 39.202 0 29  HYP A C   1 ? 
HETATM 192 O O   . HYP A 1 29 ? 2.680  35.062  -6.682  1.000 40.170 0 29  HYP A O   1 ? 
HETATM 193 C CB  . HYP A 1 29 ? 2.471  35.984  -3.588  1.000 38.286 0 29  HYP A CB  1 ? 
HETATM 194 C CG  . HYP A 1 29 ? 3.245  35.097  -2.624  1.000 39.120 0 29  HYP A CG  1 ? 
HETATM 195 C CD  . HYP A 1 29 ? 3.655  33.912  -3.467  1.000 39.509 0 29  HYP A CD  1 ? 
HETATM 196 O OD1 . HYP A 1 29 ? 2.402  34.643  -1.573  1.000 42.199 0 29  HYP A OD1 1 ? 
ATOM   197 N N   . GLY A 1 30 ? 0.627  36.075  -6.406  1.000 41.713 0 30  GLY A N   1 ? 
ATOM   198 C CA  . GLY A 1 30 ? 0.408  36.419  -7.822  1.000 42.076 0 30  GLY A CA  1 ? 
ATOM   199 C C   . GLY A 1 30 ? 1.047  37.747  -8.178  1.000 45.591 0 30  GLY A C   1 ? 
ATOM   200 O O   . GLY A 1 30 ? 1.772  38.380  -7.395  1.000 48.786 0 30  GLY A O   1 ? 
ATOM   201 O OXT . GLY A 1 30 ? 0.829  38.194  -9.291  1.000 47.739 0 30  GLY A OXT 1 ? 
HETATM 202 N N   . HYP B 1 2  ? 1.485  -38.064 2.487   1.000 53.556 0 2   HYP B N   1 ? 
HETATM 203 C CA  . HYP B 1 2  ? 1.730  -36.627 2.638   1.000 50.005 0 2   HYP B CA  1 ? 
HETATM 204 C C   . HYP B 1 2  ? 0.508  -35.961 3.278   1.000 44.371 0 2   HYP B C   1 ? 
HETATM 205 O O   . HYP B 1 2  ? -0.606 -36.319 2.919   1.000 46.499 0 2   HYP B O   1 ? 
HETATM 206 C CB  . HYP B 1 2  ? 1.945  -36.102 1.211   1.000 52.022 0 2   HYP B CB  1 ? 
HETATM 207 C CG  . HYP B 1 2  ? 2.332  -37.337 0.410   1.000 54.828 0 2   HYP B CG  1 ? 
HETATM 208 C CD  . HYP B 1 2  ? 1.572  -38.458 1.079   1.000 53.440 0 2   HYP B CD  1 ? 
HETATM 209 O OD1 . HYP B 1 2  ? 3.729  -37.565 0.503   1.000 56.406 0 2   HYP B OD1 1 ? 
ATOM   210 N N   . GLY B 1 3  ? 0.742  -35.015 4.197   1.000 34.980 0 3   GLY B N   1 ? 
ATOM   211 C CA  . GLY B 1 3  ? -0.343 -34.199 4.760   1.000 30.821 0 3   GLY B CA  1 ? 
ATOM   212 C C   . GLY B 1 3  ? -0.919 -33.259 3.700   1.000 31.253 0 3   GLY B C   1 ? 
ATOM   213 O O   . GLY B 1 3  ? -0.323 -33.047 2.645   1.000 34.329 0 3   GLY B O   1 ? 
ATOM   214 N N   . PRO B 1 4  ? -2.096 -32.652 3.955   1.000 31.604 0 4   PRO B N   1 ? 
ATOM   215 C CA  . PRO B 1 4  ? -2.661 -31.682 3.026   1.000 33.620 0 4   PRO B CA  1 ? 
ATOM   216 C C   . PRO B 1 4  ? -1.789 -30.426 2.992   1.000 29.467 0 4   PRO B C   1 ? 
ATOM   217 O O   . PRO B 1 4  ? -1.012 -30.152 3.918   1.000 25.286 0 4   PRO B O   1 ? 
ATOM   218 C CB  . PRO B 1 4  ? -4.066 -31.428 3.593   1.000 36.540 0 4   PRO B CB  1 ? 
ATOM   219 C CG  . PRO B 1 4  ? -3.941 -31.722 5.070   1.000 34.563 0 4   PRO B CG  1 ? 
ATOM   220 C CD  . PRO B 1 4  ? -2.931 -32.853 5.150   1.000 33.947 0 4   PRO B CD  1 ? 
HETATM 221 N N   . HYP B 1 5  ? -1.895 -29.602 1.932   1.000 28.386 0 5   HYP B N   1 ? 
HETATM 222 C CA  . HYP B 1 5  ? -1.158 -28.339 1.874   1.000 28.132 0 5   HYP B CA  1 ? 
HETATM 223 C C   . HYP B 1 5  ? -1.632 -27.426 3.009   1.000 22.860 0 5   HYP B C   1 ? 
HETATM 224 O O   . HYP B 1 5  ? -2.766 -27.530 3.440   1.000 22.243 0 5   HYP B O   1 ? 
HETATM 225 C CB  . HYP B 1 5  ? -1.532 -27.765 0.504   1.000 32.952 0 5   HYP B CB  1 ? 
HETATM 226 C CG  . HYP B 1 5  ? -2.025 -28.980 -0.269  1.000 31.474 0 5   HYP B CG  1 ? 
HETATM 227 C CD  . HYP B 1 5  ? -2.788 -29.755 0.768   1.000 32.321 0 5   HYP B CD  1 ? 
HETATM 228 O OD1 . HYP B 1 5  ? -0.940 -29.778 -0.718  1.000 34.150 0 5   HYP B OD1 1 ? 
ATOM   229 N N   . GLY B 1 6  ? -0.745 -26.550 3.466   1.000 18.107 0 6   GLY B N   1 ? 
ATOM   230 C CA  . GLY B 1 6  ? -1.107 -25.578 4.502   1.000 16.746 0 6   GLY B CA  1 ? 
ATOM   231 C C   . GLY B 1 6  ? -2.061 -24.528 3.946   1.000 15.365 0 6   GLY B C   1 ? 
ATOM   232 O O   . GLY B 1 6  ? -2.289 -24.396 2.736   1.000 15.497 0 6   GLY B O   1 ? 
ATOM   233 N N   . PRO B 1 7  ? -2.674 -23.744 4.843   1.000 14.950 0 7   PRO B N   1 ? 
ATOM   234 C CA  . PRO B 1 7  ? -3.543 -22.651 4.407   1.000 14.338 0 7   PRO B CA  1 ? 
ATOM   235 C C   . PRO B 1 7  ? -2.757 -21.467 3.851   1.000 14.793 0 7   PRO B C   1 ? 
ATOM   236 O O   . PRO B 1 7  ? -1.551 -21.380 4.035   1.000 14.314 0 7   PRO B O   1 ? 
ATOM   237 C CB  . PRO B 1 7  ? -4.249 -22.270 5.717   1.000 17.920 0 7   PRO B CB  1 ? 
ATOM   238 C CG  . PRO B 1 7  ? -3.216 -22.545 6.763   1.000 18.895 0 7   PRO B CG  1 ? 
ATOM   239 C CD  . PRO B 1 7  ? -2.526 -23.809 6.309   1.000 17.085 0 7   PRO B CD  1 ? 
HETATM 240 N N   . HYP B 1 8  ? -3.438 -20.513 3.196   1.000 15.359 0 8   HYP B N   1 ? 
HETATM 241 C CA  . HYP B 1 8  ? -2.800 -19.288 2.744   1.000 14.596 0 8   HYP B CA  1 ? 
HETATM 242 C C   . HYP B 1 8  ? -2.164 -18.506 3.893   1.000 12.586 0 8   HYP B C   1 ? 
HETATM 243 O O   . HYP B 1 8  ? -2.642 -18.520 5.029   1.000 12.399 0 8   HYP B O   1 ? 
HETATM 244 C CB  . HYP B 1 8  ? -3.946 -18.488 2.142   1.000 16.472 0 8   HYP B CB  1 ? 
HETATM 245 C CG  . HYP B 1 8  ? -5.020 -19.517 1.867   1.000 17.841 0 8   HYP B CG  1 ? 
HETATM 246 C CD  . HYP B 1 8  ? -4.894 -20.477 2.997   1.000 17.539 0 8   HYP B CD  1 ? 
HETATM 247 O OD1 . HYP B 1 8  ? -4.707 -20.135 0.639   1.000 22.167 0 8   HYP B OD1 1 ? 
ATOM   248 N N   . GLY B 1 9  ? -1.075 -17.824 3.556   1.000 10.936 0 9   GLY B N   1 ? 
ATOM   249 C CA  . GLY B 1 9  ? -0.422 -16.919 4.497   1.000 10.494 0 9   GLY B CA  1 ? 
ATOM   250 C C   . GLY B 1 9  ? -1.276 -15.688 4.754   1.000 10.345 0 9   GLY B C   1 ? 
ATOM   251 O O   . GLY B 1 9  ? -2.302 -15.450 4.120   1.000 10.390 0 9   GLY B O   1 ? 
ATOM   252 N N   . PRO B 1 10 ? -0.874 -14.921 5.772   1.000 9.909  0 10  PRO B N   1 ? 
ATOM   253 C CA  . PRO B 1 10 ? -1.522 -13.669 6.122   1.000 10.150 0 10  PRO B CA  1 ? 
ATOM   254 C C   . PRO B 1 10 ? -1.330 -12.603 5.047   1.000 9.494  0 10  PRO B C   1 ? 
ATOM   255 O O   . PRO B 1 10 ? -0.366 -12.608 4.316   1.000 9.005  0 10  PRO B O   1 ? 
ATOM   256 C CB  . PRO B 1 10 ? -0.888 -13.346 7.473   1.000 11.164 0 10  PRO B CB  1 ? 
ATOM   257 C CG  . PRO B 1 10 ? 0.445  -13.902 7.413   1.000 12.004 0 10  PRO B CG  1 ? 
ATOM   258 C CD  . PRO B 1 10 ? 0.282  -15.177 6.637   1.000 10.756 0 10  PRO B CD  1 ? 
ATOM   259 N N   . ARG B 1 11 ? -2.302 -11.714 4.979   1.000 10.436 0 11  ARG B N   1 ? 
ATOM   260 C CA  . ARG B 1 11 ? -2.271 -10.557 4.051   1.000 11.138 0 11  ARG B CA  1 ? 
ATOM   261 C C   . ARG B 1 11 ? -1.071 -9.680  4.388   1.000 9.563  0 11  ARG B C   1 ? 
ATOM   262 O O   . ARG B 1 11 ? -0.717 -9.484  5.551   1.000 10.046 0 11  ARG B O   1 ? 
ATOM   263 C CB  . ARG B 1 11 ? -3.601 -9.810  4.064   1.000 13.176 0 11  ARG B CB  1 ? 
ATOM   264 C CG  . ARG B 1 11 ? -3.638 -8.666  3.068   1.000 15.516 0 11  ARG B CG  1 ? 
ATOM   265 C CD  . ARG B 1 11 ? -4.997 -8.037  2.772   1.000 18.079 0 11  ARG B CD  1 ? 
ATOM   266 N NE  . ARG B 1 11 ? -4.897 -7.213  1.560   1.000 21.429 0 11  ARG B NE  1 ? 
ATOM   267 C CZ  . ARG B 1 11 ? -5.910 -6.606  0.948   1.000 25.079 0 11  ARG B CZ  1 ? 
ATOM   268 N NH1 . ARG B 1 11 ? -7.138 -6.697  1.438   1.000 29.628 0 11  ARG B NH1 1 ? 
ATOM   269 N NH2 . ARG B 1 11 ? -5.685 -5.874  -0.137  1.000 26.303 0 11  ARG B NH2 1 ? 
ATOM   270 N N   . GLY B 1 12 ? -0.481 -9.126  3.353   1.000 8.723  0 12  GLY B N   1 ? 
ATOM   271 C CA  . GLY B 1 12 ? 0.646  -8.198  3.485   1.000 8.822  0 12  GLY B CA  1 ? 
ATOM   272 C C   . GLY B 1 12 ? 0.265  -6.880  4.145   1.000 9.347  0 12  GLY B C   1 ? 
ATOM   273 O O   . GLY B 1 12 ? -0.926 -6.562  4.321   1.000 10.255 0 12  GLY B O   1 ? 
ATOM   274 N N   . ASP B 1 13 ? 1.295  -6.135  4.511   1.000 10.078 0 13  ASP B N   1 ? 
ATOM   275 C CA  . ASP B 1 13 ? 1.148  -4.803  5.133   1.000 10.435 0 13  ASP B CA  1 ? 
ATOM   276 C C   . ASP B 1 13 ? 0.532  -3.804  4.154   1.000 9.740  0 13  ASP B C   1 ? 
ATOM   277 O O   . ASP B 1 13 ? 0.714  -3.884  2.945   1.000 8.972  0 13  ASP B O   1 ? 
ATOM   278 C CB  . ASP B 1 13 ? 2.510  -4.347  5.651   1.000 12.978 0 13  ASP B CB  1 ? 
ATOM   279 C CG  . ASP B 1 13 ? 3.060  -5.177  6.800   1.000 15.180 0 13  ASP B CG  1 ? 
ATOM   280 O OD1 . ASP B 1 13 ? 2.288  -5.977  7.394   1.000 15.006 0 13  ASP B OD1 1 ? 
ATOM   281 O OD2 . ASP B 1 13 ? 4.248  -4.951  7.165   1.000 18.668 0 13  ASP B OD2 1 ? 
ATOM   282 N N   . LYS B 1 14 ? -0.116 -2.805  4.741   1.000 9.932  0 14  LYS B N   1 ? 
ATOM   283 C CA  . LYS B 1 14 ? -0.659 -1.666  3.972   1.000 10.092 0 14  LYS B CA  1 ? 
ATOM   284 C C   . LYS B 1 14 ? 0.515  -0.914  3.345   1.000 10.009 0 14  LYS B C   1 ? 
ATOM   285 O O   . LYS B 1 14 ? 1.603  -0.813  3.975   1.000 10.973 0 14  LYS B O   1 ? 
ATOM   286 C CB  . LYS B 1 14 ? -1.487 -0.768  4.884   1.000 10.868 0 14  LYS B CB  1 ? 
ATOM   287 C CG  . LYS B 1 14 ? -2.155 0.413   4.195   1.000 12.183 0 14  LYS B CG  1 ? 
ATOM   288 C CD  . LYS B 1 14 ? -3.063 1.169   5.122   1.000 13.421 0 14  LYS B CD  1 ? 
ATOM   289 C CE  . LYS B 1 14 ? -3.757 2.337   4.464   1.000 15.047 0 14  LYS B CE  1 ? 
ATOM   290 N NZ  . LYS B 1 14 ? -4.657 3.001   5.425   1.000 16.252 0 14  LYS B NZ  1 ? 
ATOM   291 N N   . GLY B 1 15 ? 0.274  -0.381  2.154   1.000 10.016 0 15  GLY B N   1 ? 
ATOM   292 C CA  . GLY B 1 15 ? 1.331  0.373   1.471   1.000 9.800  0 15  GLY B CA  1 ? 
ATOM   293 C C   . GLY B 1 15 ? 1.641  1.725   2.136   1.000 9.836  0 15  GLY B C   1 ? 
ATOM   294 O O   . GLY B 1 15 ? 0.934  2.210   3.024   1.000 10.104 0 15  GLY B O   1 ? 
ATOM   295 N N   . GLU B 1 16 ? 2.783  2.253   1.754   1.000 10.483 0 16  GLU B N   1 ? 
ATOM   296 C CA  A GLU B 1 16 ? 3.271  3.600   2.150   0.500 11.067 0 16  GLU B CA  1 ? 
ATOM   297 C CA  B GLU B 1 16 ? 3.234  3.588   2.203   0.500 11.150 0 16  GLU B CA  1 ? 
ATOM   298 C C   . GLU B 1 16 ? 2.260  4.654   1.707   1.000 10.087 0 16  GLU B C   1 ? 
ATOM   299 O O   . GLU B 1 16 ? 1.691  4.513   0.646   1.000 9.533  0 16  GLU B O   1 ? 
ATOM   300 C CB  A GLU B 1 16 ? 4.669  3.773   1.535   0.500 12.476 0 16  GLU B CB  1 ? 
ATOM   301 C CB  B GLU B 1 16 ? 4.663  3.825   1.718   0.500 12.633 0 16  GLU B CB  1 ? 
ATOM   302 C CG  A GLU B 1 16 ? 5.325  5.145   1.556   0.500 13.919 0 16  GLU B CG  1 ? 
ATOM   303 C CG  B GLU B 1 16 ? 5.667  2.873   2.363   0.500 14.903 0 16  GLU B CG  1 ? 
ATOM   304 C CD  A GLU B 1 16 ? 6.582  5.187   0.693   0.500 15.922 0 16  GLU B CD  1 ? 
ATOM   305 C CD  B GLU B 1 16 ? 6.192  3.544   3.610   0.500 19.057 0 16  GLU B CD  1 ? 
ATOM   306 O OE1 A GLU B 1 16 ? 6.798  4.218   -0.092  0.500 19.357 0 16  GLU B OE1 1 ? 
ATOM   307 O OE1 B GLU B 1 16 ? 7.070  4.460   3.478   0.500 22.205 0 16  GLU B OE1 1 ? 
ATOM   308 O OE2 A GLU B 1 16 ? 7.350  6.170   0.789   0.500 19.138 0 16  GLU B OE2 1 ? 
ATOM   309 O OE2 B GLU B 1 16 ? 5.620  3.260   4.683   0.500 19.013 0 16  GLU B OE2 1 ? 
ATOM   310 N N   . THR B 1 17 ? 2.147  5.707   2.490   1.000 9.998  0 17  THR B N   1 ? 
ATOM   311 C CA  . THR B 1 17 ? 1.371  6.917   2.121   1.000 9.505  0 17  THR B CA  1 ? 
ATOM   312 C C   . THR B 1 17 ? 2.048  7.582   0.942   1.000 9.232  0 17  THR B C   1 ? 
ATOM   313 O O   . THR B 1 17 ? 3.271  7.644   0.887   1.000 10.280 0 17  THR B O   1 ? 
ATOM   314 C CB  . THR B 1 17 ? 1.206  7.747   3.371   1.000 10.417 0 17  THR B CB  1 ? 
ATOM   315 O OG1 . THR B 1 17 ? 0.582  6.980   4.404   1.000 10.444 0 17  THR B OG1 1 ? 
ATOM   316 C CG2 . THR B 1 17 ? 0.401  8.982   3.048   1.000 9.969  0 17  THR B CG2 1 ? 
ATOM   317 N N   . GLY B 1 18 ? 1.247  8.099   0.025   1.000 9.570  0 18  GLY B N   1 ? 
ATOM   318 C CA  . GLY B 1 18 ? 1.792  8.872   -1.093  1.000 9.532  0 18  GLY B CA  1 ? 
ATOM   319 C C   . GLY B 1 18 ? 2.391  10.181  -0.610  1.000 10.277 0 18  GLY B C   1 ? 
ATOM   320 O O   . GLY B 1 18 ? 2.167  10.623  0.513   1.000 10.764 0 18  GLY B O   1 ? 
ATOM   321 N N   . GLU B 1 19 ? 3.176  10.764  -1.498  1.000 11.871 0 19  GLU B N   1 ? 
ATOM   322 C CA  . GLU B 1 19 ? 3.814  12.080  -1.256  1.000 12.272 0 19  GLU B CA  1 ? 
ATOM   323 C C   . GLU B 1 19 ? 2.771  13.190  -1.274  1.000 11.639 0 19  GLU B C   1 ? 
ATOM   324 O O   . GLU B 1 19 ? 1.722  13.046  -1.915  1.000 11.485 0 19  GLU B O   1 ? 
ATOM   325 C CB  . GLU B 1 19 ? 4.931  12.265  -2.280  1.000 17.213 0 19  GLU B CB  1 ? 
ATOM   326 C CG  . GLU B 1 19 ? 4.459  12.480  -3.694  1.000 21.264 0 19  GLU B CG  1 ? 
ATOM   327 C CD  . GLU B 1 19 ? 4.352  11.270  -4.602  1.000 23.777 0 19  GLU B CD  1 ? 
ATOM   328 O OE1 . GLU B 1 19 ? 3.996  10.164  -4.117  1.000 25.191 0 19  GLU B OE1 1 ? 
ATOM   329 O OE2 . GLU B 1 19 ? 4.648  11.447  -5.811  1.000 24.707 0 19  GLU B OE2 1 ? 
ATOM   330 N N   . ARG B 1 20 ? 3.085  14.274  -0.572  1.000 12.023 0 20  ARG B N   1 ? 
ATOM   331 C CA  . ARG B 1 20 ? 2.240  15.480  -0.627  1.000 12.070 0 20  ARG B CA  1 ? 
ATOM   332 C C   . ARG B 1 20 ? 2.201  15.984  -2.064  1.000 11.958 0 20  ARG B C   1 ? 
ATOM   333 O O   . ARG B 1 20 ? 3.183  15.875  -2.786  1.000 14.290 0 20  ARG B O   1 ? 
ATOM   334 C CB  . ARG B 1 20 ? 2.776  16.539  0.337   1.000 13.318 0 20  ARG B CB  1 ? 
ATOM   335 C CG  . ARG B 1 20 ? 1.883  17.764  0.400   1.000 13.311 0 20  ARG B CG  1 ? 
ATOM   336 C CD  . ARG B 1 20 ? 2.278  18.767  1.484   1.000 14.008 0 20  ARG B CD  1 ? 
ATOM   337 N NE  . ARG B 1 20 ? 2.273  18.215  2.838   1.000 13.365 0 20  ARG B NE  1 ? 
ATOM   338 C CZ  . ARG B 1 20 ? 1.212  18.146  3.632   1.000 14.513 0 20  ARG B CZ  1 ? 
ATOM   339 N NH1 . ARG B 1 20 ? 0.047  18.647  3.246   1.000 15.678 0 20  ARG B NH1 1 ? 
ATOM   340 N NH2 . ARG B 1 20 ? 1.300  17.530  4.810   1.000 14.174 0 20  ARG B NH2 1 ? 
ATOM   341 N N   . GLY B 1 21 ? 1.054  16.533  -2.452  1.000 12.544 0 21  GLY B N   1 ? 
ATOM   342 C CA  . GLY B 1 21 ? 0.891  17.085  -3.792  1.000 14.167 0 21  GLY B CA  1 ? 
ATOM   343 C C   . GLY B 1 21 ? 1.745  18.337  -3.955  1.000 15.475 0 21  GLY B C   1 ? 
ATOM   344 O O   . GLY B 1 21 ? 2.310  18.914  -3.017  1.000 15.172 0 21  GLY B O   1 ? 
ATOM   345 N N   . PRO B 1 22 ? 1.828  18.794  -5.207  1.000 18.029 0 22  PRO B N   1 ? 
ATOM   346 C CA  . PRO B 1 22 ? 2.615  19.974  -5.521  1.000 19.959 0 22  PRO B CA  1 ? 
ATOM   347 C C   . PRO B 1 22 ? 1.940  21.261  -5.045  1.000 21.162 0 22  PRO B C   1 ? 
ATOM   348 O O   . PRO B 1 22 ? 0.748  21.268  -4.740  1.000 18.575 0 22  PRO B O   1 ? 
ATOM   349 C CB  . PRO B 1 22 ? 2.719  19.880  -7.045  1.000 21.272 0 22  PRO B CB  1 ? 
ATOM   350 C CG  . PRO B 1 22 ? 1.420  19.238  -7.473  1.000 20.498 0 22  PRO B CG  1 ? 
ATOM   351 C CD  . PRO B 1 22 ? 1.087  18.255  -6.363  1.000 19.064 0 22  PRO B CD  1 ? 
HETATM 352 N N   . HYP B 1 23 ? 2.674  22.399  -5.050  1.000 22.713 0 23  HYP B N   1 ? 
HETATM 353 C CA  . HYP B 1 23 ? 2.089  23.701  -4.787  1.000 23.366 0 23  HYP B CA  1 ? 
HETATM 354 C C   . HYP B 1 23 ? 1.015  23.997  -5.833  1.000 22.890 0 23  HYP B C   1 ? 
HETATM 355 O O   . HYP B 1 23 ? 1.113  23.553  -6.971  1.000 24.506 0 23  HYP B O   1 ? 
HETATM 356 C CB  . HYP B 1 23 ? 3.281  24.657  -4.934  1.000 24.945 0 23  HYP B CB  1 ? 
HETATM 357 C CG  . HYP B 1 23 ? 4.482  23.771  -4.666  1.000 25.062 0 23  HYP B CG  1 ? 
HETATM 358 C CD  . HYP B 1 23 ? 4.107  22.486  -5.351  1.000 27.178 0 23  HYP B CD  1 ? 
HETATM 359 O OD1 . HYP B 1 23 ? 4.591  23.626  -3.261  1.000 27.352 0 23  HYP B OD1 1 ? 
ATOM   360 N N   . GLY B 1 24 ? 0.014  24.768  -5.422  1.000 21.659 0 24  GLY B N   1 ? 
ATOM   361 C CA  . GLY B 1 24 ? -1.011 25.284  -6.340  1.000 20.842 0 24  GLY B CA  1 ? 
ATOM   362 C C   . GLY B 1 24 ? -0.412 26.256  -7.350  1.000 22.456 0 24  GLY B C   1 ? 
ATOM   363 O O   . GLY B 1 24 ? 0.768  26.617  -7.314  1.000 24.514 0 24  GLY B O   1 ? 
ATOM   364 N N   . PRO B 1 25 ? -1.256 26.728  -8.278  1.000 22.227 0 25  PRO B N   1 ? 
ATOM   365 C CA  . PRO B 1 25 ? -0.806 27.691  -9.273  1.000 24.723 0 25  PRO B CA  1 ? 
ATOM   366 C C   . PRO B 1 25 ? -0.587 29.048  -8.619  1.000 28.336 0 25  PRO B C   1 ? 
ATOM   367 O O   . PRO B 1 25 ? -1.034 29.286  -7.487  1.000 23.994 0 25  PRO B O   1 ? 
ATOM   368 C CB  . PRO B 1 25 ? -1.961 27.710  -10.271 1.000 26.617 0 25  PRO B CB  1 ? 
ATOM   369 C CG  . PRO B 1 25 ? -3.169 27.400  -9.417  1.000 26.777 0 25  PRO B CG  1 ? 
ATOM   370 C CD  . PRO B 1 25 ? -2.689 26.421  -8.366  1.000 23.617 0 25  PRO B CD  1 ? 
HETATM 371 N N   . HYP B 1 26 ? 0.150  29.955  -9.305  1.000 30.294 0 26  HYP B N   1 ? 
HETATM 372 C CA  . HYP B 1 26 ? 0.370  31.296  -8.774  1.000 31.198 0 26  HYP B CA  1 ? 
HETATM 373 C C   . HYP B 1 26 ? -0.985 31.982  -8.546  1.000 31.651 0 26  HYP B C   1 ? 
HETATM 374 O O   . HYP B 1 26 ? -1.947 31.673  -9.261  1.000 31.223 0 26  HYP B O   1 ? 
HETATM 375 C CB  . HYP B 1 26 ? 1.191  31.962  -9.884  1.000 31.858 0 26  HYP B CB  1 ? 
HETATM 376 C CG  . HYP B 1 26 ? 1.911  30.792  -10.540 1.000 31.953 0 26  HYP B CG  1 ? 
HETATM 377 C CD  . HYP B 1 26 ? 0.836  29.733  -10.594 1.000 29.119 0 26  HYP B CD  1 ? 
HETATM 378 O OD1 . HYP B 1 26 ? 2.985  30.329  -9.725  1.000 32.784 0 26  HYP B OD1 1 ? 
ATOM   379 N N   . GLY B 1 27 ? -1.041 32.893  -7.567  1.000 32.784 0 27  GLY B N   1 ? 
ATOM   380 C CA  . GLY B 1 27 ? -2.256 33.674  -7.271  1.000 35.398 0 27  GLY B CA  1 ? 
ATOM   381 C C   . GLY B 1 27 ? -2.558 34.666  -8.392  1.000 34.778 0 27  GLY B C   1 ? 
ATOM   382 O O   . GLY B 1 27 ? -1.784 34.804  -9.336  1.000 32.108 0 27  GLY B O   1 ? 
ATOM   383 N N   . PRO B 1 28 ? -3.720 35.353  -8.335  1.000 36.966 0 28  PRO B N   1 ? 
ATOM   384 C CA  . PRO B 1 28 ? -4.078 36.382  -9.319  1.000 38.776 0 28  PRO B CA  1 ? 
ATOM   385 C C   . PRO B 1 28 ? -3.532 37.790  -9.007  1.000 39.748 0 28  PRO B C   1 ? 
ATOM   386 O O   . PRO B 1 28 ? -2.459 37.957  -8.387  1.000 34.949 0 28  PRO B O   1 ? 
ATOM   387 C CB  . PRO B 1 28 ? -5.614 36.362  -9.250  1.000 38.617 0 28  PRO B CB  1 ? 
ATOM   388 C CG  . PRO B 1 28 ? -5.916 35.995  -7.800  1.000 40.562 0 28  PRO B CG  1 ? 
ATOM   389 C CD  . PRO B 1 28 ? -4.780 35.103  -7.348  1.000 40.053 0 28  PRO B CD  1 ? 
ATOM   390 N N   . GLY C 1 3  ? -0.058 -37.515 6.915   1.000 36.992 0 3   GLY C N   1 ? 
ATOM   391 C CA  . GLY C 1 3  ? 0.900  -36.645 7.656   1.000 32.285 0 3   GLY C CA  1 ? 
ATOM   392 C C   . GLY C 1 3  ? 0.215  -35.367 8.129   1.000 31.221 0 3   GLY C C   1 ? 
ATOM   393 O O   . GLY C 1 3  ? -0.932 -35.097 7.770   1.000 30.338 0 3   GLY C O   1 ? 
ATOM   394 N N   . PRO C 1 4  ? 0.900  -34.533 8.940   1.000 30.483 0 4   PRO C N   1 ? 
ATOM   395 C CA  . PRO C 1 4  ? 0.280  -33.311 9.441   1.000 30.776 0 4   PRO C CA  1 ? 
ATOM   396 C C   . PRO C 1 4  ? 0.081  -32.334 8.282   1.000 27.235 0 4   PRO C C   1 ? 
ATOM   397 O O   . PRO C 1 4  ? 0.785  -32.399 7.271   1.000 25.424 0 4   PRO C O   1 ? 
ATOM   398 C CB  . PRO C 1 4  ? 1.266  -32.788 10.494  1.000 34.528 0 4   PRO C CB  1 ? 
ATOM   399 C CG  . PRO C 1 4  ? 2.605  -33.414 10.113  1.000 33.926 0 4   PRO C CG  1 ? 
ATOM   400 C CD  . PRO C 1 4  ? 2.287  -34.714 9.403   1.000 31.320 0 4   PRO C CD  1 ? 
HETATM 401 N N   . HYP C 1 5  ? -0.857 -31.365 8.394   1.000 29.298 0 5   HYP C N   1 ? 
HETATM 402 C CA  . HYP C 1 5  ? -1.039 -30.377 7.337   1.000 27.246 0 5   HYP C CA  1 ? 
HETATM 403 C C   . HYP C 1 5  ? 0.245  -29.562 7.206   1.000 24.597 0 5   HYP C C   1 ? 
HETATM 404 O O   . HYP C 1 5  ? 0.974  -29.424 8.198   1.000 27.711 0 5   HYP C O   1 ? 
HETATM 405 C CB  . HYP C 1 5  ? -2.209 -29.535 7.841   1.000 29.145 0 5   HYP C CB  1 ? 
HETATM 406 C CG  . HYP C 1 5  ? -2.904 -30.457 8.827   1.000 30.616 0 5   HYP C CG  1 ? 
HETATM 407 C CD  . HYP C 1 5  ? -1.755 -31.127 9.534   1.000 30.673 0 5   HYP C CD  1 ? 
HETATM 408 O OD1 . HYP C 1 5  ? -3.678 -31.380 8.082   1.000 33.912 0 5   HYP C OD1 1 ? 
ATOM   409 N N   . GLY C 1 6  ? 0.507  -29.056 5.997   1.000 20.103 0 6   GLY C N   1 ? 
ATOM   410 C CA  . GLY C 1 6  ? 1.612  -28.108 5.784   1.000 20.063 0 6   GLY C CA  1 ? 
ATOM   411 C C   . GLY C 1 6  ? 1.418  -26.860 6.627   1.000 21.274 0 6   GLY C C   1 ? 
ATOM   412 O O   . GLY C 1 6  ? 0.297  -26.534 7.056   1.000 20.359 0 6   GLY C O   1 ? 
ATOM   413 N N   . PRO C 1 7  ? 2.503  -26.099 6.859   1.000 19.554 0 7   PRO C N   1 ? 
ATOM   414 C CA  . PRO C 1 7  ? 2.382  -24.836 7.575   1.000 19.753 0 7   PRO C CA  1 ? 
ATOM   415 C C   . PRO C 1 7  ? 1.649  -23.799 6.739   1.000 16.439 0 7   PRO C C   1 ? 
ATOM   416 O O   . PRO C 1 7  ? 1.586  -23.901 5.507   1.000 14.094 0 7   PRO C O   1 ? 
ATOM   417 C CB  . PRO C 1 7  ? 3.834  -24.437 7.814   1.000 21.620 0 7   PRO C CB  1 ? 
ATOM   418 C CG  . PRO C 1 7  ? 4.537  -25.014 6.612   1.000 22.892 0 7   PRO C CG  1 ? 
ATOM   419 C CD  . PRO C 1 7  ? 3.874  -26.362 6.408   1.000 20.686 0 7   PRO C CD  1 ? 
HETATM 420 N N   . HYP C 1 8  ? 1.155  -22.727 7.385   1.000 16.187 0 8   HYP C N   1 ? 
HETATM 421 C CA  . HYP C 1 8  ? 0.606  -21.597 6.647   1.000 15.210 0 8   HYP C CA  1 ? 
HETATM 422 C C   . HYP C 1 8  ? 1.653  -21.036 5.686   1.000 12.697 0 8   HYP C C   1 ? 
HETATM 423 O O   . HYP C 1 8  ? 2.876  -21.089 5.976   1.000 12.699 0 8   HYP C O   1 ? 
HETATM 424 C CB  . HYP C 1 8  ? 0.269  -20.566 7.726   1.000 16.197 0 8   HYP C CB  1 ? 
HETATM 425 C CG  . HYP C 1 8  ? 0.169  -21.406 8.989   1.000 19.822 0 8   HYP C CG  1 ? 
HETATM 426 C CD  . HYP C 1 8  ? 1.261  -22.449 8.823   1.000 18.285 0 8   HYP C CD  1 ? 
HETATM 427 O OD1 . HYP C 1 8  ? -1.089 -22.060 9.035   1.000 25.049 0 8   HYP C OD1 1 ? 
ATOM   428 N N   . GLY C 1 9  ? 1.171  -20.472 4.600   1.000 11.483 0 9   GLY C N   1 ? 
ATOM   429 C CA  . GLY C 1 9  ? 2.090  -19.820 3.668   1.000 10.728 0 9   GLY C CA  1 ? 
ATOM   430 C C   . GLY C 1 9  ? 2.653  -18.526 4.267   1.000 10.639 0 9   GLY C C   1 ? 
ATOM   431 O O   . GLY C 1 9  ? 2.279  -18.064 5.353   1.000 12.243 0 9   GLY C O   1 ? 
ATOM   432 N N   . PRO C 1 10 ? 3.635  -17.970 3.558   1.000 10.116 0 10  PRO C N   1 ? 
ATOM   433 C CA  . PRO C 1 10 ? 4.282  -16.742 3.997   1.000 10.438 0 10  PRO C CA  1 ? 
ATOM   434 C C   . PRO C 1 10 ? 3.354  -15.544 3.845   1.000 9.832  0 10  PRO C C   1 ? 
ATOM   435 O O   . PRO C 1 10 ? 2.404  -15.565 3.065   1.000 10.162 0 10  PRO C O   1 ? 
ATOM   436 C CB  . PRO C 1 10 ? 5.487  -16.631 3.095   1.000 10.692 0 10  PRO C CB  1 ? 
ATOM   437 C CG  . PRO C 1 10 ? 5.105  -17.380 1.864   1.000 12.732 0 10  PRO C CG  1 ? 
ATOM   438 C CD  . PRO C 1 10 ? 4.198  -18.514 2.319   1.000 11.901 0 10  PRO C CD  1 ? 
ATOM   439 N N   . ARG C 1 11 ? 3.650  -14.532 4.646   1.000 10.537 0 11  ARG C N   1 ? 
ATOM   440 C CA  . ARG C 1 11 ? 2.906  -13.247 4.571   1.000 11.055 0 11  ARG C CA  1 ? 
ATOM   441 C C   . ARG C 1 11 ? 3.027  -12.699 3.163   1.000 10.631 0 11  ARG C C   1 ? 
ATOM   442 O O   . ARG C 1 11 ? 4.081  -12.755 2.521   1.000 12.198 0 11  ARG C O   1 ? 
ATOM   443 C CB  . ARG C 1 11 ? 3.409  -12.314 5.663   1.000 12.131 0 11  ARG C CB  1 ? 
ATOM   444 C CG  . ARG C 1 11 ? 2.647  -10.985 5.697   1.000 12.880 0 11  ARG C CG  1 ? 
ATOM   445 C CD  . ARG C 1 11 ? 3.063  -10.073 6.832   1.000 12.677 0 11  ARG C CD  1 ? 
ATOM   446 N NE  . ARG C 1 11 ? 3.033  -10.737 8.122   1.000 14.229 0 11  ARG C NE  1 ? 
ATOM   447 C CZ  . ARG C 1 11 ? 1.982  -10.848 8.909   1.000 13.167 0 11  ARG C CZ  1 ? 
ATOM   448 N NH1 . ARG C 1 11 ? 0.817  -10.340 8.548   1.000 13.798 0 11  ARG C NH1 1 ? 
ATOM   449 N NH2 . ARG C 1 11 ? 2.053  -11.552 10.036  1.000 13.595 0 11  ARG C NH2 1 ? 
ATOM   450 N N   . GLY C 1 12 ? 1.931  -12.076 2.727   1.000 9.529  0 12  GLY C N   1 ? 
ATOM   451 C CA  . GLY C 1 12 ? 1.929  -11.465 1.398   1.000 10.052 0 12  GLY C CA  1 ? 
ATOM   452 C C   . GLY C 1 12 ? 2.808  -10.210 1.343   1.000 9.549  0 12  GLY C C   1 ? 
ATOM   453 O O   . GLY C 1 12 ? 3.274  -9.678  2.380   1.000 10.549 0 12  GLY C O   1 ? 
ATOM   454 N N   . ASP C 1 13 ? 3.021  -9.767  0.126   1.000 9.578  0 13  ASP C N   1 ? 
ATOM   455 C CA  . ASP C 1 13 ? 3.828  -8.565  -0.140  1.000 9.905  0 13  ASP C CA  1 ? 
ATOM   456 C C   . ASP C 1 13 ? 3.137  -7.289  0.364   1.000 10.742 0 13  ASP C C   1 ? 
ATOM   457 O O   . ASP C 1 13 ? 1.911  -7.221  0.485   1.000 9.846  0 13  ASP C O   1 ? 
ATOM   458 C CB  . ASP C 1 13 ? 4.143  -8.503  -1.625  1.000 11.488 0 13  ASP C CB  1 ? 
ATOM   459 C CG  . ASP C 1 13 ? 5.014  -9.643  -2.142  1.000 13.704 0 13  ASP C CG  1 ? 
ATOM   460 O OD1 . ASP C 1 13 ? 5.830  -10.164 -1.333  1.000 14.719 0 13  ASP C OD1 1 ? 
ATOM   461 O OD2 . ASP C 1 13 ? 4.863  -10.023 -3.338  1.000 15.755 0 13  ASP C OD2 1 ? 
ATOM   462 N N   . LYS C 1 14 ? 3.959  -6.285  0.615   1.000 11.092 0 14  LYS C N   1 ? 
ATOM   463 C CA  . LYS C 1 14 ? 3.476  -4.952  1.030   1.000 11.780 0 14  LYS C CA  1 ? 
ATOM   464 C C   . LYS C 1 14 ? 2.615  -4.373  -0.078  1.000 10.430 0 14  LYS C C   1 ? 
ATOM   465 O O   . LYS C 1 14 ? 2.876  -4.594  -1.267  1.000 10.476 0 14  LYS C O   1 ? 
ATOM   466 C CB  . LYS C 1 14 ? 4.686  -4.066  1.341   1.000 13.300 0 14  LYS C CB  1 ? 
ATOM   467 C CG  . LYS C 1 14 ? 4.363  -2.708  1.932   1.000 15.522 0 14  LYS C CG  1 ? 
ATOM   468 C CD  . LYS C 1 14 ? 5.585  -1.851  2.108   1.000 18.677 0 14  LYS C CD  1 ? 
ATOM   469 C CE  . LYS C 1 14 ? 5.293  -0.621  2.926   1.000 21.605 0 14  LYS C CE  1 ? 
ATOM   470 N NZ  . LYS C 1 14 ? 4.410  -0.905  4.083   1.000 22.393 0 14  LYS C NZ  1 ? 
ATOM   471 N N   . GLY C 1 15 ? 1.618  -3.609  0.344   1.000 10.208 0 15  GLY C N   1 ? 
ATOM   472 C CA  . GLY C 1 15 ? 0.741  -2.919  -0.619  1.000 9.894  0 15  GLY C CA  1 ? 
ATOM   473 C C   . GLY C 1 15 ? 1.467  -1.834  -1.413  1.000 9.965  0 15  GLY C C   1 ? 
ATOM   474 O O   . GLY C 1 15 ? 2.549  -1.406  -1.038  1.000 9.093  0 15  GLY C O   1 ? 
ATOM   475 N N   . GLU C 1 16 ? 0.851  -1.418  -2.505  1.000 10.577 0 16  GLU C N   1 ? 
ATOM   476 C CA  . GLU C 1 16 ? 1.411  -0.352  -3.370  1.000 11.522 0 16  GLU C CA  1 ? 
ATOM   477 C C   . GLU C 1 16 ? 1.378  0.959   -2.588  1.000 10.439 0 16  GLU C C   1 ? 
ATOM   478 O O   . GLU C 1 16 ? 0.450  1.190   -1.789  1.000 11.049 0 16  GLU C O   1 ? 
ATOM   479 C CB  . GLU C 1 16 ? 0.622  -0.272  -4.661  1.000 15.142 0 16  GLU C CB  1 ? 
ATOM   480 C CG  . GLU C 1 16 ? -0.874 -0.123  -4.522  1.000 22.029 0 16  GLU C CG  1 ? 
ATOM   481 C CD  . GLU C 1 16 ? -1.623 0.209   -5.811  1.000 26.272 0 16  GLU C CD  1 ? 
ATOM   482 O OE1 . GLU C 1 16 ? -2.897 0.089   -5.842  1.000 31.746 0 16  GLU C OE1 1 ? 
ATOM   483 O OE2 . GLU C 1 16 ? -0.952 0.589   -6.802  1.000 35.810 0 16  GLU C OE2 1 ? 
ATOM   484 N N   . THR C 1 17 ? 2.340  1.820   -2.887  1.000 10.176 0 17  THR C N   1 ? 
ATOM   485 C CA  . THR C 1 17 ? 2.394  3.185   -2.315  1.000 9.530  0 17  THR C CA  1 ? 
ATOM   486 C C   . THR C 1 17 ? 1.180  3.962   -2.823  1.000 8.867  0 17  THR C C   1 ? 
ATOM   487 O O   . THR C 1 17 ? 0.817  3.816   -3.969  1.000 9.825  0 17  THR C O   1 ? 
ATOM   488 C CB  . THR C 1 17 ? 3.730  3.827   -2.679  1.000 10.350 0 17  THR C CB  1 ? 
ATOM   489 O OG1 . THR C 1 17 ? 4.782  2.984   -2.185  1.000 11.986 0 17  THR C OG1 1 ? 
ATOM   490 C CG2 . THR C 1 17 ? 3.817  5.212   -2.091  1.000 10.610 0 17  THR C CG2 1 ? 
ATOM   491 N N   . GLY C 1 18 ? 0.620  4.796   -1.959  1.000 9.183  0 18  GLY C N   1 ? 
ATOM   492 C CA  . GLY C 1 18 ? -0.515 5.638   -2.363  1.000 9.830  0 18  GLY C CA  1 ? 
ATOM   493 C C   . GLY C 1 18 ? -0.084 6.658   -3.405  1.000 10.153 0 18  GLY C C   1 ? 
ATOM   494 O O   . GLY C 1 18 ? 1.109  6.916   -3.612  1.000 10.786 0 18  GLY C O   1 ? 
ATOM   495 N N   . GLU C 1 19 ? -1.065 7.182   -4.105  1.000 10.535 0 19  GLU C N   1 ? 
ATOM   496 C CA  A GLU C 1 19 ? -0.810 8.208   -5.144  0.500 11.018 0 19  GLU C CA  1 ? 
ATOM   497 C CA  B GLU C 1 19 ? -0.798 8.207   -5.144  0.500 11.039 0 19  GLU C CA  1 ? 
ATOM   498 C C   . GLU C 1 19 ? -0.470 9.536   -4.478  1.000 10.000 0 19  GLU C C   1 ? 
ATOM   499 O O   . GLU C 1 19 ? -0.751 9.744   -3.284  1.000 10.120 0 19  GLU C O   1 ? 
ATOM   500 C CB  A GLU C 1 19 ? -1.973 8.276   -6.119  0.500 12.697 0 19  GLU C CB  1 ? 
ATOM   501 C CB  B GLU C 1 19 ? -1.958 8.358   -6.118  0.500 13.479 0 19  GLU C CB  1 ? 
ATOM   502 C CG  A GLU C 1 19 ? -2.004 7.041   -7.019  0.500 12.392 0 19  GLU C CG  1 ? 
ATOM   503 C CG  B GLU C 1 19 ? -3.307 7.965   -5.545  0.500 15.350 0 19  GLU C CG  1 ? 
ATOM   504 C CD  A GLU C 1 19 ? -2.759 7.189   -8.329  0.500 13.952 0 19  GLU C CD  1 ? 
ATOM   505 C CD  B GLU C 1 19 ? -4.286 7.364   -6.538  0.500 17.380 0 19  GLU C CD  1 ? 
ATOM   506 O OE1 A GLU C 1 19 ? -3.859 7.792   -8.321  0.500 16.946 0 19  GLU C OE1 1 ? 
ATOM   507 O OE1 B GLU C 1 19 ? -3.941 7.239   -7.728  0.500 19.589 0 19  GLU C OE1 1 ? 
ATOM   508 O OE2 A GLU C 1 19 ? -2.264 6.671   -9.359  0.500 14.901 0 19  GLU C OE2 1 ? 
ATOM   509 O OE2 B GLU C 1 19 ? -5.408 7.047   -6.112  0.500 17.314 0 19  GLU C OE2 1 ? 
ATOM   510 N N   . ARG C 1 20 ? 0.164  10.368  -5.280  1.000 11.099 0 20  ARG C N   1 ? 
ATOM   511 C CA  . ARG C 1 20 ? 0.518  11.724  -4.856  1.000 11.580 0 20  ARG C CA  1 ? 
ATOM   512 C C   . ARG C 1 20 ? -0.760 12.482  -4.492  1.000 10.207 0 20  ARG C C   1 ? 
ATOM   513 O O   . ARG C 1 20 ? -1.827 12.261  -5.124  1.000 12.139 0 20  ARG C O   1 ? 
ATOM   514 C CB  . ARG C 1 20 ? 1.275  12.370  -6.005  1.000 13.913 0 20  ARG C CB  1 ? 
ATOM   515 C CG  . ARG C 1 20 ? 1.635  13.823  -5.724  1.000 15.829 0 20  ARG C CG  1 ? 
ATOM   516 C CD  . ARG C 1 20 ? 2.607  14.453  -6.694  1.000 16.995 0 20  ARG C CD  1 ? 
ATOM   517 N NE  . ARG C 1 20 ? 3.900  13.786  -6.622  1.000 20.233 0 20  ARG C NE  1 ? 
ATOM   518 C CZ  . ARG C 1 20 ? 4.920  13.987  -7.428  1.000 19.131 0 20  ARG C CZ  1 ? 
ATOM   519 N NH1 . ARG C 1 20 ? 6.056  13.316  -7.214  1.000 15.950 0 20  ARG C NH1 1 ? 
ATOM   520 N NH2 . ARG C 1 20 ? 4.823  14.936  -8.356  1.000 20.451 0 20  ARG C NH2 1 ? 
ATOM   521 N N   . GLY C 1 21 ? -0.651 13.361  -3.496  1.000 10.915 0 21  GLY C N   1 ? 
ATOM   522 C CA  . GLY C 1 21 ? -1.817 14.181  -3.106  1.000 11.226 0 21  GLY C CA  1 ? 
ATOM   523 C C   . GLY C 1 21 ? -2.172 15.163  -4.205  1.000 12.239 0 21  GLY C C   1 ? 
ATOM   524 O O   . GLY C 1 21 ? -1.437 15.405  -5.166  1.000 13.230 0 21  GLY C O   1 ? 
ATOM   525 N N   . PRO C 1 22 ? -3.332 15.806  -4.030  1.000 14.342 0 22  PRO C N   1 ? 
ATOM   526 C CA  . PRO C 1 22 ? -3.778 16.794  -4.987  1.000 15.601 0 22  PRO C CA  1 ? 
ATOM   527 C C   . PRO C 1 22 ? -2.953 18.077  -4.930  1.000 17.204 0 22  PRO C C   1 ? 
ATOM   528 O O   . PRO C 1 22 ? -2.242 18.350  -3.960  1.000 16.633 0 22  PRO C O   1 ? 
ATOM   529 C CB  . PRO C 1 22 ? -5.227 17.016  -4.576  1.000 17.881 0 22  PRO C CB  1 ? 
ATOM   530 C CG  . PRO C 1 22 ? -5.238 16.781  -3.108  1.000 18.567 0 22  PRO C CG  1 ? 
ATOM   531 C CD  . PRO C 1 22 ? -4.233 15.674  -2.881  1.000 14.795 0 22  PRO C CD  1 ? 
HETATM 532 N N   . HYP C 1 23 ? -3.025 18.892  -6.004  1.000 19.259 0 23  HYP C N   1 ? 
HETATM 533 C CA  . HYP C 1 23 ? -2.348 20.184  -6.038  1.000 17.743 0 23  HYP C CA  1 ? 
HETATM 534 C C   . HYP C 1 23 ? -2.937 21.082  -4.952  1.000 18.990 0 23  HYP C C   1 ? 
HETATM 535 O O   . HYP C 1 23 ? -4.111 20.923  -4.582  1.000 18.321 0 23  HYP C O   1 ? 
HETATM 536 C CB  . HYP C 1 23 ? -2.696 20.699  -7.439  1.000 19.847 0 23  HYP C CB  1 ? 
HETATM 537 C CG  . HYP C 1 23 ? -3.062 19.446  -8.221  1.000 22.337 0 23  HYP C CG  1 ? 
HETATM 538 C CD  . HYP C 1 23 ? -3.827 18.653  -7.218  1.000 22.542 0 23  HYP C CD  1 ? 
HETATM 539 O OD1 . HYP C 1 23 ? -1.886 18.747  -8.609  1.000 27.992 0 23  HYP C OD1 1 ? 
ATOM   540 N N   . GLY C 1 24 ? -2.101 21.977  -4.448  1.000 17.690 0 24  GLY C N   1 ? 
ATOM   541 C CA  . GLY C 1 24 ? -2.553 23.003  -3.497  1.000 18.154 0 24  GLY C CA  1 ? 
ATOM   542 C C   . GLY C 1 24 ? -3.484 24.014  -4.149  1.000 18.436 0 24  GLY C C   1 ? 
ATOM   543 O O   . GLY C 1 24 ? -3.641 24.074  -5.363  1.000 18.260 0 24  GLY C O   1 ? 
ATOM   544 N N   . PRO C 1 25 ? -4.087 24.877  -3.322  1.000 19.446 0 25  PRO C N   1 ? 
ATOM   545 C CA  . PRO C 1 25 ? -4.962 25.914  -3.845  1.000 20.257 0 25  PRO C CA  1 ? 
ATOM   546 C C   . PRO C 1 25 ? -4.128 27.017  -4.499  1.000 21.603 0 25  PRO C C   1 ? 
ATOM   547 O O   . PRO C 1 25 ? -2.914 27.098  -4.297  1.000 20.548 0 25  PRO C O   1 ? 
ATOM   548 C CB  . PRO C 1 25 ? -5.677 26.387  -2.585  1.000 22.053 0 25  PRO C CB  1 ? 
ATOM   549 C CG  . PRO C 1 25 ? -4.652 26.224  -1.512  1.000 23.108 0 25  PRO C CG  1 ? 
ATOM   550 C CD  . PRO C 1 25 ? -3.964 24.918  -1.859  1.000 21.066 0 25  PRO C CD  1 ? 
HETATM 551 N N   . HYP C 1 26 ? -4.757 27.897  -5.299  1.000 23.213 0 26  HYP C N   1 ? 
HETATM 552 C CA  . HYP C 1 26 ? -4.059 29.060  -5.848  1.000 23.410 0 26  HYP C CA  1 ? 
HETATM 553 C C   . HYP C 1 26 ? -3.426 29.899  -4.730  1.000 24.016 0 26  HYP C C   1 ? 
HETATM 554 O O   . HYP C 1 26 ? -3.959 29.933  -3.637  1.000 26.371 0 26  HYP C O   1 ? 
HETATM 555 C CB  . HYP C 1 26 ? -5.196 29.808  -6.557  1.000 25.337 0 26  HYP C CB  1 ? 
HETATM 556 C CG  . HYP C 1 26 ? -6.166 28.703  -6.931  1.000 25.538 0 26  HYP C CG  1 ? 
HETATM 557 C CD  . HYP C 1 26 ? -6.176 27.851  -5.688  1.000 25.376 0 26  HYP C CD  1 ? 
HETATM 558 O OD1 . HYP C 1 26 ? -5.657 28.008  -8.059  1.000 30.796 0 26  HYP C OD1 1 ? 
ATOM   559 N N   . GLY C 1 27 ? -2.311 30.563  -5.035  1.000 26.436 0 27  GLY C N   1 ? 
ATOM   560 C CA  . GLY C 1 27 ? -1.612 31.443  -4.081  1.000 29.997 0 27  GLY C CA  1 ? 
ATOM   561 C C   . GLY C 1 27 ? -2.417 32.700  -3.759  1.000 33.459 0 27  GLY C C   1 ? 
ATOM   562 O O   . GLY C 1 27 ? -3.480 32.950  -4.327  1.000 29.638 0 27  GLY C O   1 ? 
ATOM   563 N N   . PRO C 1 28 ? -1.912 33.536  -2.828  1.000 35.079 0 28  PRO C N   1 ? 
ATOM   564 C CA  . PRO C 1 28 ? -2.552 34.812  -2.510  1.000 36.461 0 28  PRO C CA  1 ? 
ATOM   565 C C   . PRO C 1 28 ? -2.530 35.738  -3.719  1.000 39.317 0 28  PRO C C   1 ? 
ATOM   566 O O   . PRO C 1 28 ? -1.709 35.556  -4.622  1.000 34.236 0 28  PRO C O   1 ? 
ATOM   567 C CB  . PRO C 1 28 ? -1.715 35.412  -1.371  1.000 37.539 0 28  PRO C CB  1 ? 
ATOM   568 C CG  . PRO C 1 28 ? -0.413 34.624  -1.373  1.000 40.201 0 28  PRO C CG  1 ? 
ATOM   569 C CD  . PRO C 1 28 ? -0.689 33.298  -2.047  1.000 38.196 0 28  PRO C CD  1 ? 
HETATM 570 N N   . HYP C 1 29 ? -3.416 36.761  -3.755  1.000 44.712 0 29  HYP C N   1 ? 
HETATM 571 C CA  . HYP C 1 29 ? -3.331 37.824  -4.753  1.000 45.692 0 29  HYP C CA  1 ? 
HETATM 572 C C   . HYP C 1 29 ? -2.118 38.740  -4.521  1.000 45.214 0 29  HYP C C   1 ? 
HETATM 573 O O   . HYP C 1 29 ? -1.544 39.230  -5.529  1.000 46.839 0 29  HYP C O   1 ? 
HETATM 574 C CB  . HYP C 1 29 ? -4.638 38.609  -4.549  1.000 47.880 0 29  HYP C CB  1 ? 
HETATM 575 C CG  . HYP C 1 29 ? -5.543 37.652  -3.788  1.000 47.876 0 29  HYP C CG  1 ? 
HETATM 576 C CD  . HYP C 1 29 ? -4.588 36.920  -2.877  1.000 48.718 0 29  HYP C CD  1 ? 
HETATM 577 O OD1 . HYP C 1 29 ? -6.158 36.759  -4.709  1.000 50.777 0 29  HYP C OD1 1 ? 
HETATM 578 S S   . SO4 D 2 .  ? 3.503  -19.216 -3.558  0.800 21.142 0 101 SO4 A S   1 ? 
HETATM 579 O O1  . SO4 D 2 .  ? 2.295  -18.463 -3.396  0.800 24.363 0 101 SO4 A O1  1 ? 
HETATM 580 O O2  . SO4 D 2 .  ? 3.128  -20.589 -3.246  0.800 24.187 0 101 SO4 A O2  1 ? 
HETATM 581 O O3  . SO4 D 2 .  ? 4.008  -19.242 -4.889  0.800 18.680 0 101 SO4 A O3  1 ? 
HETATM 582 O O4  . SO4 D 2 .  ? 4.533  -18.850 -2.623  0.800 17.971 0 101 SO4 A O4  1 ? 
HETATM 583 O O   . HOH E 3 .  ? 4.535  -5.492  -3.380  1.000 34.926 0 201 HOH A O   1 ? 
HETATM 584 O O   . HOH E 3 .  ? 1.142  -21.149 -4.550  1.000 39.084 0 202 HOH A O   1 ? 
HETATM 585 O O   . HOH E 3 .  ? 7.164  -23.274 4.630   1.000 22.204 0 203 HOH A O   1 ? 
HETATM 586 O O   . HOH E 3 .  ? -5.042 5.177   -1.687  1.000 30.388 0 204 HOH A O   1 ? 
HETATM 587 O O   . HOH E 3 .  ? -6.927 14.539  -0.994  1.000 36.324 0 205 HOH A O   1 ? 
HETATM 588 O O   . HOH E 3 .  ? -6.848 -14.264 -2.390  1.000 26.139 0 206 HOH A O   1 ? 
HETATM 589 O O   . HOH E 3 .  ? -5.412 14.979  -7.732  1.000 32.414 0 207 HOH A O   1 ? 
HETATM 590 O O   . HOH E 3 .  ? 6.240  -16.836 -2.795  1.000 17.940 0 208 HOH A O   1 ? 
HETATM 591 O O   . HOH E 3 .  ? -3.937 22.197  0.409   1.000 41.538 0 209 HOH A O   1 ? 
HETATM 592 O O   . HOH E 3 .  ? -8.690 7.691   2.984   1.000 38.243 0 210 HOH A O   1 ? 
HETATM 593 O O   . HOH E 3 .  ? -7.843 18.019  -0.806  1.000 31.131 0 211 HOH A O   1 ? 
HETATM 594 O O   . HOH E 3 .  ? -2.633 11.669  3.363   1.000 27.376 0 212 HOH A O   1 ? 
HETATM 595 O O   . HOH E 3 .  ? -5.182 14.230  0.441   1.000 20.033 0 213 HOH A O   1 ? 
HETATM 596 O O   . HOH E 3 .  ? 4.268  -20.478 -0.424  1.000 15.561 0 214 HOH A O   1 ? 
HETATM 597 O O   . HOH E 3 .  ? 6.594  -27.919 4.103   1.000 34.477 0 215 HOH A O   1 ? 
HETATM 598 O O   . HOH E 3 .  ? -8.109 -1.736  6.761   1.000 13.338 0 216 HOH A O   1 ? 
HETATM 599 O O   . HOH E 3 .  ? -7.561 11.843  1.718   1.000 32.104 0 217 HOH A O   1 ? 
HETATM 600 O O   . HOH E 3 .  ? 0.654  -2.480  -7.500  1.000 39.566 0 218 HOH A O   1 ? 
HETATM 601 O O   . HOH E 3 .  ? -5.039 10.770  -7.144  1.000 38.678 0 219 HOH A O   1 ? 
HETATM 602 O O   . HOH E 3 .  ? -3.268 -15.733 -1.017  1.000 28.488 0 220 HOH A O   1 ? 
HETATM 603 O O   . HOH E 3 .  ? -6.299 1.365   1.616   1.000 30.505 0 221 HOH A O   1 ? 
HETATM 604 O O   . HOH E 3 .  ? -5.393 9.678   2.079   1.000 22.522 0 222 HOH A O   1 ? 
HETATM 605 O O   . HOH E 3 .  ? -6.946 -9.351  0.236   1.000 47.216 0 223 HOH A O   1 ? 
HETATM 606 O O   . HOH E 3 .  ? -5.079 29.147  0.527   1.000 34.853 0 224 HOH A O   1 ? 
HETATM 607 O O   . HOH E 3 .  ? -6.515 7.416   0.155   1.000 30.789 0 225 HOH A O   1 ? 
HETATM 608 O O   . HOH E 3 .  ? -6.376 -1.713  -1.273  1.000 28.503 0 226 HOH A O   1 ? 
HETATM 609 O O   . HOH E 3 .  ? 4.018  27.835  -3.525  1.000 41.629 0 227 HOH A O   1 ? 
HETATM 610 O O   . HOH E 3 .  ? 3.246  27.385  0.082   1.000 42.449 0 228 HOH A O   1 ? 
HETATM 611 O O   . HOH E 3 .  ? 3.518  -23.257 -1.596  1.000 29.828 0 229 HOH A O   1 ? 
HETATM 612 O O   . HOH E 3 .  ? -7.314 3.673   1.886   1.000 35.463 0 230 HOH A O   1 ? 
HETATM 613 O O   . HOH E 3 .  ? -5.388 -15.365 1.026   1.000 38.129 0 231 HOH A O   1 ? 
HETATM 614 O O   . HOH E 3 .  ? 4.702  -14.794 -4.362  1.000 33.913 0 232 HOH A O   1 ? 
HETATM 615 O O   . HOH E 3 .  ? -8.129 9.045   -1.674  1.000 41.811 0 233 HOH A O   1 ? 
HETATM 616 O O   . HOH E 3 .  ? -0.649 -25.027 -1.212  1.000 44.134 0 234 HOH A O   1 ? 
HETATM 617 O O   . HOH E 3 .  ? 8.428  -27.448 2.150   1.000 43.904 0 235 HOH A O   1 ? 
HETATM 618 O O   . HOH E 3 .  ? -5.672 -3.247  -2.867  1.000 49.588 0 236 HOH A O   1 ? 
HETATM 619 O O   . HOH E 3 .  ? 9.282  -17.055 2.342   1.000 37.066 0 237 HOH A O   1 ? 
HETATM 620 O O   . HOH E 3 .  ? -6.455 2.687   -2.163  1.000 33.555 0 238 HOH A O   1 ? 
HETATM 621 O O   . HOH E 3 .  ? 6.742  -28.725 6.916   1.000 39.924 0 239 HOH A O   1 ? 
HETATM 622 O O   . HOH E 3 .  ? 4.321  -26.106 -2.821  1.000 41.776 0 240 HOH A O   1 ? 
HETATM 623 O O   . HOH E 3 .  ? 7.513  -23.200 7.271   1.000 38.435 0 241 HOH A O   1 ? 
HETATM 624 O O   . HOH E 3 .  ? -9.235 16.893  -3.636  1.000 49.919 0 242 HOH A O   1 ? 
HETATM 625 O O   . HOH E 3 .  ? -0.623 31.216  1.071   1.000 47.217 0 243 HOH A O   1 ? 
HETATM 626 O O   . HOH F 3 .  ? -1.031 -32.596 0.198   1.000 38.595 0 101 HOH B O   1 ? 
HETATM 627 O O   . HOH F 3 .  ? 0.373  -7.736  7.476   1.000 17.942 0 102 HOH B O   1 ? 
HETATM 628 O O   . HOH F 3 .  ? -1.031 7.969   6.322   1.000 35.937 0 103 HOH B O   1 ? 
HETATM 629 O O   . HOH F 3 .  ? -3.269 -24.733 0.226   1.000 32.727 0 104 HOH B O   1 ? 
HETATM 630 O O   . HOH F 3 .  ? -6.149 1.078   6.663   1.000 21.369 0 105 HOH B O   1 ? 
HETATM 631 O O   . HOH F 3 .  ? -2.275 -17.505 7.541   1.000 24.989 0 106 HOH B O   1 ? 
HETATM 632 O O   . HOH F 3 .  ? 5.901  -3.354  5.616   1.000 41.332 0 107 HOH B O   1 ? 
HETATM 633 O O   . HOH F 3 .  ? -4.694 32.053  -9.475  1.000 31.748 0 108 HOH B O   1 ? 
HETATM 634 O O   . HOH F 3 .  ? -3.112 -4.829  4.152   1.000 20.537 0 109 HOH B O   1 ? 
HETATM 635 O O   . HOH F 3 .  ? 1.471  1.951   5.787   1.000 27.524 0 110 HOH B O   1 ? 
HETATM 636 O O   . HOH F 3 .  ? 3.782  -7.374  3.991   1.000 15.174 0 111 HOH B O   1 ? 
HETATM 637 O O   . HOH F 3 .  ? 4.797  16.830  -4.927  1.000 27.295 0 112 HOH B O   1 ? 
HETATM 638 O O   . HOH F 3 .  ? 4.580  19.696  -1.489  1.000 41.421 0 113 HOH B O   1 ? 
HETATM 639 O O   . HOH F 3 .  ? 5.666  8.434   -0.434  1.000 21.140 0 114 HOH B O   1 ? 
HETATM 640 O O   . HOH F 3 .  ? -9.847 -6.263  0.631   1.000 43.176 0 115 HOH B O   1 ? 
HETATM 641 O O   . HOH F 3 .  ? -0.684 4.452   3.857   1.000 11.255 0 116 HOH B O   1 ? 
HETATM 642 O O   . HOH F 3 .  ? -0.258 -2.622  7.682   1.000 31.942 0 117 HOH B O   1 ? 
HETATM 643 O O   . HOH F 3 .  ? 5.981  -6.936  5.689   1.000 34.490 0 118 HOH B O   1 ? 
HETATM 644 O O   . HOH F 3 .  ? -1.864 4.202   6.216   1.000 28.975 0 119 HOH B O   1 ? 
HETATM 645 O O   . HOH F 3 .  ? -1.127 16.231  6.437   1.000 30.532 0 120 HOH B O   1 ? 
HETATM 646 O O   . HOH F 3 .  ? -4.345 -26.828 6.504   1.000 40.769 0 121 HOH B O   1 ? 
HETATM 647 O O   . HOH F 3 .  ? -2.057 21.549  3.348   1.000 45.150 0 122 HOH B O   1 ? 
HETATM 648 O O   . HOH F 3 .  ? -4.272 -18.116 -2.323  1.000 36.675 0 123 HOH B O   1 ? 
HETATM 649 O O   . HOH F 3 .  ? -7.324 -22.731 0.497   1.000 33.842 0 124 HOH B O   1 ? 
HETATM 650 O O   . HOH F 3 .  ? -6.374 -24.402 3.591   1.000 37.481 0 125 HOH B O   1 ? 
HETATM 651 O O   . HOH F 3 .  ? 5.969  19.450  -4.741  1.000 38.052 0 126 HOH B O   1 ? 
HETATM 652 O O   . HOH F 3 .  ? -2.338 22.952  -9.673  1.000 43.170 0 127 HOH B O   1 ? 
HETATM 653 O O   . HOH F 3 .  ? -0.614 2.253   7.295   1.000 36.498 0 128 HOH B O   1 ? 
HETATM 654 O O   . HOH F 3 .  ? 5.277  27.000  -6.861  1.000 41.521 0 129 HOH B O   1 ? 
HETATM 655 O O   . HOH G 3 .  ? -6.391 30.058  -2.725  1.000 40.536 0 101 HOH C O   1 ? 
HETATM 656 O O   . HOH G 3 .  ? -3.857 31.042  -1.278  1.000 38.726 0 102 HOH C O   1 ? 
HETATM 657 O O   . HOH G 3 .  ? -7.105 5.027   -6.319  1.000 20.939 0 103 HOH C O   1 ? 
HETATM 658 O O   . HOH G 3 .  ? -5.733 21.083  -2.477  1.000 51.092 0 104 HOH C O   1 ? 
HETATM 659 O O   . HOH G 3 .  ? -3.633 7.279   -11.589 1.000 17.794 0 105 HOH C O   1 ? 
HETATM 660 O O   . HOH G 3 .  ? 5.990  -11.185 1.174   1.000 32.659 0 106 HOH C O   1 ? 
HETATM 661 O O   . HOH G 3 .  ? 3.988  -12.346 -4.455  1.000 33.765 0 107 HOH C O   1 ? 
HETATM 662 O O   . HOH G 3 .  ? 2.526  16.157  -9.159  1.000 28.151 0 108 HOH C O   1 ? 
HETATM 663 O O   . HOH G 3 .  ? 2.028  4.450   -6.325  1.000 33.444 0 109 HOH C O   1 ? 
HETATM 664 O O   . HOH G 3 .  ? 2.853  8.015   -5.416  1.000 19.496 0 110 HOH C O   1 ? 
HETATM 665 O O   . HOH G 3 .  ? 6.707  -6.814  0.639   1.000 35.442 0 111 HOH C O   1 ? 
HETATM 666 O O   . HOH G 3 .  ? -5.029 23.520  -7.740  1.000 36.892 0 112 HOH C O   1 ? 
HETATM 667 O O   . HOH G 3 .  ? -1.546 -10.591 10.109  1.000 35.049 0 113 HOH C O   1 ? 
HETATM 668 O O   . HOH G 3 .  ? 4.143  0.855   -0.344  1.000 11.166 0 114 HOH C O   1 ? 
HETATM 669 O O   . HOH G 3 .  ? -5.966 29.605  -10.413 1.000 33.588 0 115 HOH C O   1 ? 
HETATM 670 O O   . HOH G 3 .  ? 1.490  -11.165 -1.859  1.000 14.398 0 116 HOH C O   1 ? 
HETATM 671 O O   . HOH G 3 .  ? -6.689 25.324  -8.024  1.000 45.459 0 117 HOH C O   1 ? 
HETATM 672 O O   . HOH G 3 .  ? -1.503 3.583   -5.662  1.000 23.474 0 118 HOH C O   1 ? 
HETATM 673 O O   . HOH G 3 .  ? 5.311  -20.960 4.425   1.000 27.826 0 119 HOH C O   1 ? 
HETATM 674 O O   . HOH G 3 .  ? 0.927  9.512   -7.935  1.000 39.460 0 120 HOH C O   1 ? 
HETATM 675 O O   . HOH G 3 .  ? -4.103 4.552   -5.402  1.000 34.051 0 121 HOH C O   1 ? 
HETATM 676 O O   . HOH G 3 .  ? 5.001  -2.054  -2.468  1.000 22.082 0 122 HOH C O   1 ? 
HETATM 677 O O   . HOH G 3 .  ? 5.540  -14.900 6.882   1.000 17.694 0 123 HOH C O   1 ? 
HETATM 678 O O   . HOH G 3 .  ? -3.768 6.156   -3.247  1.000 25.741 0 124 HOH C O   1 ? 
HETATM 679 O O   . HOH G 3 .  ? 6.708  -12.976 3.997   1.000 27.346 0 125 HOH C O   1 ? 
HETATM 680 O O   . HOH G 3 .  ? 6.912  0.537   -0.616  1.000 41.248 0 126 HOH C O   1 ? 
HETATM 681 O O   . HOH G 3 .  ? 2.762  12.254  -9.696  1.000 36.055 0 127 HOH C O   1 ? 
HETATM 682 O O   . HOH G 3 .  ? 6.609  15.279  -4.154  1.000 45.698 0 128 HOH C O   1 ? 
HETATM 683 O O   . HOH G 3 .  ? -7.340 23.598  -5.023  1.000 47.923 0 129 HOH C O   1 ? 
HETATM 684 O O   . HOH G 3 .  ? -7.575 19.214  -3.399  1.000 46.852 0 130 HOH C O   1 ? 
HETATM 685 O O   . HOH G 3 .  ? -5.698 2.984   -5.347  1.000 29.940 0 131 HOH C O   1 ? 
HETATM 686 O O   . HOH G 3 .  ? 2.779  13.566  -11.928 1.000 29.870 0 132 HOH C O   1 ? 
HETATM 687 O O   . HOH G 3 .  ? 1.431  20.381  -11.098 1.000 50.815 0 133 HOH C O   1 ? 
HETATM 688 O O   . HOH G 3 .  ? -0.951 10.874  -10.541 1.000 46.048 0 134 HOH C O   1 ? 
HETATM 689 O O   . HOH G 3 .  ? 2.181  7.173   -8.162  1.000 38.120 0 135 HOH C O   1 ? 
# 
loop_
_atom_site_anisotrop.id 
_atom_site_anisotrop.type_symbol 
_atom_site_anisotrop.pdbx_label_atom_id 
_atom_site_anisotrop.pdbx_label_alt_id 
_atom_site_anisotrop.pdbx_label_comp_id 
_atom_site_anisotrop.pdbx_label_asym_id 
_atom_site_anisotrop.pdbx_label_seq_id 
_atom_site_anisotrop.pdbx_PDB_ins_code 
_atom_site_anisotrop.U[1][1] 
_atom_site_anisotrop.U[2][2] 
_atom_site_anisotrop.U[3][3] 
_atom_site_anisotrop.U[1][2] 
_atom_site_anisotrop.U[1][3] 
_atom_site_anisotrop.U[2][3] 
_atom_site_anisotrop.pdbx_auth_seq_id 
_atom_site_anisotrop.pdbx_auth_comp_id 
_atom_site_anisotrop.pdbx_auth_asym_id 
_atom_site_anisotrop.pdbx_auth_atom_id 
1   N N   . GLY A 3  ? 0.6820 0.1910 0.7529 -0.1451 0.1292  0.0729  3   GLY A N   
2   C CA  . GLY A 3  ? 0.6371 0.3495 0.7274 -0.0453 0.0926  0.0683  3   GLY A CA  
3   C C   . GLY A 3  ? 0.5566 0.3604 0.7559 -0.0186 0.0886  0.0006  3   GLY A C   
4   O O   . GLY A 3  ? 0.5557 0.2732 0.7312 0.0137  0.0293  -0.0156 3   GLY A O   
5   N N   . PRO A 4  ? 0.5732 0.3008 0.7849 0.0569  0.0807  0.0532  4   PRO A N   
6   C CA  . PRO A 4  ? 0.5155 0.2763 0.7952 0.1013  0.0813  0.0740  4   PRO A CA  
7   C C   . PRO A 4  ? 0.4439 0.2778 0.7753 0.0743  0.0672  0.0861  4   PRO A C   
8   O O   . PRO A 4  ? 0.4238 0.2015 0.7777 0.0752  0.1018  0.0797  4   PRO A O   
9   C CB  . PRO A 4  ? 0.5323 0.3376 0.8051 0.0887  0.0706  0.0814  4   PRO A CB  
10  C CG  . PRO A 4  ? 0.5198 0.2963 0.8139 0.0941  0.0751  0.0779  4   PRO A CG  
11  C CD  . PRO A 4  ? 0.5567 0.3333 0.7800 0.0676  0.0866  0.0630  4   PRO A CD  
12  N N   . HYP A 5  ? 0.4387 0.2907 0.7796 0.0710  0.0315  0.0973  5   HYP A N   
13  C CA  . HYP A 5  ? 0.4039 0.2780 0.6991 0.0667  0.0220  0.1366  5   HYP A CA  
14  C C   . HYP A 5  ? 0.2723 0.2109 0.6487 0.0480  0.0727  0.0660  5   HYP A C   
15  O O   . HYP A 5  ? 0.3856 0.1698 0.6975 0.0921  0.1398  0.0818  5   HYP A O   
16  C CB  . HYP A 5  ? 0.4512 0.3253 0.7276 0.0505  -0.0215 0.1619  5   HYP A CB  
17  C CG  . HYP A 5  ? 0.4475 0.3257 0.7558 0.0748  -0.0157 0.1315  5   HYP A CG  
18  C CD  . HYP A 5  ? 0.4518 0.3075 0.7687 0.0668  -0.0128 0.1469  5   HYP A CD  
19  O OD1 . HYP A 5  ? 0.5150 0.3577 0.7493 -0.0323 -0.0058 0.1570  5   HYP A OD1 
20  N N   . GLY A 6  ? 0.2824 0.0813 0.5473 0.0341  0.0569  0.0678  6   GLY A N   
21  C CA  . GLY A 6  ? 0.3196 0.0814 0.5240 0.0706  0.0469  0.0429  6   GLY A CA  
22  C C   . GLY A 6  ? 0.2682 0.1227 0.5151 0.0761  0.0426  0.0358  6   GLY A C   
23  O O   . GLY A 6  ? 0.2304 0.0804 0.5201 0.0831  0.0444  0.0536  6   GLY A O   
24  N N   . PRO A 7  ? 0.2973 0.0829 0.5028 0.0541  0.0490  0.0445  7   PRO A N   
25  C CA  . PRO A 7  ? 0.3223 0.0685 0.4611 0.0531  0.0584  0.0416  7   PRO A CA  
26  C C   . PRO A 7  ? 0.2793 0.0718 0.4429 0.0533  0.0613  0.0531  7   PRO A C   
27  O O   . PRO A 7  ? 0.2932 0.0346 0.3462 0.0537  0.0566  0.0538  7   PRO A O   
28  C CB  . PRO A 7  ? 0.3657 0.1438 0.4885 0.0581  0.0562  -0.0029 7   PRO A CB  
29  C CG  . PRO A 7  ? 0.3893 0.1652 0.4996 0.0557  0.0250  0.0284  7   PRO A CG  
30  C CD  . PRO A 7  ? 0.3660 0.1027 0.5273 0.0705  0.0331  0.0173  7   PRO A CD  
31  N N   . HYP A 8  ? 0.2654 0.0683 0.4053 0.0664  0.0733  0.0787  8   HYP A N   
32  C CA  . HYP A 8  ? 0.2609 0.0653 0.3779 0.0468  0.0469  0.0658  8   HYP A CA  
33  C C   . HYP A 8  ? 0.2630 0.0488 0.3192 0.0123  0.0353  0.0522  8   HYP A C   
34  O O   . HYP A 8  ? 0.3133 0.0827 0.3370 0.0550  0.0293  0.0361  8   HYP A O   
35  C CB  . HYP A 8  ? 0.2834 0.0937 0.3590 0.0426  0.0623  0.1233  8   HYP A CB  
36  C CG  . HYP A 8  ? 0.2628 0.1602 0.3650 0.0515  0.0670  0.0722  8   HYP A CG  
37  C CD  . HYP A 8  ? 0.2785 0.1758 0.4127 0.0402  0.0803  0.0721  8   HYP A CD  
38  O OD1 . HYP A 8  ? 0.2934 0.2079 0.3977 0.0658  0.0391  0.1584  8   HYP A OD1 
39  N N   . GLY A 9  ? 0.2297 0.0174 0.2899 0.0078  -0.0016 0.0543  9   GLY A N   
40  C CA  . GLY A 9  ? 0.2334 0.0185 0.2821 0.0041  -0.0103 0.0479  9   GLY A CA  
41  C C   . GLY A 9  ? 0.2427 0.0110 0.2803 -0.0046 -0.0102 0.0353  9   GLY A C   
42  O O   . GLY A 9  ? 0.2440 0.0096 0.2443 0.0264  -0.0211 0.0055  9   GLY A O   
43  N N   . PRO A 10 ? 0.2180 0.0187 0.2742 -0.0031 -0.0126 0.0174  10  PRO A N   
44  C CA  . PRO A 10 ? 0.2116 0.0082 0.2642 0.0067  -0.0285 0.0173  10  PRO A CA  
45  C C   . PRO A 10 ? 0.1687 0.0216 0.2258 0.0000  -0.0277 0.0182  10  PRO A C   
46  O O   . PRO A 10 ? 0.1646 0.0153 0.2370 0.0075  -0.0292 0.0429  10  PRO A O   
47  C CB  . PRO A 10 ? 0.2235 0.0164 0.2752 0.0044  -0.0332 0.0152  10  PRO A CB  
48  C CG  . PRO A 10 ? 0.2387 0.0506 0.2977 0.0128  -0.0199 0.0298  10  PRO A CG  
49  C CD  . PRO A 10 ? 0.2073 0.0170 0.3067 0.0225  -0.0146 0.0023  10  PRO A CD  
50  N N   . ARG A 11 ? 0.1781 0.0082 0.2416 0.0147  -0.0154 0.0118  11  ARG A N   
51  C CA  . ARG A 11 ? 0.1699 0.0118 0.2343 0.0257  -0.0240 0.0143  11  ARG A CA  
52  C C   . ARG A 11 ? 0.1471 0.0405 0.2264 0.0120  -0.0221 0.0057  11  ARG A C   
53  O O   . ARG A 11 ? 0.1833 0.0405 0.2572 0.0198  -0.0449 0.0071  11  ARG A O   
54  C CB  . ARG A 11 ? 0.1882 0.0197 0.2441 0.0348  -0.0151 0.0258  11  ARG A CB  
55  C CG  . ARG A 11 ? 0.2021 0.0257 0.2752 0.0246  0.0050  0.0140  11  ARG A CG  
56  C CD  . ARG A 11 ? 0.2229 0.0658 0.2983 -0.0033 0.0218  0.0132  11  ARG A CD  
57  N NE  . ARG A 11 ? 0.2314 0.0999 0.3028 0.0072  0.0116  0.0190  11  ARG A NE  
58  C CZ  . ARG A 11 ? 0.2074 0.1430 0.3146 -0.0046 0.0027  0.0118  11  ARG A CZ  
59  N NH1 . ARG A 11 ? 0.2201 0.1373 0.3397 -0.0003 -0.0073 0.0082  11  ARG A NH1 
60  N NH2 . ARG A 11 ? 0.2750 0.1062 0.3468 0.0029  0.0293  0.0114  11  ARG A NH2 
61  N N   . GLY A 12 ? 0.1570 0.0232 0.2158 0.0436  -0.0235 0.0234  12  GLY A N   
62  C CA  . GLY A 12 ? 0.1231 0.0503 0.2106 0.0374  -0.0312 0.0342  12  GLY A CA  
63  C C   . GLY A 12 ? 0.1313 0.0467 0.2190 0.0274  -0.0352 0.0376  12  GLY A C   
64  O O   . GLY A 12 ? 0.1201 0.0445 0.2584 0.0113  -0.0312 0.0266  12  GLY A O   
65  N N   . ASP A 13 ? 0.1250 0.0391 0.2290 0.0191  -0.0450 0.0316  13  ASP A N   
66  C CA  . ASP A 13 ? 0.1358 0.0459 0.2353 0.0098  -0.0478 0.0415  13  ASP A CA  
67  C C   . ASP A 13 ? 0.1228 0.0256 0.2155 0.0309  -0.0585 0.0285  13  ASP A C   
68  O O   . ASP A 13 ? 0.1405 0.0407 0.2198 0.0159  -0.0718 0.0669  13  ASP A O   
69  C CB  . ASP A 13 ? 0.1293 0.0954 0.2594 0.0121  -0.0675 0.0338  13  ASP A CB  
70  C CG  . ASP A 13 ? 0.1622 0.0994 0.3404 -0.0080 -0.0599 0.0364  13  ASP A CG  
71  O OD1 . ASP A 13 ? 0.2072 0.1477 0.3631 -0.0017 -0.0470 0.0192  13  ASP A OD1 
72  O OD2 . ASP A 13 ? 0.1851 0.3064 0.4305 -0.0056 -0.0166 0.0366  13  ASP A OD2 
73  N N   . LYS A 14 ? 0.1296 0.0235 0.2129 0.0189  -0.0655 0.0262  14  LYS A N   
74  C CA  A LYS A 14 ? 0.1483 0.0174 0.2193 0.0194  -0.0516 0.0303  14  LYS A CA  
75  C CA  B LYS A 14 ? 0.1512 0.0209 0.2179 0.0156  -0.0501 0.0288  14  LYS A CA  
76  C C   . LYS A 14 ? 0.1276 0.0275 0.2178 0.0255  -0.0539 0.0415  14  LYS A C   
77  O O   . LYS A 14 ? 0.1165 0.0310 0.2625 0.0265  -0.0638 0.0241  14  LYS A O   
78  C CB  A LYS A 14 ? 0.1666 0.0225 0.2189 0.0366  -0.0496 0.0283  14  LYS A CB  
79  C CB  B LYS A 14 ? 0.1767 0.0312 0.2170 0.0232  -0.0451 0.0250  14  LYS A CB  
80  C CG  A LYS A 14 ? 0.1807 0.0278 0.2405 0.0337  -0.0530 0.0338  14  LYS A CG  
81  C CG  B LYS A 14 ? 0.1975 0.0488 0.2377 0.0071  -0.0461 0.0289  14  LYS A CG  
82  C CD  A LYS A 14 ? 0.1978 0.0898 0.2454 0.0486  -0.0540 0.0399  14  LYS A CD  
83  C CD  B LYS A 14 ? 0.2215 0.1179 0.2427 0.0135  -0.0467 0.0355  14  LYS A CD  
84  C CE  A LYS A 14 ? 0.2143 0.1046 0.2631 0.0339  -0.0551 0.0537  14  LYS A CE  
85  C CE  B LYS A 14 ? 0.2463 0.1381 0.2575 -0.0090 -0.0392 0.0356  14  LYS A CE  
86  N NZ  A LYS A 14 ? 0.2528 0.1105 0.2767 0.0281  -0.0353 0.0643  14  LYS A NZ  
87  N NZ  B LYS A 14 ? 0.2394 0.1639 0.2766 -0.0181 -0.0301 0.0264  14  LYS A NZ  
88  N N   . GLY A 15 ? 0.1223 0.0165 0.2142 0.0082  -0.0363 0.0414  15  GLY A N   
89  C CA  . GLY A 15 ? 0.1262 0.0178 0.2050 0.0183  -0.0371 0.0340  15  GLY A CA  
90  C C   . GLY A 15 ? 0.1352 0.0145 0.2233 0.0155  -0.0518 0.0287  15  GLY A C   
91  O O   . GLY A 15 ? 0.1353 0.0180 0.2237 0.0242  -0.0574 0.0256  15  GLY A O   
92  N N   . GLU A 16 ? 0.1502 0.0182 0.2616 0.0208  -0.0320 0.0428  16  GLU A N   
93  C CA  . GLU A 16 ? 0.1437 0.0281 0.3043 0.0444  -0.0465 0.0262  16  GLU A CA  
94  C C   . GLU A 16 ? 0.1443 0.0367 0.2750 0.0444  -0.0588 0.0435  16  GLU A C   
95  O O   . GLU A 16 ? 0.1297 0.0222 0.2721 0.0365  -0.0429 0.0224  16  GLU A O   
96  C CB  . GLU A 16 ? 0.2093 0.0778 0.3529 0.0610  -0.0065 0.0179  16  GLU A CB  
97  C CG  . GLU A 16 ? 0.2903 0.1334 0.3714 0.0265  -0.0157 0.0330  16  GLU A CG  
98  C CD  . GLU A 16 ? 0.3094 0.1871 0.4555 0.0695  0.0025  0.0173  16  GLU A CD  
99  O OE1 . GLU A 16 ? 0.3701 0.2885 0.4654 0.0418  0.0872  0.0130  16  GLU A OE1 
100 O OE2 . GLU A 16 ? 0.3450 0.3598 0.5912 0.1254  -0.0615 0.1085  16  GLU A OE2 
101 N N   . THR A 17 ? 0.1676 0.0244 0.2809 0.0261  -0.0679 0.0463  17  THR A N   
102 C CA  . THR A 17 ? 0.1690 0.0392 0.2688 0.0244  -0.0529 0.0531  17  THR A CA  
103 C C   . THR A 17 ? 0.1142 0.0297 0.2541 0.0192  -0.0203 0.0618  17  THR A C   
104 O O   . THR A 17 ? 0.0926 0.0223 0.2750 -0.0051 -0.0040 0.0662  17  THR A O   
105 C CB  . THR A 17 ? 0.2202 0.0485 0.2903 0.0612  -0.0611 0.0599  17  THR A CB  
106 O OG1 . THR A 17 ? 0.3461 0.0722 0.3187 0.0409  -0.0513 0.0435  17  THR A OG1 
107 C CG2 . THR A 17 ? 0.2457 0.0841 0.2793 0.0520  -0.0430 0.0812  17  THR A CG2 
108 N N   . GLY A 18 ? 0.1143 0.0238 0.2459 0.0138  -0.0272 0.0562  18  GLY A N   
109 C CA  . GLY A 18 ? 0.1094 0.0200 0.2437 0.0051  -0.0252 0.0548  18  GLY A CA  
110 C C   . GLY A 18 ? 0.1042 0.0283 0.2294 0.0079  -0.0164 0.0664  18  GLY A C   
111 O O   . GLY A 18 ? 0.1306 0.0312 0.2392 0.0007  -0.0257 0.0609  18  GLY A O   
112 N N   . GLU A 19 ? 0.1175 0.0196 0.2569 0.0184  0.0035  0.0507  19  GLU A N   
113 C CA  . GLU A 19 ? 0.1253 0.0381 0.2656 0.0373  -0.0023 0.0709  19  GLU A CA  
114 C C   . GLU A 19 ? 0.1016 0.0496 0.2447 0.0251  0.0059  0.0621  19  GLU A C   
115 O O   . GLU A 19 ? 0.0973 0.0197 0.2350 -0.0043 -0.0049 0.0546  19  GLU A O   
116 C CB  . GLU A 19 ? 0.1509 0.0357 0.2774 0.0406  0.0052  0.0705  19  GLU A CB  
117 C CG  . GLU A 19 ? 0.1651 0.0595 0.2915 0.0641  0.0180  0.0947  19  GLU A CG  
118 C CD  . GLU A 19 ? 0.1659 0.0773 0.3188 0.0640  0.0181  0.1135  19  GLU A CD  
119 O OE1 . GLU A 19 ? 0.2299 0.0829 0.3682 0.0943  0.0146  0.1093  19  GLU A OE1 
120 O OE2 . GLU A 19 ? 0.1997 0.0769 0.3643 0.0329  0.0238  0.1076  19  GLU A OE2 
121 N N   . ARG A 20 ? 0.1246 0.0294 0.2880 0.0181  0.0058  0.0767  20  ARG A N   
122 C CA  A ARG A 20 ? 0.1521 0.0285 0.2634 0.0159  0.0010  0.0722  20  ARG A CA  
123 C CA  B ARG A 20 ? 0.1497 0.0293 0.2670 0.0156  -0.0046 0.0748  20  ARG A CA  
124 C C   . ARG A 20 ? 0.1537 0.0376 0.2497 0.0339  -0.0070 0.0622  20  ARG A C   
125 O O   . ARG A 20 ? 0.1967 0.0221 0.2492 0.0070  0.0195  0.0624  20  ARG A O   
126 C CB  A ARG A 20 ? 0.1627 0.0525 0.2738 0.0213  -0.0173 0.0733  20  ARG A CB  
127 C CB  B ARG A 20 ? 0.1627 0.0611 0.2862 0.0208  -0.0304 0.0751  20  ARG A CB  
128 C CG  A ARG A 20 ? 0.2085 0.0546 0.2839 0.0142  -0.0085 0.0752  20  ARG A CG  
129 C CG  B ARG A 20 ? 0.2085 0.0648 0.3077 0.0134  -0.0317 0.0830  20  ARG A CG  
130 C CD  A ARG A 20 ? 0.2003 0.1235 0.3061 0.0172  -0.0152 0.0768  20  ARG A CD  
131 C CD  B ARG A 20 ? 0.2099 0.1217 0.3434 0.0151  -0.0572 0.0738  20  ARG A CD  
132 N NE  A ARG A 20 ? 0.2513 0.1415 0.3192 0.0313  -0.0002 0.0720  20  ARG A NE  
133 N NE  B ARG A 20 ? 0.2386 0.1620 0.3534 0.0091  -0.0532 0.0761  20  ARG A NE  
134 C CZ  A ARG A 20 ? 0.2751 0.2267 0.3192 0.0695  -0.0081 0.0608  20  ARG A CZ  
135 C CZ  B ARG A 20 ? 0.2836 0.0801 0.3862 0.0007  -0.0625 0.0464  20  ARG A CZ  
136 N NH1 A ARG A 20 ? 0.3121 0.2071 0.3388 0.0854  -0.0288 0.0630  20  ARG A NH1 
137 N NH1 B ARG A 20 ? 0.2942 0.0625 0.4123 0.0090  -0.0509 0.0691  20  ARG A NH1 
138 N NH2 A ARG A 20 ? 0.2675 0.3057 0.3327 0.0738  -0.0006 0.0519  20  ARG A NH2 
139 N NH2 B ARG A 20 ? 0.2943 0.1730 0.4147 0.0189  -0.0458 0.0637  20  ARG A NH2 
140 N N   . GLY A 21 ? 0.1701 0.0189 0.2480 0.0168  -0.0042 0.0510  21  GLY A N   
141 C CA  . GLY A 21 ? 0.1602 0.0540 0.2348 0.0099  -0.0168 0.0354  21  GLY A CA  
142 C C   . GLY A 21 ? 0.1867 0.0277 0.2637 -0.0086 -0.0078 0.0538  21  GLY A C   
143 O O   . GLY A 21 ? 0.1796 0.0128 0.2766 -0.0014 0.0102  0.0404  21  GLY A O   
144 N N   . PRO A 22 ? 0.2271 0.0147 0.2612 0.0207  0.0032  0.0266  22  PRO A N   
145 C CA  . PRO A 22 ? 0.2479 0.0140 0.2541 0.0108  0.0213  0.0191  22  PRO A CA  
146 C C   . PRO A 22 ? 0.2556 0.0157 0.2307 0.0310  0.0047  0.0134  22  PRO A C   
147 O O   . PRO A 22 ? 0.2392 0.0239 0.2279 0.0395  0.0034  0.0497  22  PRO A O   
148 C CB  . PRO A 22 ? 0.2755 0.0441 0.2714 0.0199  0.0025  0.0295  22  PRO A CB  
149 C CG  . PRO A 22 ? 0.2560 0.0652 0.2978 -0.0032 -0.0118 0.0263  22  PRO A CG  
150 C CD  . PRO A 22 ? 0.2186 0.0261 0.2902 0.0099  -0.0061 0.0523  22  PRO A CD  
151 N N   . HYP A 23 ? 0.2679 0.0209 0.2782 0.0427  0.0263  0.0354  23  HYP A N   
152 C CA  . HYP A 23 ? 0.2660 0.0492 0.2518 0.0226  -0.0054 0.0367  23  HYP A CA  
153 C C   . HYP A 23 ? 0.2673 0.0491 0.2436 0.0408  -0.0288 0.0454  23  HYP A C   
154 O O   . HYP A 23 ? 0.2728 0.0301 0.2631 0.0028  -0.0356 0.0405  23  HYP A O   
155 C CB  . HYP A 23 ? 0.2826 0.0658 0.3016 0.0281  0.0038  0.0250  23  HYP A CB  
156 C CG  . HYP A 23 ? 0.2871 0.0833 0.3006 0.0545  0.0470  0.0104  23  HYP A CG  
157 C CD  . HYP A 23 ? 0.2818 0.1049 0.2913 0.0213  0.0356  0.0227  23  HYP A CD  
158 O OD1 . HYP A 23 ? 0.3558 0.1206 0.3876 0.0244  0.0077  -0.0037 23  HYP A OD1 
159 N N   . GLY A 24 ? 0.2600 0.0405 0.2614 0.0396  -0.0178 0.0431  24  GLY A N   
160 C CA  . GLY A 24 ? 0.2677 0.0363 0.2640 0.0342  -0.0213 0.0561  24  GLY A CA  
161 C C   . GLY A 24 ? 0.2667 0.0473 0.2870 0.0445  -0.0289 0.0495  24  GLY A C   
162 O O   . GLY A 24 ? 0.2644 0.0418 0.2618 0.0110  -0.0283 0.0377  24  GLY A O   
163 N N   . PRO A 25 ? 0.3027 0.0206 0.3596 0.0370  -0.0449 0.0530  25  PRO A N   
164 C CA  . PRO A 25 ? 0.3265 0.0342 0.3553 -0.0020 -0.0589 0.0170  25  PRO A CA  
165 C C   . PRO A 25 ? 0.3240 0.0956 0.3364 0.0012  -0.0582 0.0332  25  PRO A C   
166 O O   . PRO A 25 ? 0.2983 0.0529 0.3418 0.0159  -0.0481 0.0396  25  PRO A O   
167 C CB  . PRO A 25 ? 0.3246 0.1007 0.3757 -0.0184 -0.0582 0.0385  25  PRO A CB  
168 C CG  . PRO A 25 ? 0.2989 0.1113 0.3768 -0.0060 -0.0617 0.0351  25  PRO A CG  
169 C CD  . PRO A 25 ? 0.3083 0.0402 0.3525 0.0439  -0.0386 0.0551  25  PRO A CD  
170 N N   . HYP A 26 ? 0.4166 0.0582 0.3352 0.0004  -0.0610 0.0633  26  HYP A N   
171 C CA  . HYP A 26 ? 0.4077 0.0432 0.3551 0.0262  -0.0586 0.0537  26  HYP A CA  
172 C C   . HYP A 26 ? 0.3719 0.0939 0.3863 -0.0012 -0.0665 0.0478  26  HYP A C   
173 O O   . HYP A 26 ? 0.3865 0.0967 0.4509 0.0259  -0.1067 0.1044  26  HYP A O   
174 C CB  . HYP A 26 ? 0.4310 0.1357 0.3523 0.0245  -0.0314 0.0105  26  HYP A CB  
175 C CG  . HYP A 26 ? 0.4569 0.0741 0.3530 0.0284  -0.0418 0.0226  26  HYP A CG  
176 C CD  . HYP A 26 ? 0.4351 0.0903 0.3466 0.0266  -0.0703 0.0210  26  HYP A CD  
177 O OD1 . HYP A 26 ? 0.4592 0.1994 0.3664 0.0321  -0.0285 0.0422  26  HYP A OD1 
178 N N   . GLY A 27 ? 0.3724 0.1112 0.3924 -0.0130 -0.0887 0.0365  27  GLY A N   
179 C CA  . GLY A 27 ? 0.4250 0.0626 0.4483 0.0002  -0.0522 0.0987  27  GLY A CA  
180 C C   . GLY A 27 ? 0.4080 0.1191 0.4839 -0.0097 -0.0866 0.0864  27  GLY A C   
181 O O   . GLY A 27 ? 0.4319 0.1688 0.4982 -0.0301 -0.1055 0.0565  27  GLY A O   
182 N N   . PRO A 28 ? 0.4207 0.0820 0.5982 -0.0718 -0.0662 0.1095  28  PRO A N   
183 C CA  . PRO A 28 ? 0.4712 0.0912 0.6246 -0.1163 -0.0456 0.1454  28  PRO A CA  
184 C C   . PRO A 28 ? 0.4061 0.2610 0.6459 -0.0409 -0.0823 0.1037  28  PRO A C   
185 O O   . PRO A 28 ? 0.3921 0.1793 0.5856 -0.0038 -0.0547 0.0934  28  PRO A O   
186 C CB  . PRO A 28 ? 0.4887 0.1935 0.6508 -0.0316 -0.0344 0.1081  28  PRO A CB  
187 C CG  . PRO A 28 ? 0.4905 0.2039 0.6426 -0.0481 -0.0252 0.1007  28  PRO A CG  
188 C CD  . PRO A 28 ? 0.4674 0.1512 0.5984 -0.0433 -0.0625 0.0947  28  PRO A CD  
189 N N   . HYP A 29 ? 0.5191 0.1866 0.6674 -0.0224 -0.1227 0.1638  29  HYP A N   
190 C CA  . HYP A 29 ? 0.5414 0.2132 0.6863 -0.0021 -0.1113 0.1631  29  HYP A CA  
191 C C   . HYP A 29 ? 0.5542 0.2479 0.6869 -0.0057 -0.0941 0.1694  29  HYP A C   
192 O O   . HYP A 29 ? 0.5648 0.2691 0.6921 -0.0164 -0.0734 0.1452  29  HYP A O   
193 C CB  . HYP A 29 ? 0.5803 0.1953 0.6784 0.0106  -0.1155 0.1531  29  HYP A CB  
194 C CG  . HYP A 29 ? 0.5757 0.2661 0.6452 -0.0201 -0.1398 0.1688  29  HYP A CG  
195 C CD  . HYP A 29 ? 0.5565 0.2678 0.6766 -0.0266 -0.1358 0.1651  29  HYP A CD  
196 O OD1 . HYP A 29 ? 0.6590 0.3553 0.5897 0.0173  -0.1123 0.1693  29  HYP A OD1 
197 N N   . GLY A 30 ? 0.5971 0.3513 0.6366 -0.0142 -0.1251 0.2238  30  GLY A N   
198 C CA  . GLY A 30 ? 0.6906 0.2548 0.6525 0.0300  -0.1248 0.2172  30  GLY A CA  
199 C C   . GLY A 30 ? 0.7026 0.3075 0.7229 -0.0268 -0.0944 0.1782  30  GLY A C   
200 O O   . GLY A 30 ? 0.7095 0.3022 0.8413 -0.0468 -0.0992 0.1364  30  GLY A O   
201 O OXT . GLY A 30 ? 0.7051 0.4155 0.6924 -0.0461 -0.0689 0.2038  30  GLY A OXT 
202 N N   . HYP B 2  ? 0.8618 0.3217 0.8515 0.1068  -0.0558 -0.0299 2   HYP B N   
203 C CA  . HYP B 2  ? 0.8033 0.3042 0.7936 0.0450  -0.0378 0.0384  2   HYP B CA  
204 C C   . HYP B 2  ? 0.7504 0.3035 0.6321 -0.0256 -0.0458 -0.0126 2   HYP B C   
205 O O   . HYP B 2  ? 0.7550 0.3179 0.6941 -0.0046 -0.0570 -0.0444 2   HYP B O   
206 C CB  . HYP B 2  ? 0.8327 0.3667 0.7766 0.1145  -0.0501 0.0062  2   HYP B CB  
207 C CG  . HYP B 2  ? 0.8522 0.4118 0.8190 0.0982  -0.0492 -0.0541 2   HYP B CG  
208 C CD  . HYP B 2  ? 0.8079 0.3691 0.8530 0.1225  -0.0793 -0.0630 2   HYP B CD  
209 O OD1 . HYP B 2  ? 0.8691 0.3650 0.9099 0.0825  -0.0462 0.0377  2   HYP B OD1 
210 N N   . GLY B 3  ? 0.5829 0.1575 0.5886 -0.0500 -0.0187 0.0524  3   GLY B N   
211 C CA  . GLY B 3  ? 0.4997 0.0949 0.5764 -0.1037 -0.0737 0.0225  3   GLY B CA  
212 C C   . GLY B 3  ? 0.4901 0.1480 0.5488 -0.0797 -0.0811 0.0351  3   GLY B C   
213 O O   . GLY B 3  ? 0.5598 0.2009 0.5433 -0.0380 -0.0682 0.0565  3   GLY B O   
214 N N   . PRO B 4  ? 0.4761 0.1062 0.6187 -0.0774 -0.1087 0.0160  4   PRO B N   
215 C CA  . PRO B 4  ? 0.4706 0.1946 0.6117 -0.0401 -0.1127 0.0267  4   PRO B CA  
216 C C   . PRO B 4  ? 0.4552 0.1576 0.5062 -0.0111 -0.1213 -0.0169 4   PRO B C   
217 O O   . PRO B 4  ? 0.3689 0.0470 0.5451 0.0290  -0.1385 0.0321  4   PRO B O   
218 C CB  . PRO B 4  ? 0.4793 0.2727 0.6360 -0.0057 -0.1172 0.0276  4   PRO B CB  
219 C CG  . PRO B 4  ? 0.4589 0.2032 0.6509 0.0258  -0.1445 0.0725  4   PRO B CG  
220 C CD  . PRO B 4  ? 0.4772 0.1747 0.6371 0.0256  -0.0983 0.0293  4   PRO B CD  
221 N N   . HYP B 5  ? 0.4479 0.1346 0.4966 0.0249  -0.0946 -0.0103 5   HYP B N   
222 C CA  . HYP B 5  ? 0.3795 0.1827 0.5068 0.0137  -0.0594 -0.0081 5   HYP B CA  
223 C C   . HYP B 5  ? 0.2744 0.1225 0.4721 -0.0477 -0.0406 0.0135  5   HYP B C   
224 O O   . HYP B 5  ? 0.2820 0.0512 0.5118 -0.0769 -0.0256 0.0349  5   HYP B O   
225 C CB  . HYP B 5  ? 0.4552 0.2686 0.5271 0.0274  -0.0679 0.0189  5   HYP B CB  
226 C CG  . HYP B 5  ? 0.4672 0.2188 0.5100 0.0727  -0.1117 0.0503  5   HYP B CG  
227 C CD  . HYP B 5  ? 0.4876 0.2438 0.4966 0.0115  -0.0900 -0.0140 5   HYP B CD  
228 O OD1 . HYP B 5  ? 0.4821 0.3588 0.4572 0.0988  -0.0864 0.1065  5   HYP B OD1 
229 N N   . GLY B 6  ? 0.2244 0.0603 0.4032 0.0034  -0.0415 0.0220  6   GLY B N   
230 C CA  . GLY B 6  ? 0.2087 0.0649 0.3634 -0.0104 -0.0370 0.0312  6   GLY B CA  
231 C C   . GLY B 6  ? 0.1794 0.0639 0.3407 -0.0293 -0.0347 0.0348  6   GLY B C   
232 O O   . GLY B 6  ? 0.1874 0.0510 0.3506 -0.0336 -0.0206 0.0129  6   GLY B O   
233 N N   . PRO B 7  ? 0.1771 0.0395 0.3514 -0.0032 -0.0398 0.0488  7   PRO B N   
234 C CA  . PRO B 7  ? 0.1398 0.0499 0.3554 0.0047  -0.0290 0.0300  7   PRO B CA  
235 C C   . PRO B 7  ? 0.1461 0.0888 0.3271 -0.0200 -0.0352 0.0270  7   PRO B C   
236 O O   . PRO B 7  ? 0.1369 0.0921 0.3150 -0.0036 -0.0091 0.0251  7   PRO B O   
237 C CB  . PRO B 7  ? 0.1775 0.1382 0.3653 -0.0211 -0.0157 0.0248  7   PRO B CB  
238 C CG  . PRO B 7  ? 0.1778 0.1571 0.3831 0.0309  -0.0140 0.0087  7   PRO B CG  
239 C CD  . PRO B 7  ? 0.2109 0.0749 0.3632 -0.0083 -0.0352 0.0363  7   PRO B CD  
240 N N   . HYP B 8  ? 0.1440 0.0932 0.3468 -0.0057 -0.0372 0.0152  8   HYP B N   
241 C CA  . HYP B 8  ? 0.1513 0.0891 0.3146 -0.0004 -0.0454 0.0211  8   HYP B CA  
242 C C   . HYP B 8  ? 0.1491 0.0601 0.2688 0.0067  -0.0107 0.0385  8   HYP B C   
243 O O   . HYP B 8  ? 0.1672 0.0242 0.2787 0.0191  0.0023  0.0225  8   HYP B O   
244 C CB  . HYP B 8  ? 0.1906 0.1091 0.3263 0.0166  -0.0582 0.0369  8   HYP B CB  
245 C CG  . HYP B 8  ? 0.1479 0.1758 0.3552 0.0217  -0.0658 0.0041  8   HYP B CG  
246 C CD  . HYP B 8  ? 0.1493 0.1528 0.3640 0.0087  -0.0397 -0.0008 8   HYP B CD  
247 O OD1 . HYP B 8  ? 0.2234 0.2242 0.3944 0.0024  -0.0478 -0.0335 8   HYP B OD1 
248 N N   . GLY B 9  ? 0.1525 0.0210 0.2415 0.0101  -0.0157 0.0324  9   GLY B N   
249 C CA  . GLY B 9  ? 0.1496 0.0217 0.2277 0.0146  -0.0290 0.0513  9   GLY B CA  
250 C C   . GLY B 9  ? 0.1389 0.0176 0.2365 0.0112  -0.0186 0.0464  9   GLY B C   
251 O O   . GLY B 9  ? 0.1355 0.0107 0.2488 0.0091  -0.0174 0.0267  9   GLY B O   
252 N N   . PRO B 10 ? 0.1279 0.0149 0.2342 0.0208  -0.0035 0.0342  10  PRO B N   
253 C CA  . PRO B 10 ? 0.1307 0.0181 0.2372 0.0298  0.0004  0.0337  10  PRO B CA  
254 C C   . PRO B 10 ? 0.1021 0.0379 0.2200 0.0129  -0.0005 0.0351  10  PRO B C   
255 O O   . PRO B 10 ? 0.0940 0.0368 0.2102 0.0434  -0.0087 0.0395  10  PRO B O   
256 C CB  . PRO B 10 ? 0.1556 0.0269 0.2414 0.0062  0.0119  0.0390  10  PRO B CB  
257 C CG  . PRO B 10 ? 0.1516 0.0532 0.2512 -0.0032 -0.0107 0.0358  10  PRO B CG  
258 C CD  . PRO B 10 ? 0.1292 0.0410 0.2388 0.0117  -0.0087 0.0397  10  PRO B CD  
259 N N   . ARG B 11 ? 0.1177 0.0281 0.2512 0.0173  0.0038  0.0481  11  ARG B N   
260 C CA  . ARG B 11 ? 0.1308 0.0476 0.2435 0.0163  -0.0189 0.0564  11  ARG B CA  
261 C C   . ARG B 11 ? 0.1383 0.0212 0.2035 0.0277  -0.0212 0.0369  11  ARG B C   
262 O O   . ARG B 11 ? 0.1468 0.0234 0.2118 0.0047  -0.0276 0.0283  11  ARG B O   
263 C CB  . ARG B 11 ? 0.1302 0.0683 0.3025 0.0202  -0.0230 0.0455  11  ARG B CB  
264 C CG  . ARG B 11 ? 0.1529 0.0934 0.3437 0.0451  -0.0256 0.0691  11  ARG B CG  
265 C CD  . ARG B 11 ? 0.1813 0.1100 0.3957 0.0847  -0.0242 0.0568  11  ARG B CD  
266 N NE  . ARG B 11 ? 0.2256 0.1749 0.4135 0.0357  -0.0252 0.0739  11  ARG B NE  
267 C CZ  . ARG B 11 ? 0.2508 0.2416 0.4606 0.0424  -0.0322 0.1235  11  ARG B CZ  
268 N NH1 . ARG B 11 ? 0.2657 0.3404 0.5189 0.0565  -0.0139 0.0713  11  ARG B NH1 
269 N NH2 . ARG B 11 ? 0.3434 0.1778 0.4789 -0.0115 -0.0313 0.1031  11  ARG B NH2 
270 N N   . GLY B 12 ? 0.1193 0.0175 0.1942 0.0266  -0.0241 0.0251  12  GLY B N   
271 C CA  . GLY B 12 ? 0.1212 0.0177 0.1971 0.0210  -0.0197 0.0330  12  GLY B CA  
272 C C   . GLY B 12 ? 0.1258 0.0241 0.2051 0.0355  -0.0140 0.0328  12  GLY B C   
273 O O   . GLY B 12 ? 0.1274 0.0184 0.2442 0.0267  -0.0108 0.0354  12  GLY B O   
274 N N   . ASP B 13 ? 0.1501 0.0212 0.2107 0.0257  -0.0257 0.0410  13  ASP B N   
275 C CA  . ASP B 13 ? 0.1644 0.0153 0.2173 0.0214  -0.0327 0.0208  13  ASP B CA  
276 C C   . ASP B 13 ? 0.1424 0.0407 0.1880 0.0195  -0.0198 0.0241  13  ASP B C   
277 O O   . ASP B 13 ? 0.1364 0.0111 0.1936 0.0218  -0.0296 0.0091  13  ASP B O   
278 C CB  . ASP B 13 ? 0.1938 0.0529 0.2463 -0.0115 -0.0494 0.0380  13  ASP B CB  
279 C CG  . ASP B 13 ? 0.2171 0.1135 0.2464 0.0124  -0.0584 0.0443  13  ASP B CG  
280 O OD1 . ASP B 13 ? 0.2006 0.0855 0.2838 0.0062  -0.0709 0.0254  13  ASP B OD1 
281 O OD2 . ASP B 13 ? 0.2381 0.1949 0.2759 -0.0308 -0.0579 0.0715  13  ASP B OD2 
282 N N   . LYS B 14 ? 0.1807 0.0170 0.1803 0.0213  -0.0293 0.0324  14  LYS B N   
283 C CA  . LYS B 14 ? 0.1638 0.0206 0.1986 0.0271  -0.0169 0.0413  14  LYS B CA  
284 C C   . LYS B 14 ? 0.1587 0.0181 0.2033 0.0229  -0.0220 0.0375  14  LYS B C   
285 O O   . LYS B 14 ? 0.1654 0.0200 0.2316 0.0237  -0.0296 0.0422  14  LYS B O   
286 C CB  . LYS B 14 ? 0.1525 0.0529 0.2075 0.0432  0.0061  0.0639  14  LYS B CB  
287 C CG  . LYS B 14 ? 0.1827 0.0390 0.2413 0.0309  0.0171  0.0822  14  LYS B CG  
288 C CD  . LYS B 14 ? 0.1805 0.0813 0.2492 0.0161  0.0324  0.0821  14  LYS B CD  
289 C CE  . LYS B 14 ? 0.2069 0.0790 0.2850 0.0127  0.0393  0.1070  14  LYS B CE  
290 N NZ  . LYS B 14 ? 0.2296 0.0909 0.2976 0.0199  0.0329  0.1150  14  LYS B NZ  
291 N N   . GLY B 15 ? 0.1494 0.0200 0.2116 0.0281  -0.0153 0.0374  15  GLY B N   
292 C CA  . GLY B 15 ? 0.1433 0.0261 0.2027 0.0192  -0.0309 0.0526  15  GLY B CA  
293 C C   . GLY B 15 ? 0.1561 0.0229 0.1950 0.0281  -0.0271 0.0352  15  GLY B C   
294 O O   . GLY B 15 ? 0.1697 0.0115 0.2028 0.0102  -0.0171 0.0285  15  GLY B O   
295 N N   . GLU B 16 ? 0.1642 0.0166 0.2161 0.0215  -0.0209 0.0375  16  GLU B N   
296 C CA  A GLU B 16 ? 0.1653 0.0224 0.2334 0.0177  -0.0389 0.0314  16  GLU B CA  
297 C CA  B GLU B 16 ? 0.1636 0.0231 0.2363 0.0180  -0.0376 0.0307  16  GLU B CA  
298 C C   . GLU B 16 ? 0.1351 0.0393 0.2085 0.0153  -0.0410 0.0187  16  GLU B C   
299 O O   . GLU B 16 ? 0.1369 0.0261 0.1999 0.0390  -0.0433 0.0250  16  GLU B O   
300 C CB  A GLU B 16 ? 0.1627 0.0514 0.2599 0.0209  -0.0440 0.0339  16  GLU B CB  
301 C CB  B GLU B 16 ? 0.1583 0.0538 0.2679 0.0297  -0.0436 0.0376  16  GLU B CB  
302 C CG  A GLU B 16 ? 0.1806 0.0637 0.2847 0.0063  -0.0437 0.0439  16  GLU B CG  
303 C CG  B GLU B 16 ? 0.1675 0.0892 0.3083 0.0523  -0.0390 0.0524  16  GLU B CG  
304 C CD  A GLU B 16 ? 0.1953 0.0785 0.3302 0.0236  -0.0227 0.0286  16  GLU B CD  
305 C CD  B GLU B 16 ? 0.2290 0.1799 0.3151 0.0322  -0.0514 0.0561  16  GLU B CD  
306 O OE1 A GLU B 16 ? 0.2200 0.1412 0.3738 -0.0142 -0.0078 -0.0225 16  GLU B OE1 
307 O OE1 B GLU B 16 ? 0.2500 0.1858 0.4092 0.0379  -0.0525 0.0999  16  GLU B OE1 
308 O OE2 A GLU B 16 ? 0.1746 0.1557 0.3977 -0.0085 -0.0318 0.0256  16  GLU B OE2 
309 O OE2 B GLU B 16 ? 0.2410 0.1761 0.3049 0.0434  -0.0669 0.1044  16  GLU B OE2 
310 N N   . THR B 17 ? 0.1397 0.0195 0.2198 0.0241  -0.0405 0.0363  17  THR B N   
311 C CA  . THR B 17 ? 0.1225 0.0240 0.2155 0.0242  -0.0444 0.0402  17  THR B CA  
312 C C   . THR B 17 ? 0.1161 0.0228 0.2120 0.0323  -0.0332 0.0263  17  THR B C   
313 O O   . THR B 17 ? 0.1228 0.0238 0.2444 0.0144  -0.0308 0.0560  17  THR B O   
314 C CB  . THR B 17 ? 0.1487 0.0272 0.2192 0.0342  -0.0249 0.0462  17  THR B CB  
315 O OG1 . THR B 17 ? 0.1724 0.0204 0.2032 0.0272  -0.0212 0.0378  17  THR B OG1 
316 C CG2 . THR B 17 ? 0.1476 0.0192 0.2112 0.0276  -0.0365 0.0312  17  THR B CG2 
317 N N   . GLY B 18 ? 0.1201 0.0208 0.2231 0.0169  -0.0303 0.0448  18  GLY B N   
318 C CA  . GLY B 18 ? 0.1196 0.0325 0.2099 0.0352  -0.0151 0.0493  18  GLY B CA  
319 C C   . GLY B 18 ? 0.1300 0.0366 0.2244 0.0443  -0.0189 0.0432  18  GLY B C   
320 O O   . GLY B 18 ? 0.1514 0.0264 0.2302 0.0118  -0.0335 0.0441  18  GLY B O   
321 N N   . GLU B 19 ? 0.1573 0.0218 0.2709 0.0183  -0.0148 0.0581  19  GLU B N   
322 C CA  . GLU B 19 ? 0.1567 0.0109 0.2973 0.0086  -0.0202 0.0315  19  GLU B CA  
323 C C   . GLU B 19 ? 0.1612 0.0213 0.2595 0.0140  -0.0444 0.0525  19  GLU B C   
324 O O   . GLU B 19 ? 0.1425 0.0143 0.2791 0.0115  -0.0445 0.0394  19  GLU B O   
325 C CB  . GLU B 19 ? 0.2313 0.0611 0.3616 -0.0345 0.0233  0.0423  19  GLU B CB  
326 C CG  . GLU B 19 ? 0.2480 0.1702 0.3897 0.0011  0.0218  0.0379  19  GLU B CG  
327 C CD  . GLU B 19 ? 0.3019 0.2261 0.3760 0.0590  0.0194  0.0092  19  GLU B CD  
328 O OE1 . GLU B 19 ? 0.2875 0.2371 0.4325 0.1081  0.0226  0.0509  19  GLU B OE1 
329 O OE2 . GLU B 19 ? 0.3587 0.2061 0.3742 0.0350  0.0099  0.1008  19  GLU B OE2 
330 N N   . ARG B 20 ? 0.1690 0.0277 0.2603 0.0144  -0.0558 0.0624  20  ARG B N   
331 C CA  . ARG B 20 ? 0.1562 0.0346 0.2682 0.0352  -0.0428 0.0536  20  ARG B CA  
332 C C   . ARG B 20 ? 0.1652 0.0175 0.2713 0.0186  -0.0221 0.0450  20  ARG B C   
333 O O   . ARG B 20 ? 0.1905 0.0234 0.3291 0.0328  0.0055  0.0604  20  ARG B O   
334 C CB  . ARG B 20 ? 0.1996 0.0324 0.2740 0.0328  -0.0639 0.0599  20  ARG B CB  
335 C CG  . ARG B 20 ? 0.2091 0.0249 0.2721 0.0369  -0.0406 0.0431  20  ARG B CG  
336 C CD  . ARG B 20 ? 0.2117 0.0784 0.2420 0.0151  -0.0457 0.0433  20  ARG B CD  
337 N NE  . ARG B 20 ? 0.2226 0.0443 0.2412 0.0098  -0.0482 0.0339  20  ARG B NE  
338 C CZ  . ARG B 20 ? 0.2362 0.0961 0.2188 0.0072  -0.0376 0.0370  20  ARG B CZ  
339 N NH1 . ARG B 20 ? 0.2423 0.1086 0.2451 0.0086  -0.0346 0.0460  20  ARG B NH1 
340 N NH2 . ARG B 20 ? 0.2213 0.0839 0.2337 0.0074  -0.0357 0.0544  20  ARG B NH2 
341 N N   . GLY B 21 ? 0.1769 0.0208 0.2783 0.0282  -0.0057 0.0484  21  GLY B N   
342 C CA  . GLY B 21 ? 0.2207 0.0489 0.2684 0.0327  -0.0052 0.0609  21  GLY B CA  
343 C C   . GLY B 21 ? 0.2481 0.0505 0.2894 0.0429  0.0183  0.0604  21  GLY B C   
344 O O   . GLY B 21 ? 0.2272 0.0512 0.2987 0.0416  0.0205  0.0884  21  GLY B O   
345 N N   . PRO B 22 ? 0.3085 0.0503 0.3271 0.0759  0.0502  0.1004  22  PRO B N   
346 C CA  . PRO B 22 ? 0.3430 0.0581 0.3579 0.0182  0.0571  0.0835  22  PRO B CA  
347 C C   . PRO B 22 ? 0.3793 0.0655 0.3592 0.0428  0.0490  0.0968  22  PRO B C   
348 O O   . PRO B 22 ? 0.3330 0.0481 0.3238 0.0295  0.0048  0.0950  22  PRO B O   
349 C CB  . PRO B 22 ? 0.3855 0.0722 0.3503 0.0181  0.0712  0.1042  22  PRO B CB  
350 C CG  . PRO B 22 ? 0.3890 0.0511 0.3378 0.0357  0.0475  0.1210  22  PRO B CG  
351 C CD  . PRO B 22 ? 0.3596 0.0381 0.3263 0.0622  0.0532  0.0898  22  PRO B CD  
352 N N   . HYP B 23 ? 0.3492 0.0674 0.4454 0.0596  0.0387  0.1326  23  HYP B N   
353 C CA  . HYP B 23 ? 0.3566 0.0762 0.4542 0.0525  0.0646  0.1021  23  HYP B CA  
354 C C   . HYP B 23 ? 0.3502 0.1047 0.4151 0.0549  0.0750  0.0761  23  HYP B C   
355 O O   . HYP B 23 ? 0.4454 0.0549 0.4307 0.0796  0.0652  0.1011  23  HYP B O   
356 C CB  . HYP B 23 ? 0.3460 0.0955 0.5055 0.0511  0.0517  0.1117  23  HYP B CB  
357 C CG  . HYP B 23 ? 0.3160 0.1225 0.5135 0.0323  0.0576  0.1469  23  HYP B CG  
358 C CD  . HYP B 23 ? 0.3839 0.1678 0.4812 0.0240  0.0578  0.1300  23  HYP B CD  
359 O OD1 . HYP B 23 ? 0.3056 0.1677 0.5657 -0.0099 -0.0053 0.1142  23  HYP B OD1 
360 N N   . GLY B 24 ? 0.3585 0.0430 0.4216 0.0335  0.0494  0.0440  24  GLY B N   
361 C CA  . GLY B 24 ? 0.3606 0.0352 0.3962 0.0154  0.0340  0.0795  24  GLY B CA  
362 C C   . GLY B 24 ? 0.3724 0.1285 0.3521 0.0209  0.0432  0.0843  24  GLY B C   
363 O O   . GLY B 24 ? 0.3661 0.1523 0.4136 0.0493  0.0676  0.1088  24  GLY B O   
364 N N   . PRO B 25 ? 0.4233 0.0391 0.3816 0.0350  0.0293  0.1035  25  PRO B N   
365 C CA  . PRO B 25 ? 0.4399 0.1345 0.3656 0.0046  0.0130  0.1362  25  PRO B CA  
366 C C   . PRO B 25 ? 0.4681 0.2056 0.4032 0.0085  0.0196  0.0585  25  PRO B C   
367 O O   . PRO B 25 ? 0.4329 0.1213 0.3568 0.0224  -0.0143 0.1084  25  PRO B O   
368 C CB  . PRO B 25 ? 0.4353 0.1731 0.4026 0.0238  0.0027  0.1291  25  PRO B CB  
369 C CG  . PRO B 25 ? 0.4437 0.1782 0.3961 0.0088  -0.0068 0.1083  25  PRO B CG  
370 C CD  . PRO B 25 ? 0.4263 0.0614 0.4092 0.0241  0.0109  0.0683  25  PRO B CD  
371 N N   . HYP B 26 ? 0.5360 0.1668 0.4482 0.0418  0.0325  0.0966  26  HYP B N   
372 C CA  . HYP B 26 ? 0.5382 0.1860 0.4608 0.0091  0.0160  0.1003  26  HYP B CA  
373 C C   . HYP B 26 ? 0.5455 0.2100 0.4475 0.0109  0.0259  0.0846  26  HYP B C   
374 O O   . HYP B 26 ? 0.5849 0.1160 0.4851 0.0132  -0.0287 0.0913  26  HYP B O   
375 C CB  . HYP B 26 ? 0.5361 0.1887 0.4863 0.0469  0.0507  0.1098  26  HYP B CB  
376 C CG  . HYP B 26 ? 0.5206 0.1973 0.4962 0.0370  0.0591  0.1007  26  HYP B CG  
377 C CD  . HYP B 26 ? 0.5567 0.1053 0.4440 0.0449  0.0314  0.1152  26  HYP B CD  
378 O OD1 . HYP B 26 ? 0.4656 0.2411 0.5382 0.0238  0.1018  0.1492  26  HYP B OD1 
379 N N   . GLY B 27 ? 0.5897 0.1929 0.4624 0.0591  0.0147  0.0937  27  GLY B N   
380 C CA  . GLY B 27 ? 0.5951 0.2666 0.4824 0.0801  -0.0048 0.0665  27  GLY B CA  
381 C C   . GLY B 27 ? 0.6007 0.2282 0.4921 0.0528  0.0218  0.0669  27  GLY B C   
382 O O   . GLY B 27 ? 0.5568 0.1962 0.4669 0.0747  0.0064  0.0928  27  GLY B O   
383 N N   . PRO B 28 ? 0.6132 0.2211 0.5706 0.0839  0.0122  0.0605  28  PRO B N   
384 C CA  . PRO B 28 ? 0.6149 0.2911 0.5670 0.0672  -0.0071 0.0839  28  PRO B CA  
385 C C   . PRO B 28 ? 0.5721 0.3385 0.5995 0.0183  -0.0442 0.0482  28  PRO B C   
386 O O   . PRO B 28 ? 0.5570 0.1734 0.5975 0.0069  -0.0532 0.1160  28  PRO B O   
387 C CB  . PRO B 28 ? 0.6360 0.2376 0.5934 0.0533  0.0025  0.0816  28  PRO B CB  
388 C CG  . PRO B 28 ? 0.6222 0.3251 0.5937 0.0610  0.0101  0.0782  28  PRO B CG  
389 C CD  . PRO B 28 ? 0.6861 0.2397 0.5961 -0.0023 0.0447  0.0427  28  PRO B CD  
390 N N   . GLY C 3  ? 0.5607 0.2355 0.6088 0.0362  0.0890  0.0239  3   GLY C N   
391 C CA  . GLY C 3  ? 0.5247 0.1647 0.5376 0.0384  0.0825  0.0895  3   GLY C CA  
392 C C   . GLY C 3  ? 0.4677 0.2252 0.4940 0.0679  0.0674  0.0695  3   GLY C C   
393 O O   . GLY C 3  ? 0.4625 0.1869 0.5025 0.1057  0.0675  0.0898  3   GLY C O   
394 N N   . PRO C 4  ? 0.5200 0.1539 0.4831 0.0342  0.0835  0.1027  4   PRO C N   
395 C CA  . PRO C 4  ? 0.5663 0.1506 0.4521 0.0340  0.0815  0.0903  4   PRO C CA  
396 C C   . PRO C 4  ? 0.5309 0.0691 0.4350 0.0335  0.0749  0.0410  4   PRO C C   
397 O O   . PRO C 4  ? 0.5112 0.0324 0.4224 0.0339  0.0646  0.1031  4   PRO C O   
398 C CB  . PRO C 4  ? 0.5886 0.2334 0.4909 0.0355  0.0508  0.1041  4   PRO C CB  
399 C CG  . PRO C 4  ? 0.6071 0.1862 0.4957 0.0453  0.0490  0.0909  4   PRO C CG  
400 C CD  . PRO C 4  ? 0.5558 0.1438 0.4904 0.0778  0.0352  0.1228  4   PRO C CD  
401 N N   . HYP C 5  ? 0.5279 0.0884 0.4967 0.0365  0.1520  0.0995  5   HYP C N   
402 C CA  . HYP C 5  ? 0.4609 0.1183 0.4558 0.0694  0.1116  0.0667  5   HYP C CA  
403 C C   . HYP C 5  ? 0.4370 0.1269 0.3711 0.0544  0.0583  0.0584  5   HYP C C   
404 O O   . HYP C 5  ? 0.5200 0.1542 0.3788 0.1083  0.0188  0.0944  5   HYP C O   
405 C CB  . HYP C 5  ? 0.4910 0.0894 0.5276 0.0514  0.1450  0.0283  5   HYP C CB  
406 C CG  . HYP C 5  ? 0.5050 0.1265 0.5314 0.0628  0.1847  0.0159  5   HYP C CG  
407 C CD  . HYP C 5  ? 0.5717 0.0520 0.5414 0.0427  0.1674  0.0764  5   HYP C CD  
408 O OD1 . HYP C 5  ? 0.5082 0.1777 0.6021 0.0109  0.1807  0.0117  5   HYP C OD1 
409 N N   . GLY C 6  ? 0.3502 0.0183 0.3966 0.0010  0.0181  0.0670  6   GLY C N   
410 C CA  . GLY C 6  ? 0.3266 0.0480 0.3874 0.0049  0.0159  0.0903  6   GLY C CA  
411 C C   . GLY C 6  ? 0.3430 0.1116 0.3545 -0.0060 0.0141  0.0636  6   GLY C C   
412 O O   . GLY C 6  ? 0.3682 0.0939 0.3119 0.0088  0.0283  0.1079  6   GLY C O   
413 N N   . PRO C 7  ? 0.3778 0.0388 0.3264 -0.0142 -0.0103 0.0780  7   PRO C N   
414 C CA  . PRO C 7  ? 0.3496 0.0779 0.3225 0.0019  -0.0272 0.0474  7   PRO C CA  
415 C C   . PRO C 7  ? 0.2759 0.0716 0.2775 -0.0417 -0.0132 0.0488  7   PRO C C   
416 O O   . PRO C 7  ? 0.2472 0.0149 0.2739 -0.0095 -0.0451 0.0341  7   PRO C O   
417 C CB  . PRO C 7  ? 0.3587 0.1193 0.3430 -0.0095 -0.0444 0.0667  7   PRO C CB  
418 C CG  . PRO C 7  ? 0.3658 0.1350 0.3681 -0.0300 -0.0230 0.0695  7   PRO C CG  
419 C CD  . PRO C 7  ? 0.3754 0.0764 0.3342 0.0101  -0.0185 0.1056  7   PRO C CD  
420 N N   . HYP C 8  ? 0.2885 0.0567 0.2698 -0.0540 -0.0216 0.0509  8   HYP C N   
421 C CA  . HYP C 8  ? 0.2390 0.0634 0.2757 -0.0244 -0.0118 0.0372  8   HYP C CA  
422 C C   . HYP C 8  ? 0.1989 0.0432 0.2409 -0.0222 -0.0484 0.0313  8   HYP C C   
423 O O   . HYP C 8  ? 0.1906 0.0097 0.2817 0.0043  -0.0586 0.0264  8   HYP C O   
424 C CB  . HYP C 8  ? 0.2643 0.0748 0.2769 -0.0577 -0.0215 0.0228  8   HYP C CB  
425 C CG  . HYP C 8  ? 0.3252 0.1455 0.2823 -0.0446 -0.0123 0.0463  8   HYP C CG  
426 C CD  . HYP C 8  ? 0.3444 0.0784 0.2721 -0.0493 -0.0031 0.0546  8   HYP C CD  
427 O OD1 . HYP C 8  ? 0.3665 0.2560 0.3294 -0.1011 0.0388  0.0096  8   HYP C OD1 
428 N N   . GLY C 9  ? 0.1782 0.0129 0.2449 -0.0104 -0.0400 0.0381  9   GLY C N   
429 C CA  . GLY C 9  ? 0.1553 0.0286 0.2240 0.0073  -0.0338 0.0386  9   GLY C CA  
430 C C   . GLY C 9  ? 0.1558 0.0195 0.2286 0.0270  -0.0320 0.0371  9   GLY C C   
431 O O   . GLY C 9  ? 0.1979 0.0137 0.2534 0.0119  -0.0145 0.0390  9   GLY C O   
432 N N   . PRO C 10 ? 0.1292 0.0216 0.2342 0.0304  -0.0337 0.0309  10  PRO C N   
433 C CA  . PRO C 10 ? 0.1353 0.0200 0.2417 0.0248  -0.0270 0.0367  10  PRO C CA  
434 C C   . PRO C 10 ? 0.1217 0.0242 0.2271 0.0294  -0.0260 0.0290  10  PRO C C   
435 O O   . PRO C 10 ? 0.1487 0.0106 0.2277 -0.0044 -0.0319 0.0293  10  PRO C O   
436 C CB  . PRO C 10 ? 0.1250 0.0263 0.2557 0.0196  -0.0179 0.0391  10  PRO C CB  
437 C CG  . PRO C 10 ? 0.1706 0.0553 0.2581 0.0128  -0.0202 0.0440  10  PRO C CG  
438 C CD  . PRO C 10 ? 0.1582 0.0544 0.2404 0.0147  -0.0279 0.0395  10  PRO C CD  
439 N N   . ARG C 11 ? 0.1285 0.0169 0.2556 0.0205  -0.0162 0.0386  11  ARG C N   
440 C CA  . ARG C 11 ? 0.1425 0.0309 0.2466 0.0417  -0.0382 0.0400  11  ARG C CA  
441 C C   . ARG C 11 ? 0.1239 0.0238 0.2563 0.0304  -0.0180 0.0427  11  ARG C C   
442 O O   . ARG C 11 ? 0.1499 0.0370 0.2771 0.0440  -0.0017 0.0678  11  ARG C O   
443 C CB  . ARG C 11 ? 0.1804 0.0200 0.2616 0.0339  -0.0331 0.0341  11  ARG C CB  
444 C CG  . ARG C 11 ? 0.1929 0.0171 0.2789 0.0229  -0.0264 0.0439  11  ARG C CG  
445 C CD  . ARG C 11 ? 0.1966 0.0347 0.2507 0.0227  -0.0077 0.0424  11  ARG C CD  
446 N NE  . ARG C 11 ? 0.2445 0.0157 0.2798 0.0271  -0.0183 0.0395  11  ARG C NE  
447 C CZ  . ARG C 11 ? 0.2281 0.0100 0.2620 0.0068  -0.0109 0.0293  11  ARG C CZ  
448 N NH1 . ARG C 11 ? 0.2190 0.0200 0.2861 -0.0057 0.0063  0.0602  11  ARG C NH1 
449 N NH2 . ARG C 11 ? 0.2258 0.0381 0.2531 0.0114  -0.0235 0.0413  11  ARG C NH2 
450 N N   . GLY C 12 ? 0.1115 0.0236 0.2269 0.0334  -0.0159 0.0330  12  GLY C N   
451 C CA  . GLY C 12 ? 0.1364 0.0239 0.2217 0.0351  -0.0163 0.0366  12  GLY C CA  
452 C C   . GLY C 12 ? 0.1091 0.0334 0.2206 0.0314  -0.0226 0.0343  12  GLY C C   
453 O O   . GLY C 12 ? 0.1493 0.0210 0.2297 0.0372  -0.0130 0.0313  12  GLY C O   
454 N N   . ASP C 13 ? 0.1137 0.0226 0.2277 0.0267  -0.0089 0.0437  13  ASP C N   
455 C CA  . ASP C 13 ? 0.1026 0.0263 0.2472 0.0139  -0.0139 0.0484  13  ASP C CA  
456 C C   . ASP C 13 ? 0.1125 0.0510 0.2445 0.0173  -0.0095 0.0262  13  ASP C C   
457 O O   . ASP C 13 ? 0.1086 0.0349 0.2315 0.0087  -0.0095 0.0240  13  ASP C O   
458 C CB  . ASP C 13 ? 0.1493 0.0387 0.2491 0.0121  -0.0082 0.0429  13  ASP C CB  
459 C CG  . ASP C 13 ? 0.1577 0.0875 0.2758 0.0346  0.0037  0.0349  13  ASP C CG  
460 O OD1 . ASP C 13 ? 0.1588 0.0854 0.3148 0.0612  0.0078  0.0350  13  ASP C OD1 
461 O OD2 . ASP C 13 ? 0.2025 0.0751 0.3213 0.0471  0.0056  0.0028  13  ASP C OD2 
462 N N   . LYS C 14 ? 0.1275 0.0289 0.2656 0.0271  -0.0379 0.0559  14  LYS C N   
463 C CA  . LYS C 14 ? 0.1378 0.0411 0.2691 0.0405  -0.0378 0.0291  14  LYS C CA  
464 C C   . LYS C 14 ? 0.1166 0.0476 0.2317 0.0297  -0.0149 0.0259  14  LYS C C   
465 O O   . LYS C 14 ? 0.1217 0.0429 0.2333 0.0533  -0.0192 0.0432  14  LYS C O   
466 C CB  . LYS C 14 ? 0.1553 0.0673 0.2834 0.0362  -0.0763 0.0256  14  LYS C CB  
467 C CG  . LYS C 14 ? 0.2026 0.0811 0.3063 0.0357  -0.0504 0.0170  14  LYS C CG  
468 C CD  . LYS C 14 ? 0.2117 0.1573 0.3411 0.0315  -0.0944 0.0260  14  LYS C CD  
469 C CE  . LYS C 14 ? 0.2722 0.1806 0.3682 0.0387  -0.0614 0.0147  14  LYS C CE  
470 N NZ  . LYS C 14 ? 0.2665 0.1773 0.4072 0.0329  -0.0627 0.0368  14  LYS C NZ  
471 N N   . GLY C 15 ? 0.1374 0.0131 0.2375 0.0169  -0.0124 0.0322  15  GLY C N   
472 C CA  . GLY C 15 ? 0.1263 0.0174 0.2322 0.0258  -0.0181 0.0313  15  GLY C CA  
473 C C   . GLY C 15 ? 0.1258 0.0164 0.2358 0.0136  -0.0254 0.0299  15  GLY C C   
474 O O   . GLY C 15 ? 0.0885 0.0119 0.2446 0.0146  0.0069  0.0299  15  GLY C O   
475 N N   . GLU C 16 ? 0.1545 0.0165 0.2310 0.0125  -0.0157 0.0426  16  GLU C N   
476 C CA  . GLU C 16 ? 0.1752 0.0157 0.2481 0.0002  -0.0111 0.0463  16  GLU C CA  
477 C C   . GLU C 16 ? 0.1509 0.0278 0.2183 0.0056  -0.0053 0.0393  16  GLU C C   
478 O O   . GLU C 16 ? 0.1686 0.0319 0.2195 -0.0230 0.0047  0.0493  16  GLU C O   
479 C CB  . GLU C 16 ? 0.2651 0.0567 0.2532 0.0167  -0.0221 0.0348  16  GLU C CB  
480 C CG  . GLU C 16 ? 0.3020 0.1759 0.3591 0.0101  -0.0025 0.0324  16  GLU C CG  
481 C CD  . GLU C 16 ? 0.3384 0.2712 0.3884 0.0122  -0.0173 0.0617  16  GLU C CD  
482 O OE1 . GLU C 16 ? 0.3478 0.3239 0.5353 0.0391  -0.0053 0.0592  16  GLU C OE1 
483 O OE2 . GLU C 16 ? 0.3982 0.4670 0.4948 -0.0570 0.0514  0.0568  16  GLU C OE2 
484 N N   . THR C 17 ? 0.1414 0.0191 0.2255 0.0221  0.0048  0.0461  17  THR C N   
485 C CA  . THR C 17 ? 0.1243 0.0166 0.2211 0.0205  -0.0043 0.0381  17  THR C CA  
486 C C   . THR C 17 ? 0.1262 0.0139 0.1979 0.0126  -0.0110 0.0321  17  THR C C   
487 O O   . THR C 17 ? 0.1478 0.0265 0.1997 0.0330  -0.0231 0.0396  17  THR C O   
488 C CB  . THR C 17 ? 0.1295 0.0169 0.2456 0.0254  0.0013  0.0376  17  THR C CB  
489 O OG1 . THR C 17 ? 0.1551 0.0345 0.2654 0.0419  0.0030  0.0657  17  THR C OG1 
490 C CG2 . THR C 17 ? 0.1391 0.0141 0.2498 0.0159  0.0117  0.0337  17  THR C CG2 
491 N N   . GLY C 18 ? 0.1187 0.0178 0.2125 0.0255  -0.0064 0.0342  18  GLY C N   
492 C CA  . GLY C 18 ? 0.1293 0.0179 0.2269 0.0256  -0.0112 0.0324  18  GLY C CA  
493 C C   . GLY C 18 ? 0.1449 0.0308 0.2104 0.0405  -0.0238 0.0432  18  GLY C C   
494 O O   . GLY C 18 ? 0.1542 0.0396 0.2161 0.0302  -0.0289 0.0686  18  GLY C O   
495 N N   . GLU C 19 ? 0.1524 0.0273 0.2213 0.0229  -0.0448 0.0510  19  GLU C N   
496 C CA  A GLU C 19 ? 0.1646 0.0278 0.2267 0.0234  -0.0332 0.0561  19  GLU C CA  
497 C CA  B GLU C 19 ? 0.1645 0.0271 0.2284 0.0232  -0.0271 0.0575  19  GLU C CA  
498 C C   . GLU C 19 ? 0.1305 0.0326 0.2169 0.0261  -0.0271 0.0510  19  GLU C C   
499 O O   . GLU C 19 ? 0.1387 0.0248 0.2215 0.0255  -0.0239 0.0497  19  GLU C O   
500 C CB  A GLU C 19 ? 0.1749 0.0489 0.2582 0.0239  -0.0510 0.0539  19  GLU C CB  
501 C CB  B GLU C 19 ? 0.1670 0.0760 0.2690 0.0266  -0.0420 0.0527  19  GLU C CB  
502 C CG  A GLU C 19 ? 0.1803 0.0409 0.2498 0.0166  -0.0522 0.0610  19  GLU C CG  
503 C CG  B GLU C 19 ? 0.1748 0.1220 0.2862 0.0346  -0.0214 0.0654  19  GLU C CG  
504 C CD  A GLU C 19 ? 0.1898 0.0855 0.2546 0.0119  -0.0583 0.0600  19  GLU C CD  
505 C CD  B GLU C 19 ? 0.1793 0.1916 0.2892 0.0173  -0.0121 0.0606  19  GLU C CD  
506 O OE1 A GLU C 19 ? 0.2089 0.1619 0.2723 0.0400  -0.0721 0.0525  19  GLU C OE1 
507 O OE1 B GLU C 19 ? 0.2379 0.2221 0.2840 0.0427  -0.0154 0.0626  19  GLU C OE1 
508 O OE2 A GLU C 19 ? 0.1891 0.1390 0.2378 0.0410  -0.0738 0.0925  19  GLU C OE2 
509 O OE2 B GLU C 19 ? 0.1321 0.2314 0.2945 0.0205  -0.0490 0.0936  19  GLU C OE2 
510 N N   . ARG C 20 ? 0.1764 0.0242 0.2204 0.0357  -0.0073 0.0469  20  ARG C N   
511 C CA  . ARG C 20 ? 0.1777 0.0158 0.2465 0.0286  0.0045  0.0341  20  ARG C CA  
512 C C   . ARG C 20 ? 0.1507 0.0393 0.1981 0.0321  -0.0262 0.0628  20  ARG C C   
513 O O   . ARG C 20 ? 0.1701 0.0437 0.2472 0.0285  -0.0400 0.0429  20  ARG C O   
514 C CB  . ARG C 20 ? 0.2006 0.0501 0.2772 0.0282  0.0394  0.0385  20  ARG C CB  
515 C CG  . ARG C 20 ? 0.2340 0.0488 0.3192 0.0228  0.0543  0.0359  20  ARG C CG  
516 C CD  . ARG C 20 ? 0.2498 0.0525 0.3437 0.0112  0.0691  0.0445  20  ARG C CD  
517 N NE  . ARG C 20 ? 0.2462 0.1636 0.3581 0.0156  0.0425  0.0608  20  ARG C NE  
518 C CZ  . ARG C 20 ? 0.2144 0.1410 0.3716 0.0205  0.0299  0.0797  20  ARG C CZ  
519 N NH1 . ARG C 20 ? 0.2547 0.0226 0.3297 0.0289  0.0562  0.0688  20  ARG C NH1 
520 N NH2 . ARG C 20 ? 0.2374 0.1889 0.3507 0.0105  0.0418  0.0876  20  ARG C NH2 
521 N N   . GLY C 21 ? 0.1596 0.0218 0.2335 0.0223  -0.0248 0.0483  21  GLY C N   
522 C CA  . GLY C 21 ? 0.1591 0.0254 0.2415 0.0353  -0.0210 0.0365  21  GLY C CA  
523 C C   . GLY C 21 ? 0.1990 0.0185 0.2475 0.0096  -0.0393 0.0188  21  GLY C C   
524 O O   . GLY C 21 ? 0.2286 0.0113 0.2631 0.0322  -0.0156 0.0084  21  GLY C O   
525 N N   . PRO C 22 ? 0.2297 0.0168 0.2985 0.0297  -0.0495 0.0369  22  PRO C N   
526 C CA  . PRO C 22 ? 0.2430 0.0556 0.2935 0.0399  -0.0858 0.0651  22  PRO C CA  
527 C C   . PRO C 22 ? 0.3062 0.0431 0.3048 0.0359  -0.0848 0.0349  22  PRO C C   
528 O O   . PRO C 22 ? 0.2789 0.0229 0.3302 0.0409  -0.0933 0.0404  22  PRO C O   
529 C CB  . PRO C 22 ? 0.2379 0.0976 0.3435 0.0503  -0.0751 0.0524  22  PRO C CB  
530 C CG  . PRO C 22 ? 0.2420 0.1084 0.3556 0.1047  -0.0611 0.0488  22  PRO C CG  
531 C CD  . PRO C 22 ? 0.2337 0.0304 0.2979 0.0486  -0.0549 0.0510  22  PRO C CD  
532 N N   . HYP C 23 ? 0.3371 0.0886 0.3053 0.0146  -0.1070 0.0567  23  HYP C N   
533 C CA  . HYP C 23 ? 0.3418 0.0460 0.2862 0.0499  -0.1164 0.0555  23  HYP C CA  
534 C C   . HYP C 23 ? 0.3180 0.1009 0.3030 0.0309  -0.0917 0.0487  23  HYP C C   
535 O O   . HYP C 23 ? 0.3156 0.0192 0.3612 0.0205  -0.0868 0.0561  23  HYP C O   
536 C CB  . HYP C 23 ? 0.3831 0.0878 0.2841 0.0310  -0.1094 0.0755  23  HYP C CB  
537 C CG  . HYP C 23 ? 0.4309 0.1248 0.2934 0.0438  -0.1165 0.0497  23  HYP C CG  
538 C CD  . HYP C 23 ? 0.3957 0.1474 0.3139 0.0092  -0.1229 0.0399  23  HYP C CD  
539 O OD1 . HYP C 23 ? 0.4976 0.2335 0.3319 0.0951  -0.0852 0.0345  23  HYP C OD1 
540 N N   . GLY C 24 ? 0.2938 0.0481 0.3301 0.0271  -0.0618 0.0568  24  GLY C N   
541 C CA  . GLY C 24 ? 0.3238 0.0456 0.3216 0.0061  -0.0573 0.0356  24  GLY C CA  
542 C C   . GLY C 24 ? 0.2789 0.0821 0.3401 0.0116  -0.0615 0.0222  24  GLY C C   
543 O O   . GLY C 24 ? 0.3344 0.0271 0.3325 0.0616  -0.0598 0.0424  24  GLY C O   
544 N N   . PRO C 25 ? 0.3112 0.0377 0.3901 0.0423  -0.0418 0.0756  25  PRO C N   
545 C CA  . PRO C 25 ? 0.3248 0.0268 0.4185 0.0532  -0.0203 0.0657  25  PRO C CA  
546 C C   . PRO C 25 ? 0.3235 0.1020 0.3955 0.0124  0.0086  0.0543  25  PRO C C   
547 O O   . PRO C 25 ? 0.3115 0.0659 0.4036 0.0265  0.0072  0.0279  25  PRO C O   
548 C CB  . PRO C 25 ? 0.3595 0.0664 0.4121 0.0159  -0.0040 0.0936  25  PRO C CB  
549 C CG  . PRO C 25 ? 0.3652 0.0894 0.4235 0.0290  -0.0111 0.0471  25  PRO C CG  
550 C CD  . PRO C 25 ? 0.3653 0.0324 0.4023 -0.0036 -0.0424 0.0568  25  PRO C CD  
551 N N   . HYP C 26 ? 0.3495 0.0857 0.4468 0.0499  -0.0089 0.0385  26  HYP C N   
552 C CA  . HYP C 26 ? 0.3686 0.0539 0.4665 0.0763  -0.0209 0.0746  26  HYP C CA  
553 C C   . HYP C 26 ? 0.4099 0.0629 0.4401 0.0700  -0.0213 0.0974  26  HYP C C   
554 O O   . HYP C 26 ? 0.4576 0.0769 0.4676 0.0841  -0.0087 0.0688  26  HYP C O   
555 C CB  . HYP C 26 ? 0.3768 0.1185 0.4678 0.0805  -0.0509 0.0449  26  HYP C CB  
556 C CG  . HYP C 26 ? 0.3838 0.1037 0.4825 0.0849  -0.0445 0.0634  26  HYP C CG  
557 C CD  . HYP C 26 ? 0.3713 0.1290 0.4636 0.0531  -0.0337 0.0553  26  HYP C CD  
558 O OD1 . HYP C 26 ? 0.5196 0.1988 0.4516 0.0729  -0.0493 0.0516  26  HYP C OD1 
559 N N   . GLY C 27 ? 0.4154 0.1023 0.4863 0.0468  -0.0144 0.0427  27  GLY C N   
560 C CA  . GLY C 27 ? 0.4838 0.1660 0.4903 0.0055  -0.0342 0.0443  27  GLY C CA  
561 C C   . GLY C 27 ? 0.5326 0.2064 0.5321 0.0107  -0.0122 0.0174  27  GLY C C   
562 O O   . GLY C 27 ? 0.4994 0.1142 0.5124 0.0487  0.0216  0.0224  27  GLY C O   
563 N N   . PRO C 28 ? 0.7075 0.0579 0.5675 0.0361  -0.0171 0.0222  28  PRO C N   
564 C CA  . PRO C 28 ? 0.7489 0.0732 0.5628 0.0531  -0.0041 0.0261  28  PRO C CA  
565 C C   . PRO C 28 ? 0.7532 0.2085 0.5324 0.0229  0.0254  0.0514  28  PRO C C   
566 O O   . PRO C 28 ? 0.8139 0.0155 0.4716 -0.0051 0.0426  -0.0022 28  PRO C O   
567 C CB  . PRO C 28 ? 0.7874 0.1049 0.5338 0.0559  -0.0309 0.1034  28  PRO C CB  
568 C CG  . PRO C 28 ? 0.7560 0.2041 0.5679 0.0307  -0.0150 -0.0042 28  PRO C CG  
569 C CD  . PRO C 28 ? 0.7266 0.1440 0.5804 0.0367  -0.0398 0.0565  28  PRO C CD  
570 N N   . HYP C 29 ? 0.7678 0.2325 0.6987 0.0720  0.0716  -0.0196 29  HYP C N   
571 C CA  . HYP C 29 ? 0.7232 0.2692 0.7436 0.0815  0.0826  -0.0055 29  HYP C CA  
572 C C   . HYP C 29 ? 0.7188 0.2105 0.7887 0.0447  0.1022  -0.0692 29  HYP C C   
573 O O   . HYP C 29 ? 0.6532 0.3734 0.7533 0.1352  0.1284  -0.0712 29  HYP C O   
574 C CB  . HYP C 29 ? 0.7576 0.2830 0.7794 0.1029  0.0953  -0.0472 29  HYP C CB  
575 C CG  . HYP C 29 ? 0.7765 0.2584 0.7842 0.1270  0.0759  0.0095  29  HYP C CG  
576 C CD  . HYP C 29 ? 0.7582 0.3530 0.7398 0.1076  0.0663  -0.0011 29  HYP C CD  
577 O OD1 . HYP C 29 ? 0.7733 0.3307 0.8250 0.1394  0.0341  -0.0164 29  HYP C OD1 
578 S S   . SO4 D .  ? 0.2681 0.1828 0.3521 -0.0107 -0.0304 -0.0077 101 SO4 A S   
579 O O1  . SO4 D .  ? 0.3087 0.2025 0.4138 0.0076  0.0246  0.0343  101 SO4 A O1  
580 O O2  . SO4 D .  ? 0.3048 0.1797 0.4345 0.0122  0.0027  0.0438  101 SO4 A O2  
581 O O3  . SO4 D .  ? 0.1605 0.1835 0.3661 -0.0008 -0.0451 0.1062  101 SO4 A O3  
582 O O4  . SO4 D .  ? 0.2020 0.1325 0.3495 0.0227  -0.0255 0.0195  101 SO4 A O4  
583 O O   . HOH E .  ? 0.5266 0.3585 0.4429 0.0714  0.1113  0.0774  201 HOH A O   
584 O O   . HOH E .  ? 0.4537 0.4925 0.5388 0.1515  -0.0412 0.0927  202 HOH A O   
585 O O   . HOH E .  ? 0.2766 0.0941 0.4733 -0.0084 -0.0363 0.0633  203 HOH A O   
586 O O   . HOH E .  ? 0.2907 0.3118 0.5515 0.1128  -0.0652 0.0636  204 HOH A O   
587 O O   . HOH E .  ? 0.5364 0.4421 0.4015 0.1110  0.1497  0.0711  205 HOH A O   
588 O O   . HOH E .  ? 0.3952 0.1568 0.4410 -0.0610 -0.0637 0.0009  206 HOH A O   
589 O O   . HOH E .  ? 0.6508 0.1305 0.4497 0.0055  0.0221  -0.0436 207 HOH A O   
590 O O   . HOH E .  ? 0.2617 0.0751 0.3442 0.0398  0.0596  0.0378  208 HOH A O   
591 O O   . HOH E .  ? 0.5959 0.3760 0.6061 0.0794  0.2105  0.1419  209 HOH A O   
592 O O   . HOH E .  ? 0.2774 0.6707 0.5049 0.0380  -0.0700 -0.0583 210 HOH A O   
593 O O   . HOH E .  ? 0.3052 0.2438 0.6340 0.0032  0.0511  0.0572  211 HOH A O   
594 O O   . HOH E .  ? 0.4583 0.2141 0.3676 -0.0889 0.0325  0.0775  212 HOH A O   
595 O O   . HOH E .  ? 0.2445 0.1520 0.3646 0.0394  0.0354  0.0448  213 HOH A O   
596 O O   . HOH E .  ? 0.1941 0.1252 0.2717 0.0310  -0.0052 0.0401  214 HOH A O   
597 O O   . HOH E .  ? 0.6549 0.2296 0.4254 0.1339  -0.0319 0.0583  215 HOH A O   
598 O O   . HOH E .  ? 0.1258 0.0834 0.2968 -0.0071 0.0316  0.0235  216 HOH A O   
599 O O   . HOH E .  ? 0.3918 0.3121 0.5161 0.1360  0.0213  0.0607  217 HOH A O   
600 O O   . HOH E .  ? 0.4828 0.5740 0.4462 -0.1007 0.0490  -0.0601 218 HOH A O   
601 O O   . HOH E .  ? 0.4066 0.3594 0.7041 -0.0893 -0.2695 0.1629  219 HOH A O   
602 O O   . HOH E .  ? 0.2943 0.3394 0.4493 0.1559  -0.1364 -0.1014 220 HOH A O   
603 O O   . HOH E .  ? 0.2068 0.2960 0.6562 0.0596  0.1197  0.0187  221 HOH A O   
604 O O   . HOH E .  ? 0.2847 0.0927 0.4777 0.0648  0.0173  0.0828  222 HOH A O   
605 O O   . HOH E .  ? 0.4451 0.3176 1.0313 0.0256  -0.0571 -0.0684 223 HOH A O   
606 O O   . HOH E .  ? 0.4938 0.1613 0.6689 0.0835  -0.0437 0.1072  224 HOH A O   
607 O O   . HOH E .  ? 0.1689 0.3682 0.6319 -0.0641 -0.0555 0.2973  225 HOH A O   
608 O O   . HOH E .  ? 0.2398 0.3414 0.5008 -0.0196 -0.0836 0.0180  226 HOH A O   
609 O O   . HOH E .  ? 0.3801 0.2919 0.9101 0.0704  -0.0758 0.2875  227 HOH A O   
610 O O   . HOH E .  ? 0.5928 0.4284 0.5918 0.0213  -0.0344 0.0710  228 HOH A O   
611 O O   . HOH E .  ? 0.4025 0.3062 0.4253 -0.0699 0.0161  -0.0525 229 HOH A O   
612 O O   . HOH E .  ? 0.3344 0.3840 0.6286 0.0873  0.1216  0.0621  230 HOH A O   
613 O O   . HOH E .  ? 0.5255 0.3328 0.5907 -0.0919 -0.1175 0.1231  231 HOH A O   
614 O O   . HOH E .  ? 0.3217 0.4934 0.4740 -0.1027 0.0154  -0.0662 232 HOH A O   
615 O O   . HOH E .  ? 0.3943 0.6347 0.5590 0.1066  -0.1044 -0.2189 233 HOH A O   
616 O O   . HOH E .  ? 0.6713 0.4982 0.5074 0.0511  -0.0013 0.0299  234 HOH A O   
617 O O   . HOH E .  ? 0.7307 0.3213 0.6160 0.0586  -0.1879 0.0089  235 HOH A O   
618 O O   . HOH E .  ? 0.8583 0.3725 0.6532 0.0313  -0.0105 -0.1004 236 HOH A O   
619 O O   . HOH E .  ? 0.3032 0.3601 0.7447 -0.0050 0.1265  -0.1931 237 HOH A O   
620 O O   . HOH E .  ? 0.4195 0.1374 0.7171 0.0589  0.0532  0.0121  238 HOH A O   
621 O O   . HOH E .  ? 0.6151 0.3673 0.5346 0.1828  -0.1098 0.1005  239 HOH A O   
622 O O   . HOH E .  ? 0.4404 0.4223 0.7253 -0.1284 -0.1666 0.1379  240 HOH A O   
623 O O   . HOH E .  ? 0.4771 0.4426 0.5403 -0.1694 -0.0489 0.0791  241 HOH A O   
624 O O   . HOH E .  ? 0.5799 0.7272 0.5899 -0.0782 -0.0248 0.0635  242 HOH A O   
625 O O   . HOH E .  ? 0.8330 0.4134 0.5476 -0.1357 0.0267  -0.0080 243 HOH A O   
626 O O   . HOH F .  ? 0.5881 0.3345 0.5444 -0.0886 -0.0326 0.1821  101 HOH B O   
627 O O   . HOH F .  ? 0.2686 0.1023 0.3111 -0.0012 -0.0135 0.0121  102 HOH B O   
628 O O   . HOH F .  ? 0.4554 0.3636 0.5471 0.1242  0.1217  -0.0735 103 HOH B O   
629 O O   . HOH F .  ? 0.4800 0.2852 0.4779 -0.0979 -0.1779 0.2059  104 HOH B O   
630 O O   . HOH F .  ? 0.2327 0.1686 0.4107 0.0026  0.0633  0.1101  105 HOH B O   
631 O O   . HOH F .  ? 0.2543 0.3133 0.3824 0.0046  0.0287  -0.0122 106 HOH B O   
632 O O   . HOH F .  ? 0.3763 0.7846 0.4100 -0.1311 -0.2042 0.2166  107 HOH B O   
633 O O   . HOH F .  ? 0.4562 0.1191 0.6306 0.0795  -0.1069 0.0563  108 HOH B O   
634 O O   . HOH F .  ? 0.3358 0.0622 0.3830 0.0706  -0.0437 0.0338  109 HOH B O   
635 O O   . HOH F .  ? 0.5420 0.2141 0.2889 0.1137  -0.0659 0.0390  110 HOH B O   
636 O O   . HOH F .  ? 0.1748 0.0467 0.3545 0.0395  -0.0341 0.0004  111 HOH B O   
637 O O   . HOH F .  ? 0.3485 0.2356 0.4529 0.0649  0.0488  -0.0430 112 HOH B O   
638 O O   . HOH F .  ? 0.2802 0.5179 0.7759 -0.0367 0.0571  -0.2395 113 HOH B O   
639 O O   . HOH F .  ? 0.2340 0.1655 0.4045 0.0119  0.0428  0.1083  114 HOH B O   
640 O O   . HOH F .  ? 0.4328 0.7042 0.5030 0.2467  -0.1771 -0.0616 115 HOH B O   
641 O O   . HOH F .  ? 0.1645 0.0201 0.2424 0.0251  -0.0341 0.0432  116 HOH B O   
642 O O   . HOH F .  ? 0.6992 0.2511 0.2627 0.1502  0.0054  0.1058  117 HOH B O   
643 O O   . HOH F .  ? 0.2026 0.5612 0.5463 0.0469  -0.0590 -0.1203 118 HOH B O   
644 O O   . HOH F .  ? 0.4585 0.1682 0.4743 0.0343  -0.0290 0.0746  119 HOH B O   
645 O O   . HOH F .  ? 0.3347 0.4104 0.4149 0.0605  -0.0026 0.0661  120 HOH B O   
646 O O   . HOH F .  ? 0.3806 0.1783 0.9901 -0.0082 -0.1109 0.0075  121 HOH B O   
647 O O   . HOH F .  ? 0.6759 0.2443 0.7949 0.0577  0.1126  0.2169  122 HOH B O   
648 O O   . HOH F .  ? 0.3476 0.5191 0.5273 -0.0059 -0.1720 -0.1205 123 HOH B O   
649 O O   . HOH F .  ? 0.5206 0.3847 0.3807 0.1096  0.1130  -0.0213 124 HOH B O   
650 O O   . HOH F .  ? 0.4026 0.5340 0.4875 -0.0989 -0.0084 0.1668  125 HOH B O   
651 O O   . HOH F .  ? 0.4693 0.4276 0.5492 0.1779  0.1316  0.2369  126 HOH B O   
652 O O   . HOH F .  ? 0.7894 0.2894 0.5601 -0.0284 -0.0315 0.0957  127 HOH B O   
653 O O   . HOH F .  ? 0.4582 0.2255 0.7034 -0.0364 0.0333  0.0898  128 HOH B O   
654 O O   . HOH F .  ? 0.5899 0.3455 0.6426 0.0651  0.1868  0.2128  129 HOH B O   
655 O O   . HOH G .  ? 0.6445 0.3585 0.5371 0.0180  -0.0386 -0.0271 101 HOH C O   
656 O O   . HOH G .  ? 0.6483 0.3507 0.4730 0.1741  0.0033  0.0107  102 HOH C O   
657 O O   . HOH G .  ? 0.3157 0.1593 0.3211 0.0317  -0.0310 0.0599  103 HOH C O   
658 O O   . HOH G .  ? 0.8562 0.5523 0.5325 0.2454  0.2289  -0.1094 104 HOH C O   
659 O O   . HOH G .  ? 0.1905 0.1818 0.3036 0.0671  -0.0640 0.0253  105 HOH C O   
660 O O   . HOH G .  ? 0.3089 0.3779 0.5542 0.1052  -0.0075 0.2825  106 HOH C O   
661 O O   . HOH G .  ? 0.4293 0.4233 0.4304 -0.1104 -0.1189 0.1122  107 HOH C O   
662 O O   . HOH G .  ? 0.3682 0.3127 0.3881 0.0294  0.0134  0.0051  108 HOH C O   
663 O O   . HOH G .  ? 0.2543 0.7274 0.2892 -0.0532 -0.0162 0.0614  109 HOH C O   
664 O O   . HOH G .  ? 0.3269 0.0659 0.3472 0.0306  0.0065  0.0009  110 HOH C O   
665 O O   . HOH G .  ? 0.1821 0.3116 0.8523 0.0372  -0.0045 0.1353  111 HOH C O   
666 O O   . HOH G .  ? 0.5547 0.2189 0.6284 -0.0283 -0.2326 0.0950  112 HOH C O   
667 O O   . HOH G .  ? 0.4664 0.2815 0.5841 0.0600  0.2469  0.0742  113 HOH C O   
668 O O   . HOH G .  ? 0.1266 0.0333 0.2641 0.0398  -0.0002 0.0590  114 HOH C O   
669 O O   . HOH G .  ? 0.6467 0.1910 0.4393 0.0669  -0.0190 0.0906  115 HOH C O   
670 O O   . HOH G .  ? 0.1962 0.0507 0.3001 0.0013  -0.0578 -0.0379 116 HOH C O   
671 O O   . HOH G .  ? 0.6289 0.4458 0.6523 -0.0707 -0.1173 0.0478  117 HOH C O   
672 O O   . HOH G .  ? 0.2828 0.1855 0.4237 0.0607  -0.1177 0.0087  118 HOH C O   
673 O O   . HOH G .  ? 0.2584 0.2436 0.5550 0.0130  0.0462  0.1424  119 HOH C O   
674 O O   . HOH G .  ? 0.7549 0.3967 0.3474 -0.1478 0.0328  -0.0925 120 HOH C O   
675 O O   . HOH G .  ? 0.6324 0.2753 0.3863 -0.0494 0.0712  0.0770  121 HOH C O   
676 O O   . HOH G .  ? 0.2277 0.2168 0.3945 0.0682  0.1064  0.0268  122 HOH C O   
677 O O   . HOH G .  ? 0.2066 0.1055 0.3609 0.0606  -0.0918 0.0199  123 HOH C O   
678 O O   . HOH G .  ? 0.1440 0.1787 0.6553 -0.0153 -0.0371 -0.0044 124 HOH C O   
679 O O   . HOH G .  ? 0.3353 0.1870 0.5166 0.0598  0.0616  0.1558  125 HOH C O   
680 O O   . HOH G .  ? 0.5504 0.4536 0.5640 0.0369  -0.1007 -0.0765 126 HOH C O   
681 O O   . HOH G .  ? 0.5370 0.4160 0.4170 0.1448  0.0059  0.0174  127 HOH C O   
682 O O   . HOH G .  ? 0.5950 0.3694 0.7726 -0.0790 -0.0216 -0.0031 128 HOH C O   
683 O O   . HOH G .  ? 0.5110 0.6422 0.6678 0.1547  -0.0377 0.3365  129 HOH C O   
684 O O   . HOH G .  ? 0.5967 0.5045 0.6789 -0.0103 -0.0644 0.0439  130 HOH C O   
685 O O   . HOH G .  ? 0.6129 0.1422 0.3819 -0.0482 -0.0721 0.0347  131 HOH C O   
686 O O   . HOH G .  ? 0.4267 0.2282 0.4801 0.1408  0.0727  0.1062  132 HOH C O   
687 O O   . HOH G .  ? 0.6004 0.5913 0.7393 0.0853  0.0878  0.0734  133 HOH C O   
688 O O   . HOH G .  ? 0.4630 0.4051 0.8810 0.1380  0.0552  0.1646  134 HOH C O   
689 O O   . HOH G .  ? 0.2999 0.6143 0.5348 0.0142  -0.0397 -0.0896 135 HOH C O   
# 
loop_
_pdbx_poly_seq_scheme.asym_id 
_pdbx_poly_seq_scheme.entity_id 
_pdbx_poly_seq_scheme.seq_id 
_pdbx_poly_seq_scheme.mon_id 
_pdbx_poly_seq_scheme.ndb_seq_num 
_pdbx_poly_seq_scheme.pdb_seq_num 
_pdbx_poly_seq_scheme.auth_seq_num 
_pdbx_poly_seq_scheme.pdb_mon_id 
_pdbx_poly_seq_scheme.auth_mon_id 
_pdbx_poly_seq_scheme.pdb_strand_id 
_pdbx_poly_seq_scheme.pdb_ins_code 
_pdbx_poly_seq_scheme.hetero 
A 1 1  PRO 1  1  ?  ?   ?   A . n 
A 1 2  HYP 2  2  ?  ?   ?   A . n 
A 1 3  GLY 3  3  3  GLY GLY A . n 
A 1 4  PRO 4  4  4  PRO PRO A . n 
A 1 5  HYP 5  5  5  HYP HYP A . n 
A 1 6  GLY 6  6  6  GLY GLY A . n 
A 1 7  PRO 7  7  7  PRO PRO A . n 
A 1 8  HYP 8  8  8  HYP HYP A . n 
A 1 9  GLY 9  9  9  GLY GLY A . n 
A 1 10 PRO 10 10 10 PRO PRO A . n 
A 1 11 ARG 11 11 11 ARG ARG A . n 
A 1 12 GLY 12 12 12 GLY GLY A . n 
A 1 13 ASP 13 13 13 ASP ASP A . n 
A 1 14 LYS 14 14 14 LYS LYS A . n 
A 1 15 GLY 15 15 15 GLY GLY A . n 
A 1 16 GLU 16 16 16 GLU GLU A . n 
A 1 17 THR 17 17 17 THR THR A . n 
A 1 18 GLY 18 18 18 GLY GLY A . n 
A 1 19 GLU 19 19 19 GLU GLU A . n 
A 1 20 ARG 20 20 20 ARG ARG A . n 
A 1 21 GLY 21 21 21 GLY GLY A . n 
A 1 22 PRO 22 22 22 PRO PRO A . n 
A 1 23 HYP 23 23 23 HYP HYP A . n 
A 1 24 GLY 24 24 24 GLY GLY A . n 
A 1 25 PRO 25 25 25 PRO PRO A . n 
A 1 26 HYP 26 26 26 HYP HYP A . n 
A 1 27 GLY 27 27 27 GLY GLY A . n 
A 1 28 PRO 28 28 28 PRO PRO A . n 
A 1 29 HYP 29 29 29 HYP HYP A . n 
A 1 30 GLY 30 30 30 GLY GLY A . n 
B 1 1  PRO 1  1  ?  ?   ?   B . n 
B 1 2  HYP 2  2  2  HYP HYP B . n 
B 1 3  GLY 3  3  3  GLY GLY B . n 
B 1 4  PRO 4  4  4  PRO PRO B . n 
B 1 5  HYP 5  5  5  HYP HYP B . n 
B 1 6  GLY 6  6  6  GLY GLY B . n 
B 1 7  PRO 7  7  7  PRO PRO B . n 
B 1 8  HYP 8  8  8  HYP HYP B . n 
B 1 9  GLY 9  9  9  GLY GLY B . n 
B 1 10 PRO 10 10 10 PRO PRO B . n 
B 1 11 ARG 11 11 11 ARG ARG B . n 
B 1 12 GLY 12 12 12 GLY GLY B . n 
B 1 13 ASP 13 13 13 ASP ASP B . n 
B 1 14 LYS 14 14 14 LYS LYS B . n 
B 1 15 GLY 15 15 15 GLY GLY B . n 
B 1 16 GLU 16 16 16 GLU GLU B . n 
B 1 17 THR 17 17 17 THR THR B . n 
B 1 18 GLY 18 18 18 GLY GLY B . n 
B 1 19 GLU 19 19 19 GLU GLU B . n 
B 1 20 ARG 20 20 20 ARG ARG B . n 
B 1 21 GLY 21 21 21 GLY GLY B . n 
B 1 22 PRO 22 22 22 PRO PRO B . n 
B 1 23 HYP 23 23 23 HYP HYP B . n 
B 1 24 GLY 24 24 24 GLY GLY B . n 
B 1 25 PRO 25 25 25 PRO PRO B . n 
B 1 26 HYP 26 26 26 HYP HYP B . n 
B 1 27 GLY 27 27 27 GLY GLY B . n 
B 1 28 PRO 28 28 28 PRO PRO B . n 
B 1 29 HYP 29 29 ?  ?   ?   B . n 
B 1 30 GLY 30 30 ?  ?   ?   B . n 
C 1 1  PRO 1  1  ?  ?   ?   C . n 
C 1 2  HYP 2  2  ?  ?   ?   C . n 
C 1 3  GLY 3  3  3  GLY GLY C . n 
C 1 4  PRO 4  4  4  PRO PRO C . n 
C 1 5  HYP 5  5  5  HYP HYP C . n 
C 1 6  GLY 6  6  6  GLY GLY C . n 
C 1 7  PRO 7  7  7  PRO PRO C . n 
C 1 8  HYP 8  8  8  HYP HYP C . n 
C 1 9  GLY 9  9  9  GLY GLY C . n 
C 1 10 PRO 10 10 10 PRO PRO C . n 
C 1 11 ARG 11 11 11 ARG ARG C . n 
C 1 12 GLY 12 12 12 GLY GLY C . n 
C 1 13 ASP 13 13 13 ASP ASP C . n 
C 1 14 LYS 14 14 14 LYS LYS C . n 
C 1 15 GLY 15 15 15 GLY GLY C . n 
C 1 16 GLU 16 16 16 GLU GLU C . n 
C 1 17 THR 17 17 17 THR THR C . n 
C 1 18 GLY 18 18 18 GLY GLY C . n 
C 1 19 GLU 19 19 19 GLU GLU C . n 
C 1 20 ARG 20 20 20 ARG ARG C . n 
C 1 21 GLY 21 21 21 GLY GLY C . n 
C 1 22 PRO 22 22 22 PRO PRO C . n 
C 1 23 HYP 23 23 23 HYP HYP C . n 
C 1 24 GLY 24 24 24 GLY GLY C . n 
C 1 25 PRO 25 25 25 PRO PRO C . n 
C 1 26 HYP 26 26 26 HYP HYP C . n 
C 1 27 GLY 27 27 27 GLY GLY C . n 
C 1 28 PRO 28 28 28 PRO PRO C . n 
C 1 29 HYP 29 29 29 HYP HYP C . n 
C 1 30 GLY 30 30 ?  ?   ?   C . n 
# 
_pdbx_audit_support.funding_organization   'Other private' 
_pdbx_audit_support.country                China 
_pdbx_audit_support.grant_number           'Jiangsu Trautec Medical Technology Co.,Ltd' 
_pdbx_audit_support.ordinal                1 
# 
_pdbx_contact_author.id                 2 
_pdbx_contact_author.email              chuyun@trausim.com 
_pdbx_contact_author.name_first         Yun 
_pdbx_contact_author.name_last          Chu 
_pdbx_contact_author.name_mi            ? 
_pdbx_contact_author.role               'principal investigator/group leader' 
_pdbx_contact_author.identifier_ORCID   0000-0002-1497-3781 
# 
_pdbx_entity_instance_feature.ordinal        1 
_pdbx_entity_instance_feature.comp_id        HYP 
_pdbx_entity_instance_feature.asym_id        ? 
_pdbx_entity_instance_feature.seq_num        ? 
_pdbx_entity_instance_feature.auth_comp_id   HYP 
_pdbx_entity_instance_feature.auth_asym_id   ? 
_pdbx_entity_instance_feature.auth_seq_num   ? 
_pdbx_entity_instance_feature.feature_type   'SUBJECT OF INVESTIGATION' 
_pdbx_entity_instance_feature.details        ? 
# 
loop_
_pdbx_entity_nonpoly.entity_id 
_pdbx_entity_nonpoly.name 
_pdbx_entity_nonpoly.comp_id 
2 'SULFATE ION' SO4 
3 water         HOH 
# 
_pdbx_entry_details.entry_id                 8K4Y 
_pdbx_entry_details.has_ligand_of_interest   Y 
_pdbx_entry_details.compound_details         ? 
_pdbx_entry_details.source_details           ? 
_pdbx_entry_details.nonpolymer_details       ? 
_pdbx_entry_details.sequence_details         ? 
# 
_pdbx_initial_refinement_model.id               1 
_pdbx_initial_refinement_model.entity_id_list   ? 
_pdbx_initial_refinement_model.type             'experimental model' 
_pdbx_initial_refinement_model.source_name      PDB 
_pdbx_initial_refinement_model.accession_code   3A1H 
_pdbx_initial_refinement_model.details          ? 
# 
_pdbx_struct_assembly_auth_evidence.id                     1 
_pdbx_struct_assembly_auth_evidence.assembly_id            1 
_pdbx_struct_assembly_auth_evidence.experimental_support   homology 
_pdbx_struct_assembly_auth_evidence.details                ? 
# 
loop_
_software.citation_id 
_software.classification 
_software.compiler_name 
_software.compiler_version 
_software.contact_author 
_software.contact_author_email 
_software.date 
_software.description 
_software.dependencies 
_software.hardware 
_software.language 
_software.location 
_software.mods 
_software.name 
_software.os 
_software.os_version 
_software.type 
_software.version 
_software.pdbx_ordinal 
? refinement       ? ? ? ? ? ? ? ? ? ? ? REFMAC  ? ? ? 5.8.0267 1 
? 'data reduction' ? ? ? ? ? ? ? ? ? ? ? XDS     ? ? ? .        2 
? 'data scaling'   ? ? ? ? ? ? ? ? ? ? ? Aimless ? ? ? .        3 
? phasing          ? ? ? ? ? ? ? ? ? ? ? PHASER  ? ? ? .        4 
# 
_pdbx_struct_assembly.id                   1 
_pdbx_struct_assembly.details              author_and_software_defined_assembly 
_pdbx_struct_assembly.method_details       PISA 
_pdbx_struct_assembly.oligomeric_details   trimeric 
_pdbx_struct_assembly.oligomeric_count     3 
# 
_pdbx_struct_assembly_gen.assembly_id       1 
_pdbx_struct_assembly_gen.oper_expression   1 
_pdbx_struct_assembly_gen.asym_id_list      A,B,C,D,E,F,G 
# 
loop_
_pdbx_struct_assembly_prop.biol_id 
_pdbx_struct_assembly_prop.type 
_pdbx_struct_assembly_prop.value 
_pdbx_struct_assembly_prop.details 
1 'ABSA (A^2)' 5420 ? 
1 MORE         -29  ? 
1 'SSA (A^2)'  5000 ? 
# 
_pdbx_struct_oper_list.id                   1 
_pdbx_struct_oper_list.type                 'identity operation' 
_pdbx_struct_oper_list.name                 1_555 
_pdbx_struct_oper_list.symmetry_operation   x,y,z 
_pdbx_struct_oper_list.matrix[1][1]         1.0000000000 
_pdbx_struct_oper_list.matrix[1][2]         0.0000000000 
_pdbx_struct_oper_list.matrix[1][3]         0.0000000000 
_pdbx_struct_oper_list.vector[1]            0.0000000000 
_pdbx_struct_oper_list.matrix[2][1]         0.0000000000 
_pdbx_struct_oper_list.matrix[2][2]         1.0000000000 
_pdbx_struct_oper_list.matrix[2][3]         0.0000000000 
_pdbx_struct_oper_list.vector[2]            0.0000000000 
_pdbx_struct_oper_list.matrix[3][1]         0.0000000000 
_pdbx_struct_oper_list.matrix[3][2]         0.0000000000 
_pdbx_struct_oper_list.matrix[3][3]         1.0000000000 
_pdbx_struct_oper_list.vector[3]            0.0000000000 
# 
loop_
_pdbx_audit_revision_history.ordinal 
_pdbx_audit_revision_history.data_content_type 
_pdbx_audit_revision_history.major_revision 
_pdbx_audit_revision_history.minor_revision 
_pdbx_audit_revision_history.revision_date 
1 'Structure model' 1 0 2023-08-02 
2 'Structure model' 1 1 2023-08-09 
3 'Structure model' 1 2 2023-10-04 
# 
_pdbx_audit_revision_details.ordinal             1 
_pdbx_audit_revision_details.revision_ordinal    1 
_pdbx_audit_revision_details.data_content_type   'Structure model' 
_pdbx_audit_revision_details.provider            repository 
_pdbx_audit_revision_details.type                'Initial release' 
_pdbx_audit_revision_details.description         ? 
_pdbx_audit_revision_details.details             ? 
# 
loop_
_pdbx_audit_revision_group.ordinal 
_pdbx_audit_revision_group.revision_ordinal 
_pdbx_audit_revision_group.data_content_type 
_pdbx_audit_revision_group.group 
1 2 'Structure model' 'Structure summary'   
2 3 'Structure model' 'Data collection'     
3 3 'Structure model' 'Database references' 
4 3 'Structure model' 'Structure summary'   
# 
loop_
_pdbx_audit_revision_category.ordinal 
_pdbx_audit_revision_category.revision_ordinal 
_pdbx_audit_revision_category.data_content_type 
_pdbx_audit_revision_category.category 
1 2 'Structure model' audit_author    
2 3 'Structure model' chem_comp_atom  
3 3 'Structure model' chem_comp_bond  
4 3 'Structure model' citation        
5 3 'Structure model' struct_keywords 
# 
loop_
_pdbx_nonpoly_scheme.asym_id 
_pdbx_nonpoly_scheme.entity_id 
_pdbx_nonpoly_scheme.mon_id 
_pdbx_nonpoly_scheme.ndb_seq_num 
_pdbx_nonpoly_scheme.pdb_seq_num 
_pdbx_nonpoly_scheme.auth_seq_num 
_pdbx_nonpoly_scheme.pdb_mon_id 
_pdbx_nonpoly_scheme.auth_mon_id 
_pdbx_nonpoly_scheme.pdb_strand_id 
_pdbx_nonpoly_scheme.pdb_ins_code 
D 2 SO4 1  101 1   SO4 SO4 A . 
E 3 HOH 1  201 90  HOH HOH A . 
E 3 HOH 2  202 96  HOH HOH A . 
E 3 HOH 3  203 42  HOH HOH A . 
E 3 HOH 4  204 45  HOH HOH A . 
E 3 HOH 5  205 107 HOH HOH A . 
E 3 HOH 6  206 44  HOH HOH A . 
E 3 HOH 7  207 59  HOH HOH A . 
E 3 HOH 8  208 18  HOH HOH A . 
E 3 HOH 9  209 66  HOH HOH A . 
E 3 HOH 10 210 72  HOH HOH A . 
E 3 HOH 11 211 49  HOH HOH A . 
E 3 HOH 12 212 104 HOH HOH A . 
E 3 HOH 13 213 6   HOH HOH A . 
E 3 HOH 14 214 8   HOH HOH A . 
E 3 HOH 15 215 105 HOH HOH A . 
E 3 HOH 16 216 3   HOH HOH A . 
E 3 HOH 17 217 100 HOH HOH A . 
E 3 HOH 18 218 69  HOH HOH A . 
E 3 HOH 19 219 97  HOH HOH A . 
E 3 HOH 20 220 19  HOH HOH A . 
E 3 HOH 21 221 26  HOH HOH A . 
E 3 HOH 22 222 28  HOH HOH A . 
E 3 HOH 23 223 67  HOH HOH A . 
E 3 HOH 24 224 78  HOH HOH A . 
E 3 HOH 25 225 27  HOH HOH A . 
E 3 HOH 26 226 53  HOH HOH A . 
E 3 HOH 27 227 86  HOH HOH A . 
E 3 HOH 28 228 84  HOH HOH A . 
E 3 HOH 29 229 65  HOH HOH A . 
E 3 HOH 30 230 47  HOH HOH A . 
E 3 HOH 31 231 40  HOH HOH A . 
E 3 HOH 32 232 61  HOH HOH A . 
E 3 HOH 33 233 93  HOH HOH A . 
E 3 HOH 34 234 99  HOH HOH A . 
E 3 HOH 35 235 68  HOH HOH A . 
E 3 HOH 36 236 38  HOH HOH A . 
E 3 HOH 37 237 35  HOH HOH A . 
E 3 HOH 38 238 63  HOH HOH A . 
E 3 HOH 39 239 94  HOH HOH A . 
E 3 HOH 40 240 80  HOH HOH A . 
E 3 HOH 41 241 81  HOH HOH A . 
E 3 HOH 42 242 70  HOH HOH A . 
E 3 HOH 43 243 85  HOH HOH A . 
F 3 HOH 1  101 75  HOH HOH B . 
F 3 HOH 2  102 16  HOH HOH B . 
F 3 HOH 3  103 43  HOH HOH B . 
F 3 HOH 4  104 20  HOH HOH B . 
F 3 HOH 5  105 12  HOH HOH B . 
F 3 HOH 6  106 9   HOH HOH B . 
F 3 HOH 7  107 91  HOH HOH B . 
F 3 HOH 8  108 60  HOH HOH B . 
F 3 HOH 9  109 17  HOH HOH B . 
F 3 HOH 10 110 22  HOH HOH B . 
F 3 HOH 11 111 4   HOH HOH B . 
F 3 HOH 12 112 88  HOH HOH B . 
F 3 HOH 13 113 83  HOH HOH B . 
F 3 HOH 14 114 11  HOH HOH B . 
F 3 HOH 15 115 46  HOH HOH B . 
F 3 HOH 16 116 1   HOH HOH B . 
F 3 HOH 17 117 34  HOH HOH B . 
F 3 HOH 18 118 31  HOH HOH B . 
F 3 HOH 19 119 51  HOH HOH B . 
F 3 HOH 20 120 29  HOH HOH B . 
F 3 HOH 21 121 48  HOH HOH B . 
F 3 HOH 22 122 77  HOH HOH B . 
F 3 HOH 23 123 14  HOH HOH B . 
F 3 HOH 24 124 33  HOH HOH B . 
F 3 HOH 25 125 103 HOH HOH B . 
F 3 HOH 26 126 89  HOH HOH B . 
F 3 HOH 27 127 79  HOH HOH B . 
F 3 HOH 28 128 58  HOH HOH B . 
F 3 HOH 29 129 87  HOH HOH B . 
G 3 HOH 1  101 95  HOH HOH C . 
G 3 HOH 2  102 52  HOH HOH C . 
G 3 HOH 3  103 25  HOH HOH C . 
G 3 HOH 4  104 50  HOH HOH C . 
G 3 HOH 5  105 5   HOH HOH C . 
G 3 HOH 6  106 62  HOH HOH C . 
G 3 HOH 7  107 32  HOH HOH C . 
G 3 HOH 8  108 101 HOH HOH C . 
G 3 HOH 9  109 30  HOH HOH C . 
G 3 HOH 10 110 24  HOH HOH C . 
G 3 HOH 11 111 36  HOH HOH C . 
G 3 HOH 12 112 56  HOH HOH C . 
G 3 HOH 13 113 23  HOH HOH C . 
G 3 HOH 14 114 2   HOH HOH C . 
G 3 HOH 15 115 37  HOH HOH C . 
G 3 HOH 16 116 7   HOH HOH C . 
G 3 HOH 17 117 71  HOH HOH C . 
G 3 HOH 18 118 10  HOH HOH C . 
G 3 HOH 19 119 55  HOH HOH C . 
G 3 HOH 20 120 57  HOH HOH C . 
G 3 HOH 21 121 92  HOH HOH C . 
G 3 HOH 22 122 21  HOH HOH C . 
G 3 HOH 23 123 15  HOH HOH C . 
G 3 HOH 24 124 13  HOH HOH C . 
G 3 HOH 25 125 73  HOH HOH C . 
G 3 HOH 26 126 74  HOH HOH C . 
G 3 HOH 27 127 39  HOH HOH C . 
G 3 HOH 28 128 41  HOH HOH C . 
G 3 HOH 29 129 54  HOH HOH C . 
G 3 HOH 30 130 98  HOH HOH C . 
G 3 HOH 31 131 106 HOH HOH C . 
G 3 HOH 32 132 102 HOH HOH C . 
G 3 HOH 33 133 82  HOH HOH C . 
G 3 HOH 34 134 76  HOH HOH C . 
G 3 HOH 35 135 64  HOH HOH C . 
# 
loop_
_chem_comp_atom.comp_id 
_chem_comp_atom.atom_id 
_chem_comp_atom.type_symbol 
_chem_comp_atom.pdbx_aromatic_flag 
_chem_comp_atom.pdbx_stereo_config 
_chem_comp_atom.pdbx_ordinal 
ARG N    N N N 1   
ARG CA   C N S 2   
ARG C    C N N 3   
ARG O    O N N 4   
ARG CB   C N N 5   
ARG CG   C N N 6   
ARG CD   C N N 7   
ARG NE   N N N 8   
ARG CZ   C N N 9   
ARG NH1  N N N 10  
ARG NH2  N N N 11  
ARG OXT  O N N 12  
ARG H    H N N 13  
ARG H2   H N N 14  
ARG HA   H N N 15  
ARG HB2  H N N 16  
ARG HB3  H N N 17  
ARG HG2  H N N 18  
ARG HG3  H N N 19  
ARG HD2  H N N 20  
ARG HD3  H N N 21  
ARG HE   H N N 22  
ARG HH11 H N N 23  
ARG HH12 H N N 24  
ARG HH21 H N N 25  
ARG HH22 H N N 26  
ARG HXT  H N N 27  
ASP N    N N N 28  
ASP CA   C N S 29  
ASP C    C N N 30  
ASP O    O N N 31  
ASP CB   C N N 32  
ASP CG   C N N 33  
ASP OD1  O N N 34  
ASP OD2  O N N 35  
ASP OXT  O N N 36  
ASP H    H N N 37  
ASP H2   H N N 38  
ASP HA   H N N 39  
ASP HB2  H N N 40  
ASP HB3  H N N 41  
ASP HD2  H N N 42  
ASP HXT  H N N 43  
GLU N    N N N 44  
GLU CA   C N S 45  
GLU C    C N N 46  
GLU O    O N N 47  
GLU CB   C N N 48  
GLU CG   C N N 49  
GLU CD   C N N 50  
GLU OE1  O N N 51  
GLU OE2  O N N 52  
GLU OXT  O N N 53  
GLU H    H N N 54  
GLU H2   H N N 55  
GLU HA   H N N 56  
GLU HB2  H N N 57  
GLU HB3  H N N 58  
GLU HG2  H N N 59  
GLU HG3  H N N 60  
GLU HE2  H N N 61  
GLU HXT  H N N 62  
GLY N    N N N 63  
GLY CA   C N N 64  
GLY C    C N N 65  
GLY O    O N N 66  
GLY OXT  O N N 67  
GLY H    H N N 68  
GLY H2   H N N 69  
GLY HA2  H N N 70  
GLY HA3  H N N 71  
GLY HXT  H N N 72  
HOH O    O N N 73  
HOH H1   H N N 74  
HOH H2   H N N 75  
HYP N    N N N 76  
HYP CA   C N S 77  
HYP C    C N N 78  
HYP O    O N N 79  
HYP CB   C N N 80  
HYP CG   C N R 81  
HYP CD   C N N 82  
HYP OD1  O N N 83  
HYP OXT  O N N 84  
HYP H    H N N 85  
HYP HA   H N N 86  
HYP HB2  H N N 87  
HYP HB3  H N N 88  
HYP HG   H N N 89  
HYP HD22 H N N 90  
HYP HD23 H N N 91  
HYP HD1  H N N 92  
HYP HXT  H N N 93  
LYS N    N N N 94  
LYS CA   C N S 95  
LYS C    C N N 96  
LYS O    O N N 97  
LYS CB   C N N 98  
LYS CG   C N N 99  
LYS CD   C N N 100 
LYS CE   C N N 101 
LYS NZ   N N N 102 
LYS OXT  O N N 103 
LYS H    H N N 104 
LYS H2   H N N 105 
LYS HA   H N N 106 
LYS HB2  H N N 107 
LYS HB3  H N N 108 
LYS HG2  H N N 109 
LYS HG3  H N N 110 
LYS HD2  H N N 111 
LYS HD3  H N N 112 
LYS HE2  H N N 113 
LYS HE3  H N N 114 
LYS HZ1  H N N 115 
LYS HZ2  H N N 116 
LYS HZ3  H N N 117 
LYS HXT  H N N 118 
PRO N    N N N 119 
PRO CA   C N S 120 
PRO C    C N N 121 
PRO O    O N N 122 
PRO CB   C N N 123 
PRO CG   C N N 124 
PRO CD   C N N 125 
PRO OXT  O N N 126 
PRO H    H N N 127 
PRO HA   H N N 128 
PRO HB2  H N N 129 
PRO HB3  H N N 130 
PRO HG2  H N N 131 
PRO HG3  H N N 132 
PRO HD2  H N N 133 
PRO HD3  H N N 134 
PRO HXT  H N N 135 
SO4 S    S N N 136 
SO4 O1   O N N 137 
SO4 O2   O N N 138 
SO4 O3   O N N 139 
SO4 O4   O N N 140 
THR N    N N N 141 
THR CA   C N S 142 
THR C    C N N 143 
THR O    O N N 144 
THR CB   C N R 145 
THR OG1  O N N 146 
THR CG2  C N N 147 
THR OXT  O N N 148 
THR H    H N N 149 
THR H2   H N N 150 
THR HA   H N N 151 
THR HB   H N N 152 
THR HG1  H N N 153 
THR HG21 H N N 154 
THR HG22 H N N 155 
THR HG23 H N N 156 
THR HXT  H N N 157 
# 
loop_
_chem_comp_bond.comp_id 
_chem_comp_bond.atom_id_1 
_chem_comp_bond.atom_id_2 
_chem_comp_bond.value_order 
_chem_comp_bond.pdbx_aromatic_flag 
_chem_comp_bond.pdbx_stereo_config 
_chem_comp_bond.pdbx_ordinal 
ARG N   CA   sing N N 1   
ARG N   H    sing N N 2   
ARG N   H2   sing N N 3   
ARG CA  C    sing N N 4   
ARG CA  CB   sing N N 5   
ARG CA  HA   sing N N 6   
ARG C   O    doub N N 7   
ARG C   OXT  sing N N 8   
ARG CB  CG   sing N N 9   
ARG CB  HB2  sing N N 10  
ARG CB  HB3  sing N N 11  
ARG CG  CD   sing N N 12  
ARG CG  HG2  sing N N 13  
ARG CG  HG3  sing N N 14  
ARG CD  NE   sing N N 15  
ARG CD  HD2  sing N N 16  
ARG CD  HD3  sing N N 17  
ARG NE  CZ   sing N N 18  
ARG NE  HE   sing N N 19  
ARG CZ  NH1  sing N N 20  
ARG CZ  NH2  doub N N 21  
ARG NH1 HH11 sing N N 22  
ARG NH1 HH12 sing N N 23  
ARG NH2 HH21 sing N N 24  
ARG NH2 HH22 sing N N 25  
ARG OXT HXT  sing N N 26  
ASP N   CA   sing N N 27  
ASP N   H    sing N N 28  
ASP N   H2   sing N N 29  
ASP CA  C    sing N N 30  
ASP CA  CB   sing N N 31  
ASP CA  HA   sing N N 32  
ASP C   O    doub N N 33  
ASP C   OXT  sing N N 34  
ASP CB  CG   sing N N 35  
ASP CB  HB2  sing N N 36  
ASP CB  HB3  sing N N 37  
ASP CG  OD1  doub N N 38  
ASP CG  OD2  sing N N 39  
ASP OD2 HD2  sing N N 40  
ASP OXT HXT  sing N N 41  
GLU N   CA   sing N N 42  
GLU N   H    sing N N 43  
GLU N   H2   sing N N 44  
GLU CA  C    sing N N 45  
GLU CA  CB   sing N N 46  
GLU CA  HA   sing N N 47  
GLU C   O    doub N N 48  
GLU C   OXT  sing N N 49  
GLU CB  CG   sing N N 50  
GLU CB  HB2  sing N N 51  
GLU CB  HB3  sing N N 52  
GLU CG  CD   sing N N 53  
GLU CG  HG2  sing N N 54  
GLU CG  HG3  sing N N 55  
GLU CD  OE1  doub N N 56  
GLU CD  OE2  sing N N 57  
GLU OE2 HE2  sing N N 58  
GLU OXT HXT  sing N N 59  
GLY N   CA   sing N N 60  
GLY N   H    sing N N 61  
GLY N   H2   sing N N 62  
GLY CA  C    sing N N 63  
GLY CA  HA2  sing N N 64  
GLY CA  HA3  sing N N 65  
GLY C   O    doub N N 66  
GLY C   OXT  sing N N 67  
GLY OXT HXT  sing N N 68  
HOH O   H1   sing N N 69  
HOH O   H2   sing N N 70  
HYP N   CA   sing N N 71  
HYP N   CD   sing N N 72  
HYP N   H    sing N N 73  
HYP CA  C    sing N N 74  
HYP CA  CB   sing N N 75  
HYP CA  HA   sing N N 76  
HYP C   O    doub N N 77  
HYP C   OXT  sing N N 78  
HYP CB  CG   sing N N 79  
HYP CB  HB2  sing N N 80  
HYP CB  HB3  sing N N 81  
HYP CG  CD   sing N N 82  
HYP CG  OD1  sing N N 83  
HYP CG  HG   sing N N 84  
HYP CD  HD22 sing N N 85  
HYP CD  HD23 sing N N 86  
HYP OD1 HD1  sing N N 87  
HYP OXT HXT  sing N N 88  
LYS N   CA   sing N N 89  
LYS N   H    sing N N 90  
LYS N   H2   sing N N 91  
LYS CA  C    sing N N 92  
LYS CA  CB   sing N N 93  
LYS CA  HA   sing N N 94  
LYS C   O    doub N N 95  
LYS C   OXT  sing N N 96  
LYS CB  CG   sing N N 97  
LYS CB  HB2  sing N N 98  
LYS CB  HB3  sing N N 99  
LYS CG  CD   sing N N 100 
LYS CG  HG2  sing N N 101 
LYS CG  HG3  sing N N 102 
LYS CD  CE   sing N N 103 
LYS CD  HD2  sing N N 104 
LYS CD  HD3  sing N N 105 
LYS CE  NZ   sing N N 106 
LYS CE  HE2  sing N N 107 
LYS CE  HE3  sing N N 108 
LYS NZ  HZ1  sing N N 109 
LYS NZ  HZ2  sing N N 110 
LYS NZ  HZ3  sing N N 111 
LYS OXT HXT  sing N N 112 
PRO N   CA   sing N N 113 
PRO N   CD   sing N N 114 
PRO N   H    sing N N 115 
PRO CA  C    sing N N 116 
PRO CA  CB   sing N N 117 
PRO CA  HA   sing N N 118 
PRO C   O    doub N N 119 
PRO C   OXT  sing N N 120 
PRO CB  CG   sing N N 121 
PRO CB  HB2  sing N N 122 
PRO CB  HB3  sing N N 123 
PRO CG  CD   sing N N 124 
PRO CG  HG2  sing N N 125 
PRO CG  HG3  sing N N 126 
PRO CD  HD2  sing N N 127 
PRO CD  HD3  sing N N 128 
PRO OXT HXT  sing N N 129 
SO4 S   O1   doub N N 130 
SO4 S   O2   doub N N 131 
SO4 S   O3   sing N N 132 
SO4 S   O4   sing N N 133 
THR N   CA   sing N N 134 
THR N   H    sing N N 135 
THR N   H2   sing N N 136 
THR CA  C    sing N N 137 
THR CA  CB   sing N N 138 
THR CA  HA   sing N N 139 
THR C   O    doub N N 140 
THR C   OXT  sing N N 141 
THR CB  OG1  sing N N 142 
THR CB  CG2  sing N N 143 
THR CB  HB   sing N N 144 
THR OG1 HG1  sing N N 145 
THR CG2 HG21 sing N N 146 
THR CG2 HG22 sing N N 147 
THR CG2 HG23 sing N N 148 
THR OXT HXT  sing N N 149 
# 
loop_
_pdbx_unobs_or_zero_occ_residues.id 
_pdbx_unobs_or_zero_occ_residues.PDB_model_num 
_pdbx_unobs_or_zero_occ_residues.polymer_flag 
_pdbx_unobs_or_zero_occ_residues.occupancy_flag 
_pdbx_unobs_or_zero_occ_residues.auth_asym_id 
_pdbx_unobs_or_zero_occ_residues.auth_comp_id 
_pdbx_unobs_or_zero_occ_residues.auth_seq_id 
_pdbx_unobs_or_zero_occ_residues.PDB_ins_code 
_pdbx_unobs_or_zero_occ_residues.label_asym_id 
_pdbx_unobs_or_zero_occ_residues.label_comp_id 
_pdbx_unobs_or_zero_occ_residues.label_seq_id 
1 1 Y 1 A PRO 1  ? A PRO 1  
2 1 Y 1 A HYP 2  ? A HYP 2  
3 1 Y 1 B PRO 1  ? B PRO 1  
4 1 Y 1 B HYP 29 ? B HYP 29 
5 1 Y 1 B GLY 30 ? B GLY 30 
6 1 Y 1 C PRO 1  ? C PRO 1  
7 1 Y 1 C HYP 2  ? C HYP 2  
8 1 Y 1 C GLY 30 ? C GLY 30 
# 
loop_
_pdbx_audit_revision_item.ordinal 
_pdbx_audit_revision_item.revision_ordinal 
_pdbx_audit_revision_item.data_content_type 
_pdbx_audit_revision_item.item 
1 3 'Structure model' '_citation.title'       
2 3 'Structure model' '_struct_keywords.text' 
# 
